data_7SA3
#
_entry.id   7SA3
#
_cell.length_a   1.00
_cell.length_b   1.00
_cell.length_c   1.00
_cell.angle_alpha   90.00
_cell.angle_beta   90.00
_cell.angle_gamma   90.00
#
_symmetry.space_group_name_H-M   'P 1'
#
loop_
_entity.id
_entity.type
_entity.pdbx_description
1 polymer 'Photosystem q(B) protein'
2 polymer 'Photosystem II CP47 reaction center protein'
3 polymer 'Photosystem II CP43 reaction center protein'
4 polymer 'Photosystem II D2 protein'
5 polymer 'Cytochrome b559 subunit alpha'
6 polymer 'Cytochrome b559 subunit beta'
7 polymer 'Photosystem II reaction center protein I'
8 polymer 'Photosystem II reaction center protein K'
9 polymer Unknown
10 non-polymer 'CALCIUM ION'
11 non-polymer 'CHLORIDE ION'
12 non-polymer 'CHLOROPHYLL A'
13 non-polymer 'CHLOROPHYLL D'
14 non-polymer 'PHEOPHYTIN A'
15 non-polymer BETA-CAROTENE
16 non-polymer DODECYL-BETA-D-MALTOSIDE
17 non-polymer 'Chlorophyll F'
18 non-polymer 'DIGALACTOSYL DIACYL GLYCEROL (DGDG)'
19 non-polymer 1,2-DISTEAROYL-MONOGALACTOSYL-DIGLYCERIDE
20 non-polymer 'FE (II) ION'
21 non-polymer 2,3-DIMETHYL-5-(3,7,11,15,19,23,27,31,35-NONAMETHYL-2,6,10,14,18,22,26,30,34-HEXATRIACONTANONAENYL-2,5-CYCLOHEXADIENE-1,4-DIONE-2,3-DIMETHYL-5-SOLANESYL-1,4-BENZOQUINONE
22 non-polymer 1,2-DIPALMITOYL-PHOSPHATIDYL-GLYCEROLE
23 non-polymer 'PROTOPORPHYRIN IX CONTAINING FE'
24 water water
#
loop_
_entity_poly.entity_id
_entity_poly.type
_entity_poly.pdbx_seq_one_letter_code
_entity_poly.pdbx_strand_id
1 'polypeptide(L)'
;MTTISTRPTSRFPTWDRFCNWVTSTENRLYIGWFGVLMLPLLGVSITVFVTAFIAAPPVDIDGIREPLSGSLLYGNNIIT
AAVVPTSNAIGLHFYPIWEAATLDEWLYNGGPYQMIAFHYIPALLCYLGREWELSYRLGMRPWICIAYSAPVAATISVFL
IYPIGQGSFSDGLPMGISGTFNFMFVFQAEHNILMHPFHMLGVAGVLGGSLFCAMHGSLVTSSLVRETSDSQSQNEGYKF
GQEEETYNILAAHGYFGRLIFQYASFNNSRQLHFFLAAWPVVCIWFVALGISTMAFNLNGFNFNHSVLDSQGRVLPSWAD
VVNRASLGFEVMHERNAHNFPLDLASGESVQVAMRAPHIGA
;
A
2 'polypeptide(L)'
;MGLPWYRVHTSVLNDPGRLIAVHIMHNALCAGFAGSMLLFELALFDPSDPVLNPMWRQGCFLMPFVSRLGVVNSWQGWSV
TGETFTNPGFWTFETVAIAHIIFSGLSFLAACWHWVYWDVATFFDPKTDEPVIDLPKVFGIHLTLAGILCFGFGAFHLTG
LFGPGMWVSDPLGLTGHIQGVAPEWGAAGFDPHNPGGVVAHHIALGIVAIIGGLFHIFVRPPEYLYKGLRMGNIEGTLAS
GLAVFFSGAFIAAGTMWYGTATTPIELWGPTRYQWDQGFFQQAISRQVKASISDGKSPSEAWSEIPTKLAFYDYIGNSPA
KGGLFRVGRMVDGDGLPTGWLGHPVFKDGEGRELTVRRMPNFFENFPVVLFDQDGIVRADIPFRQAESKYGIEQTGVTVS
FYGGELDGQTFSDPKDVKKYARRAQLGEPFEFDRSVYDSDGLFRTSNRGFFAFFHVIFGLLWFFGHIWHGLRALFQDVFS
GIDPSLSAEQVEWGYFKKVGDPTSQQTPA
;
B
3 'polypeptide(L)'
;METPLETIPDLSLSPTAEVGSILAPASPGYDEATSGYAWWAGNARLITPELTGRFLGAHVAHAGLVALWAGGMLLFEVSH
FNLSKPMYEQGCILMPHIATLGIGVGQSGEITSMFPFFAIGVAHLIGSAVLGIGGMYHAIKGPEKLYGFFQFDWTDRAKV
AQILGFHIAILGIFALLFAAKAMYWGGLYDPWAPGGGDVRLVTNPTLDPRIIFGYLIKRPTGGEGWIVSVNNLEDIIGGH
IWIGCILIAGGIWHILVPPLRWTYNLFPWTGETYLSQSLGNVAGQAFIAAAFIWFNNTAYPSVFYGPTVPESSQAQSFVF
LMRDQGMGADVASAQGPTGLGKYLQRSPTGEIIFGGETMRFWDARAPWLEPLRGKNGLDLDKLQHDVQPWQLRRAAEYMT
HSPIGSLNSVAGLATESNAFNYVSPRTWLASAHFIFGFFFLVGHLWHAGRARAAAAGFETGLDREDEPVLSMAPIDPSLR
SD
;
C
4 'polypeptide(L)'
;MTITMGSLGSARDWIKQLDDWLKRDRFVFIGWSGLLLFPCSFLAIGAWFTGTTFVTSWYTHGLVSSYLEGCNFLTVAVST
PAESMGHSLLLLWGPEASGDFVRWCQIGGLWTFTALHGVFGLIGFMLRQIEIARLVGIRPYNAIAFSAPIAVYCATFLIY
PLGQSSWFFGPGFGVSAIFRFLLFFQGFHNYTLNPFHMMGVTGVLGGALLCAIHGATVQNTLFRDNQSKNTFKGFSTDQG
EETYSMVTANRFWSQIFGIAFSNKRWLHFFMLFVPVTGLWMSAIGMAGLAFNLRAYDFVSQEIRAAEDPEFETFYTKNIL
LNEGLRAWLSEMDQPAKKFVFPDEVLPRGFSE
;
D
5 'polypeptide(L)' MAGVTGERPFGDIVTSVRYWIIHSITIPALFIAGWLFVSTGLAYDAFGTPRPNEYYPSNQMELPIVDDRYNPDRTLKYQD E
6 'polypeptide(L)' MTNIGREQPISYPIFTIRWLAIHALAIPSVFFLGSIAAMQFIQR F
7 'polypeptide(L)' MVTLKIVVYLTVSFFVGLFIFGFLSGDPARNPSGRDFD I
8 'polypeptide(L)' MDVAFLVAELPEAYRAFGPLIDVLPILPIFFLLLAFVWQASVGFR K
9 'polypeptide(L)'
;(UNK)(UNK)(UNK)(UNK)(UNK)(UNK)(UNK)(UNK)(UNK)(UNK)(UNK)(UNK)(UNK)(UNK)(UNK)(UNK)
(UNK)(UNK)(UNK)(UNK)(UNK)(UNK)(UNK)
;
N
#
# COMPACT_ATOMS: atom_id res chain seq x y z
N THR A 14 29.50 17.25 -42.11
CA THR A 14 28.07 17.54 -41.97
C THR A 14 27.40 16.50 -41.08
N TRP A 15 27.88 15.25 -41.17
CA TRP A 15 27.48 14.25 -40.20
C TRP A 15 27.99 14.60 -38.81
N ASP A 16 29.21 15.14 -38.73
CA ASP A 16 29.75 15.60 -37.47
C ASP A 16 28.96 16.81 -36.94
N ARG A 17 28.44 17.64 -37.84
CA ARG A 17 27.58 18.75 -37.45
C ARG A 17 26.30 18.26 -36.80
N PHE A 18 25.70 17.20 -37.33
CA PHE A 18 24.56 16.58 -36.67
C PHE A 18 25.00 15.97 -35.34
N CYS A 19 26.17 15.34 -35.34
CA CYS A 19 26.73 14.78 -34.11
C CYS A 19 26.99 15.87 -33.08
N ASN A 20 27.38 17.05 -33.55
CA ASN A 20 27.68 18.16 -32.65
C ASN A 20 26.42 18.78 -32.06
N TRP A 21 25.36 18.89 -32.87
CA TRP A 21 24.12 19.48 -32.37
C TRP A 21 23.39 18.53 -31.43
N VAL A 22 23.39 17.23 -31.76
CA VAL A 22 22.68 16.24 -30.97
C VAL A 22 23.32 16.09 -29.59
N THR A 23 24.65 16.16 -29.50
CA THR A 23 25.34 16.05 -28.22
C THR A 23 25.59 17.39 -27.57
N SER A 24 25.11 18.48 -28.18
CA SER A 24 25.34 19.81 -27.62
C SER A 24 24.63 19.98 -26.28
N THR A 25 25.36 20.52 -25.31
CA THR A 25 24.80 20.87 -24.02
C THR A 25 24.32 22.33 -23.98
N GLU A 26 23.99 22.89 -25.14
CA GLU A 26 23.57 24.28 -25.23
C GLU A 26 22.09 24.45 -25.57
N ASN A 27 21.41 23.40 -25.98
CA ASN A 27 20.00 23.51 -26.30
C ASN A 27 19.17 23.67 -25.03
N ARG A 28 17.91 24.06 -25.21
CA ARG A 28 17.00 24.21 -24.09
C ARG A 28 16.79 22.88 -23.40
N LEU A 29 16.66 21.82 -24.18
CA LEU A 29 16.64 20.46 -23.68
C LEU A 29 17.74 19.66 -24.36
N TYR A 30 18.46 18.88 -23.56
CA TYR A 30 19.49 18.01 -24.12
C TYR A 30 18.82 16.90 -24.91
N ILE A 31 19.26 16.69 -26.14
CA ILE A 31 18.74 15.59 -26.93
C ILE A 31 19.60 14.35 -26.69
N GLY A 32 20.83 14.39 -27.17
CA GLY A 32 21.71 13.25 -27.06
C GLY A 32 21.30 12.07 -27.91
N TRP A 33 22.14 11.04 -27.91
CA TRP A 33 21.87 9.87 -28.73
C TRP A 33 20.74 9.03 -28.18
N PHE A 34 20.64 8.92 -26.86
CA PHE A 34 19.49 8.25 -26.28
C PHE A 34 18.21 9.01 -26.53
N GLY A 35 18.32 10.33 -26.69
CA GLY A 35 17.17 11.17 -26.94
C GLY A 35 16.69 11.19 -28.38
N VAL A 36 17.54 10.87 -29.35
CA VAL A 36 17.04 10.63 -30.71
C VAL A 36 16.34 9.30 -30.78
N LEU A 37 16.62 8.37 -29.88
CA LEU A 37 15.89 7.13 -29.74
C LEU A 37 14.85 7.24 -28.64
N MET A 38 14.42 8.45 -28.31
CA MET A 38 13.46 8.67 -27.24
C MET A 38 12.27 9.49 -27.68
N LEU A 39 12.53 10.57 -28.40
CA LEU A 39 11.44 11.41 -28.88
C LEU A 39 10.54 10.77 -29.94
N PRO A 40 11.02 9.85 -30.80
CA PRO A 40 10.07 9.03 -31.54
C PRO A 40 9.23 8.15 -30.64
N LEU A 41 9.90 7.43 -29.72
CA LEU A 41 9.19 6.50 -28.84
C LEU A 41 8.23 7.25 -27.94
N LEU A 42 8.64 8.40 -27.42
CA LEU A 42 7.73 9.25 -26.67
C LEU A 42 6.67 9.86 -27.57
N GLY A 43 7.03 10.16 -28.82
CA GLY A 43 6.07 10.69 -29.75
C GLY A 43 4.93 9.74 -30.01
N VAL A 44 5.26 8.46 -30.23
CA VAL A 44 4.22 7.46 -30.44
C VAL A 44 3.42 7.24 -29.16
N SER A 45 4.12 7.01 -28.05
CA SER A 45 3.44 6.57 -26.83
C SER A 45 2.57 7.67 -26.23
N ILE A 46 2.97 8.93 -26.37
CA ILE A 46 2.11 10.02 -25.93
C ILE A 46 0.87 10.12 -26.83
N THR A 47 1.10 10.07 -28.16
CA THR A 47 0.02 10.24 -29.12
C THR A 47 -1.02 9.14 -29.01
N VAL A 48 -0.57 7.89 -28.91
CA VAL A 48 -1.50 6.78 -28.85
C VAL A 48 -2.24 6.78 -27.51
N PHE A 49 -1.53 7.08 -26.41
CA PHE A 49 -2.17 7.10 -25.10
C PHE A 49 -3.28 8.15 -25.05
N VAL A 50 -2.99 9.35 -25.54
CA VAL A 50 -3.97 10.43 -25.48
C VAL A 50 -5.19 10.10 -26.35
N THR A 51 -4.94 9.60 -27.56
CA THR A 51 -6.03 9.23 -28.45
C THR A 51 -6.86 8.08 -27.90
N ALA A 52 -6.19 7.08 -27.31
CA ALA A 52 -6.91 5.94 -26.78
C ALA A 52 -7.63 6.30 -25.48
N PHE A 53 -7.03 7.17 -24.66
CA PHE A 53 -7.69 7.60 -23.43
C PHE A 53 -8.96 8.37 -23.74
N ILE A 54 -8.94 9.16 -24.81
CA ILE A 54 -10.12 9.93 -25.18
C ILE A 54 -11.11 9.07 -25.95
N ALA A 55 -10.62 8.33 -26.94
CA ALA A 55 -11.51 7.89 -28.02
C ALA A 55 -11.48 6.41 -28.35
N ALA A 56 -10.77 5.56 -27.61
CA ALA A 56 -10.70 4.15 -27.98
C ALA A 56 -12.05 3.46 -27.77
N PRO A 57 -12.48 2.61 -28.69
CA PRO A 57 -13.69 1.82 -28.47
C PRO A 57 -13.45 0.76 -27.41
N PRO A 58 -14.50 0.12 -26.89
CA PRO A 58 -14.31 -0.83 -25.78
C PRO A 58 -13.40 -2.00 -26.13
N VAL A 59 -12.70 -2.51 -25.13
CA VAL A 59 -11.70 -3.55 -25.31
C VAL A 59 -12.16 -4.82 -24.61
N ASP A 60 -12.18 -5.92 -25.34
CA ASP A 60 -12.55 -7.21 -24.76
C ASP A 60 -11.34 -7.77 -24.01
N ILE A 61 -11.08 -7.19 -22.85
CA ILE A 61 -9.86 -7.50 -22.09
C ILE A 61 -9.80 -8.97 -21.67
N ASP A 62 -10.93 -9.56 -21.33
CA ASP A 62 -10.96 -10.94 -20.86
C ASP A 62 -11.01 -11.95 -21.98
N GLY A 63 -11.23 -11.51 -23.21
CA GLY A 63 -11.28 -12.39 -24.36
C GLY A 63 -12.57 -13.16 -24.51
N ILE A 64 -13.57 -12.89 -23.67
CA ILE A 64 -14.81 -13.65 -23.69
C ILE A 64 -15.99 -12.78 -24.11
N ARG A 65 -15.73 -11.80 -24.99
CA ARG A 65 -16.73 -10.99 -25.68
C ARG A 65 -17.57 -10.14 -24.73
N GLU A 66 -16.99 -9.73 -23.61
CA GLU A 66 -17.61 -8.77 -22.69
C GLU A 66 -16.70 -7.56 -22.66
N PRO A 67 -16.96 -6.58 -23.52
CA PRO A 67 -16.00 -5.47 -23.70
C PRO A 67 -15.96 -4.54 -22.50
N LEU A 68 -14.78 -3.97 -22.28
CA LEU A 68 -14.55 -3.04 -21.18
C LEU A 68 -14.32 -1.64 -21.75
N SER A 69 -15.17 -0.71 -21.36
CA SER A 69 -15.12 0.65 -21.89
C SER A 69 -14.12 1.47 -21.09
N GLY A 70 -13.04 1.88 -21.73
CA GLY A 70 -12.02 2.61 -21.01
C GLY A 70 -11.88 4.07 -21.37
N SER A 71 -12.52 4.53 -22.43
CA SER A 71 -12.19 5.85 -22.95
C SER A 71 -13.22 6.89 -22.54
N LEU A 72 -12.79 8.15 -22.64
CA LEU A 72 -13.63 9.28 -22.22
C LEU A 72 -14.92 9.36 -23.02
N LEU A 73 -14.85 9.09 -24.32
CA LEU A 73 -16.02 9.25 -25.18
C LEU A 73 -16.95 8.04 -25.13
N TYR A 74 -16.61 7.00 -24.37
CA TYR A 74 -17.49 5.86 -24.22
C TYR A 74 -17.95 5.69 -22.79
N GLY A 75 -18.30 6.79 -22.13
CA GLY A 75 -18.96 6.76 -20.84
C GLY A 75 -18.08 7.07 -19.65
N ASN A 76 -16.81 7.37 -19.83
CA ASN A 76 -15.92 7.57 -18.70
C ASN A 76 -15.67 9.05 -18.44
N ASN A 77 -15.27 9.35 -17.22
CA ASN A 77 -14.63 10.61 -16.87
C ASN A 77 -13.14 10.33 -16.73
N ILE A 78 -12.35 11.36 -16.45
CA ILE A 78 -10.89 11.18 -16.41
C ILE A 78 -10.47 10.30 -15.24
N ILE A 79 -11.26 10.24 -14.18
CA ILE A 79 -10.93 9.39 -13.05
C ILE A 79 -11.14 7.91 -13.41
N THR A 80 -12.21 7.60 -14.15
CA THR A 80 -12.50 6.21 -14.45
C THR A 80 -11.93 5.75 -15.78
N ALA A 81 -11.45 6.66 -16.60
CA ALA A 81 -10.97 6.27 -17.92
C ALA A 81 -9.60 5.62 -17.83
N ALA A 82 -9.37 4.63 -18.69
CA ALA A 82 -8.08 3.96 -18.82
C ALA A 82 -7.89 3.50 -20.26
N VAL A 83 -6.63 3.42 -20.67
CA VAL A 83 -6.34 2.57 -21.82
C VAL A 83 -6.34 1.14 -21.33
N VAL A 84 -7.25 0.33 -21.87
CA VAL A 84 -7.52 -1.00 -21.35
C VAL A 84 -6.46 -1.97 -21.86
N PRO A 85 -5.92 -2.85 -21.01
CA PRO A 85 -4.87 -3.77 -21.45
C PRO A 85 -5.32 -4.69 -22.57
N THR A 86 -4.33 -5.18 -23.31
CA THR A 86 -4.57 -6.05 -24.44
C THR A 86 -5.35 -7.28 -24.01
N SER A 87 -6.24 -7.73 -24.90
CA SER A 87 -7.14 -8.83 -24.63
C SER A 87 -6.41 -10.10 -24.19
N ASN A 88 -7.09 -10.89 -23.35
CA ASN A 88 -6.55 -12.16 -22.91
C ASN A 88 -6.39 -13.13 -24.07
N ALA A 89 -7.15 -12.92 -25.15
CA ALA A 89 -7.03 -13.73 -26.35
C ALA A 89 -5.68 -13.55 -27.03
N ILE A 90 -5.13 -12.34 -26.97
CA ILE A 90 -3.82 -12.11 -27.56
C ILE A 90 -2.74 -12.80 -26.72
N GLY A 91 -2.90 -12.79 -25.40
CA GLY A 91 -1.90 -13.37 -24.54
C GLY A 91 -0.66 -12.49 -24.50
N LEU A 92 0.50 -13.08 -24.77
CA LEU A 92 1.73 -12.32 -24.93
C LEU A 92 2.11 -12.15 -26.39
N HIS A 93 1.18 -12.41 -27.30
CA HIS A 93 1.49 -12.29 -28.72
C HIS A 93 1.81 -10.85 -29.08
N PHE A 94 2.76 -10.70 -29.98
CA PHE A 94 3.02 -9.42 -30.59
C PHE A 94 1.83 -9.03 -31.44
N TYR A 95 1.22 -7.90 -31.12
CA TYR A 95 -0.01 -7.47 -31.78
C TYR A 95 0.19 -6.06 -32.35
N PRO A 96 1.01 -5.91 -33.38
CA PRO A 96 1.13 -4.62 -34.03
C PRO A 96 -0.12 -4.33 -34.85
N ILE A 97 -0.24 -3.06 -35.24
CA ILE A 97 -1.44 -2.61 -35.95
C ILE A 97 -1.62 -3.31 -37.29
N TRP A 98 -0.53 -3.80 -37.89
CA TRP A 98 -0.62 -4.42 -39.21
C TRP A 98 -0.97 -5.90 -39.15
N GLU A 99 -0.86 -6.52 -37.97
CA GLU A 99 -1.17 -7.94 -37.85
C GLU A 99 -2.63 -8.18 -37.49
N ALA A 100 -3.37 -7.11 -37.23
CA ALA A 100 -4.81 -7.26 -37.07
C ALA A 100 -5.47 -7.48 -38.42
N ALA A 101 -6.63 -8.12 -38.41
CA ALA A 101 -7.41 -8.26 -39.63
C ALA A 101 -7.93 -6.91 -40.08
N THR A 102 -8.56 -6.18 -39.15
CA THR A 102 -9.09 -4.86 -39.41
C THR A 102 -8.57 -3.88 -38.36
N LEU A 103 -8.89 -2.60 -38.55
CA LEU A 103 -8.56 -1.61 -37.55
C LEU A 103 -9.43 -1.76 -36.32
N ASP A 104 -10.71 -2.10 -36.51
CA ASP A 104 -11.62 -2.24 -35.38
C ASP A 104 -11.31 -3.47 -34.56
N GLU A 105 -10.88 -4.56 -35.20
CA GLU A 105 -10.46 -5.76 -34.48
C GLU A 105 -9.23 -5.47 -33.63
N TRP A 106 -8.32 -4.64 -34.16
CA TRP A 106 -7.14 -4.22 -33.40
C TRP A 106 -7.55 -3.43 -32.15
N LEU A 107 -8.48 -2.50 -32.32
CA LEU A 107 -8.95 -1.71 -31.19
C LEU A 107 -9.77 -2.55 -30.23
N TYR A 108 -10.49 -3.54 -30.74
CA TYR A 108 -11.31 -4.41 -29.89
C TYR A 108 -10.46 -5.29 -29.00
N ASN A 109 -9.32 -5.78 -29.51
CA ASN A 109 -8.46 -6.67 -28.75
C ASN A 109 -7.41 -5.93 -27.95
N GLY A 110 -7.59 -4.64 -27.73
CA GLY A 110 -6.66 -3.88 -26.92
C GLY A 110 -5.30 -3.70 -27.55
N GLY A 111 -5.30 -3.48 -28.85
CA GLY A 111 -4.13 -3.09 -29.58
C GLY A 111 -3.42 -1.82 -29.10
N PRO A 112 -4.14 -0.72 -28.83
CA PRO A 112 -3.46 0.52 -28.43
C PRO A 112 -2.58 0.38 -27.19
N TYR A 113 -3.01 -0.40 -26.21
CA TYR A 113 -2.24 -0.63 -25.00
C TYR A 113 -0.88 -1.23 -25.31
N GLN A 114 -0.86 -2.23 -26.19
CA GLN A 114 0.41 -2.85 -26.57
C GLN A 114 1.28 -1.89 -27.36
N MET A 115 0.66 -1.02 -28.15
CA MET A 115 1.41 0.03 -28.84
C MET A 115 2.04 0.99 -27.83
N ILE A 116 1.24 1.44 -26.86
CA ILE A 116 1.74 2.40 -25.87
C ILE A 116 2.85 1.79 -25.04
N ALA A 117 2.61 0.59 -24.50
CA ALA A 117 3.55 -0.02 -23.58
C ALA A 117 4.87 -0.35 -24.27
N PHE A 118 4.83 -0.66 -25.56
CA PHE A 118 6.04 -1.08 -26.25
C PHE A 118 6.86 0.09 -26.76
N HIS A 119 6.29 1.30 -26.64
CA HIS A 119 7.03 2.56 -26.96
C HIS A 119 7.40 3.28 -25.67
N TYR A 120 6.58 3.17 -24.63
CA TYR A 120 6.79 3.90 -23.38
C TYR A 120 7.92 3.29 -22.57
N ILE A 121 7.98 1.97 -22.49
CA ILE A 121 9.03 1.27 -21.76
C ILE A 121 10.41 1.51 -22.37
N PRO A 122 10.63 1.36 -23.69
CA PRO A 122 11.94 1.74 -24.23
C PRO A 122 12.25 3.22 -24.12
N ALA A 123 11.24 4.09 -24.19
CA ALA A 123 11.48 5.51 -24.04
C ALA A 123 11.98 5.86 -22.64
N LEU A 124 11.46 5.17 -21.62
CA LEU A 124 11.97 5.38 -20.27
C LEU A 124 13.39 4.87 -20.13
N LEU A 125 13.70 3.75 -20.77
CA LEU A 125 15.06 3.23 -20.75
C LEU A 125 16.01 4.19 -21.47
N CYS A 126 15.52 4.88 -22.48
CA CYS A 126 16.32 5.90 -23.16
C CYS A 126 16.40 7.18 -22.33
N TYR A 127 15.35 7.49 -21.58
CA TYR A 127 15.43 8.59 -20.61
C TYR A 127 16.48 8.29 -19.55
N LEU A 128 16.56 7.02 -19.12
CA LEU A 128 17.62 6.57 -18.24
C LEU A 128 18.99 6.86 -18.84
N GLY A 129 19.20 6.44 -20.08
CA GLY A 129 20.50 6.64 -20.71
C GLY A 129 20.76 8.09 -21.07
N ARG A 130 19.70 8.85 -21.35
CA ARG A 130 19.87 10.28 -21.59
C ARG A 130 20.33 11.00 -20.33
N GLU A 131 19.80 10.61 -19.18
CA GLU A 131 20.25 11.18 -17.91
C GLU A 131 21.70 10.84 -17.65
N TRP A 132 22.11 9.61 -17.97
CA TRP A 132 23.53 9.29 -17.91
C TRP A 132 24.30 10.17 -18.87
N GLU A 133 23.79 10.32 -20.09
CA GLU A 133 24.54 10.94 -21.17
C GLU A 133 24.81 12.40 -20.90
N LEU A 134 23.82 13.12 -20.39
CA LEU A 134 24.03 14.53 -20.09
C LEU A 134 25.00 14.68 -18.92
N SER A 135 24.89 13.82 -17.91
CA SER A 135 25.76 13.89 -16.75
C SER A 135 27.21 13.63 -17.14
N TYR A 136 27.42 12.76 -18.13
CA TYR A 136 28.76 12.56 -18.66
C TYR A 136 29.26 13.81 -19.38
N ARG A 137 28.42 14.40 -20.22
CA ARG A 137 28.82 15.59 -20.96
C ARG A 137 28.93 16.82 -20.09
N LEU A 138 28.28 16.83 -18.93
CA LEU A 138 28.39 17.94 -18.00
C LEU A 138 29.51 17.73 -16.98
N GLY A 139 30.23 16.62 -17.07
CA GLY A 139 31.29 16.34 -16.12
C GLY A 139 30.79 15.92 -14.75
N MET A 140 29.55 15.51 -14.65
CA MET A 140 28.96 15.08 -13.40
C MET A 140 29.31 13.63 -13.09
N ARG A 141 29.13 13.25 -11.83
CA ARG A 141 29.11 11.84 -11.51
C ARG A 141 27.84 11.21 -12.08
N PRO A 142 27.88 9.93 -12.44
CA PRO A 142 26.89 9.41 -13.39
C PRO A 142 25.63 8.80 -12.81
N TRP A 143 25.38 8.90 -11.51
CA TRP A 143 24.47 7.95 -10.85
C TRP A 143 23.11 8.54 -10.49
N ILE A 144 22.75 9.69 -11.07
CA ILE A 144 21.35 10.11 -11.01
C ILE A 144 20.48 9.12 -11.78
N CYS A 145 21.02 8.57 -12.87
CA CYS A 145 20.29 7.58 -13.65
C CYS A 145 20.08 6.29 -12.87
N ILE A 146 20.98 6.00 -11.92
CA ILE A 146 20.78 4.86 -11.02
C ILE A 146 19.53 5.09 -10.17
N ALA A 147 19.39 6.31 -9.65
CA ALA A 147 18.22 6.65 -8.85
C ALA A 147 16.94 6.53 -9.66
N TYR A 148 16.96 7.02 -10.90
CA TYR A 148 15.82 6.91 -11.80
C TYR A 148 15.53 5.49 -12.23
N SER A 149 16.47 4.57 -12.07
CA SER A 149 16.22 3.18 -12.43
C SER A 149 15.22 2.53 -11.49
N ALA A 150 14.95 3.14 -10.34
CA ALA A 150 13.99 2.56 -9.41
C ALA A 150 12.55 2.74 -9.93
N PRO A 151 12.07 3.95 -10.29
CA PRO A 151 10.73 4.00 -10.90
C PRO A 151 10.64 3.34 -12.27
N VAL A 152 11.75 3.27 -13.01
CA VAL A 152 11.73 2.60 -14.30
C VAL A 152 11.51 1.10 -14.11
N ALA A 153 12.25 0.50 -13.18
CA ALA A 153 12.09 -0.92 -12.90
C ALA A 153 10.71 -1.21 -12.33
N ALA A 154 10.19 -0.29 -11.52
CA ALA A 154 8.84 -0.44 -10.97
C ALA A 154 7.80 -0.46 -12.08
N THR A 155 7.92 0.46 -13.03
CA THR A 155 6.91 0.53 -14.08
C THR A 155 7.08 -0.58 -15.12
N ILE A 156 8.31 -1.08 -15.31
CA ILE A 156 8.50 -2.21 -16.21
C ILE A 156 7.94 -3.48 -15.60
N SER A 157 8.06 -3.61 -14.27
CA SER A 157 7.52 -4.78 -13.58
C SER A 157 6.00 -4.87 -13.75
N VAL A 158 5.29 -3.74 -13.64
CA VAL A 158 3.83 -3.82 -13.73
C VAL A 158 3.37 -3.83 -15.17
N PHE A 159 4.10 -3.21 -16.09
CA PHE A 159 3.66 -3.19 -17.49
C PHE A 159 4.23 -4.32 -18.32
N LEU A 160 5.39 -4.86 -17.96
CA LEU A 160 6.03 -5.85 -18.81
C LEU A 160 6.26 -7.19 -18.10
N ILE A 161 6.92 -7.18 -16.94
CA ILE A 161 7.37 -8.43 -16.33
C ILE A 161 6.19 -9.21 -15.77
N TYR A 162 5.30 -8.53 -15.07
CA TYR A 162 4.09 -9.19 -14.56
C TYR A 162 3.22 -9.75 -15.66
N PRO A 163 2.94 -9.06 -16.78
CA PRO A 163 2.25 -9.73 -17.90
C PRO A 163 2.99 -10.93 -18.45
N ILE A 164 4.32 -10.89 -18.53
CA ILE A 164 5.07 -12.02 -19.08
C ILE A 164 4.95 -13.23 -18.16
N GLY A 165 5.11 -13.02 -16.86
CA GLY A 165 4.99 -14.12 -15.91
C GLY A 165 3.59 -14.69 -15.86
N GLN A 166 2.58 -13.85 -15.97
CA GLN A 166 1.20 -14.31 -15.97
C GLN A 166 0.73 -14.81 -17.32
N GLY A 167 1.46 -14.53 -18.38
CA GLY A 167 1.16 -15.05 -19.70
C GLY A 167 0.19 -14.24 -20.52
N SER A 168 -0.16 -13.03 -20.09
CA SER A 168 -1.08 -12.18 -20.82
C SER A 168 -0.87 -10.74 -20.42
N PHE A 169 -0.88 -9.86 -21.42
CA PHE A 169 -0.83 -8.44 -21.19
C PHE A 169 -2.12 -7.89 -20.61
N SER A 170 -3.18 -8.70 -20.56
CA SER A 170 -4.40 -8.32 -19.85
C SER A 170 -4.19 -8.24 -18.35
N ASP A 171 -3.11 -8.84 -17.84
CA ASP A 171 -2.77 -8.75 -16.44
C ASP A 171 -1.88 -7.56 -16.13
N GLY A 172 -1.51 -6.78 -17.13
CA GLY A 172 -0.71 -5.60 -16.89
C GLY A 172 -1.51 -4.49 -16.24
N LEU A 173 -0.79 -3.48 -15.79
CA LEU A 173 -1.40 -2.31 -15.19
C LEU A 173 -2.22 -1.57 -16.24
N PRO A 174 -3.50 -1.30 -15.99
CA PRO A 174 -4.29 -0.47 -16.90
C PRO A 174 -3.80 0.97 -16.85
N MET A 175 -3.90 1.66 -17.98
CA MET A 175 -3.35 3.01 -18.07
C MET A 175 -4.45 4.00 -17.68
N GLY A 176 -4.78 4.02 -16.40
CA GLY A 176 -5.81 4.91 -15.91
C GLY A 176 -5.86 4.85 -14.41
N ILE A 177 -6.61 5.79 -13.84
CA ILE A 177 -6.63 5.95 -12.39
C ILE A 177 -7.41 4.83 -11.72
N SER A 178 -8.61 4.53 -12.21
CA SER A 178 -9.42 3.48 -11.61
C SER A 178 -8.93 2.10 -12.01
N GLY A 179 -8.43 1.97 -13.24
CA GLY A 179 -7.82 0.72 -13.65
C GLY A 179 -6.62 0.36 -12.79
N THR A 180 -5.86 1.38 -12.38
CA THR A 180 -4.73 1.15 -11.47
C THR A 180 -5.22 0.57 -10.15
N PHE A 181 -6.26 1.18 -9.58
CA PHE A 181 -6.84 0.68 -8.34
C PHE A 181 -7.34 -0.75 -8.50
N ASN A 182 -8.01 -1.02 -9.62
CA ASN A 182 -8.46 -2.37 -9.95
C ASN A 182 -7.31 -3.34 -10.01
N PHE A 183 -6.18 -2.89 -10.55
CA PHE A 183 -4.97 -3.71 -10.60
C PHE A 183 -4.44 -4.01 -9.21
N MET A 184 -4.48 -3.02 -8.30
CA MET A 184 -4.01 -3.21 -6.92
C MET A 184 -4.81 -4.31 -6.23
N PHE A 185 -6.13 -4.27 -6.33
CA PHE A 185 -6.98 -5.19 -5.54
C PHE A 185 -6.91 -6.60 -6.10
N VAL A 186 -6.91 -6.71 -7.43
CA VAL A 186 -6.81 -8.01 -8.09
C VAL A 186 -5.47 -8.66 -7.76
N PHE A 187 -4.41 -7.87 -7.78
CA PHE A 187 -3.08 -8.36 -7.41
C PHE A 187 -3.04 -8.86 -5.98
N GLN A 188 -3.70 -8.15 -5.08
CA GLN A 188 -3.76 -8.58 -3.68
C GLN A 188 -4.49 -9.91 -3.55
N ALA A 189 -5.55 -10.10 -4.34
CA ALA A 189 -6.30 -11.34 -4.31
C ALA A 189 -5.49 -12.53 -4.82
N GLU A 190 -4.81 -12.32 -5.96
CA GLU A 190 -3.94 -13.37 -6.57
C GLU A 190 -2.75 -13.65 -5.65
N HIS A 191 -2.10 -12.60 -5.14
CA HIS A 191 -0.72 -12.70 -4.70
C HIS A 191 -0.45 -12.32 -3.26
N ASN A 192 -1.38 -11.67 -2.58
CA ASN A 192 -1.20 -11.17 -1.21
C ASN A 192 0.06 -10.30 -1.10
N ILE A 193 0.06 -9.23 -1.91
CA ILE A 193 1.22 -8.35 -1.98
C ILE A 193 1.44 -7.63 -0.64
N LEU A 194 0.39 -7.46 0.16
CA LEU A 194 0.56 -6.80 1.46
C LEU A 194 1.51 -7.59 2.36
N MET A 195 1.40 -8.91 2.35
CA MET A 195 2.26 -9.78 3.13
C MET A 195 3.53 -10.15 2.39
N HIS A 196 3.79 -9.54 1.28
CA HIS A 196 5.08 -9.72 0.64
C HIS A 196 6.11 -8.79 1.27
N PRO A 197 7.25 -9.30 1.73
CA PRO A 197 8.23 -8.43 2.39
C PRO A 197 8.86 -7.40 1.45
N PHE A 198 8.91 -7.68 0.15
CA PHE A 198 9.46 -6.67 -0.76
C PHE A 198 8.51 -5.50 -0.91
N HIS A 199 7.21 -5.76 -0.87
CA HIS A 199 6.25 -4.66 -0.81
C HIS A 199 6.30 -3.96 0.53
N MET A 200 6.56 -4.72 1.59
CA MET A 200 6.77 -4.14 2.91
C MET A 200 7.94 -3.17 2.88
N LEU A 201 9.02 -3.55 2.18
CA LEU A 201 10.16 -2.67 1.98
C LEU A 201 9.79 -1.46 1.12
N GLY A 202 8.98 -1.67 0.08
CA GLY A 202 8.59 -0.57 -0.78
C GLY A 202 7.79 0.48 -0.05
N VAL A 203 6.94 0.06 0.88
CA VAL A 203 6.16 1.01 1.68
C VAL A 203 7.08 1.79 2.61
N ALA A 204 8.01 1.10 3.25
CA ALA A 204 9.01 1.77 4.08
C ALA A 204 9.84 2.74 3.26
N GLY A 205 10.07 2.43 1.99
CA GLY A 205 10.77 3.31 1.10
C GLY A 205 10.06 4.58 0.69
N VAL A 206 8.75 4.53 0.47
CA VAL A 206 8.06 5.76 0.08
C VAL A 206 7.57 6.52 1.30
N LEU A 207 7.15 5.83 2.37
CA LEU A 207 6.75 6.54 3.58
C LEU A 207 7.97 7.10 4.29
N GLY A 208 9.01 6.29 4.43
CA GLY A 208 10.26 6.78 4.98
C GLY A 208 10.93 7.78 4.07
N GLY A 209 10.89 7.52 2.76
CA GLY A 209 11.36 8.50 1.79
C GLY A 209 10.65 9.83 1.91
N SER A 210 9.35 9.80 2.18
CA SER A 210 8.63 11.02 2.48
C SER A 210 9.04 11.61 3.82
N LEU A 211 9.24 10.74 4.82
CA LEU A 211 9.72 11.19 6.12
C LEU A 211 11.04 11.95 6.00
N PHE A 212 12.02 11.33 5.33
CA PHE A 212 13.33 11.94 5.18
C PHE A 212 13.26 13.20 4.34
N CYS A 213 12.38 13.22 3.34
CA CYS A 213 12.18 14.40 2.52
C CYS A 213 11.65 15.57 3.34
N ALA A 214 10.61 15.31 4.13
CA ALA A 214 10.05 16.36 4.99
C ALA A 214 11.05 16.76 6.06
N MET A 215 11.76 15.79 6.62
CA MET A 215 12.74 16.09 7.65
C MET A 215 13.90 16.90 7.10
N HIS A 216 14.51 16.43 6.01
CA HIS A 216 15.61 17.16 5.39
C HIS A 216 15.18 18.54 4.93
N GLY A 217 13.99 18.62 4.34
CA GLY A 217 13.42 19.89 3.94
C GLY A 217 13.22 20.82 5.12
N SER A 218 12.69 20.28 6.23
CA SER A 218 12.45 21.12 7.39
C SER A 218 13.75 21.52 8.07
N LEU A 219 14.69 20.58 8.21
CA LEU A 219 15.94 20.87 8.90
C LEU A 219 16.77 21.92 8.16
N VAL A 220 16.86 21.80 6.84
CA VAL A 220 17.66 22.73 6.07
C VAL A 220 17.02 24.12 6.01
N THR A 221 15.71 24.17 5.80
CA THR A 221 15.02 25.45 5.69
C THR A 221 14.93 26.17 7.04
N SER A 222 14.93 25.42 8.13
CA SER A 222 14.88 26.03 9.45
C SER A 222 16.23 26.54 9.93
N SER A 223 17.30 26.28 9.17
CA SER A 223 18.63 26.82 9.48
C SER A 223 19.13 27.74 8.38
N LEU A 224 18.23 28.58 7.85
CA LEU A 224 18.60 29.64 6.92
C LEU A 224 18.51 30.98 7.64
N VAL A 225 19.54 31.80 7.48
CA VAL A 225 19.58 33.13 8.07
C VAL A 225 20.41 34.05 7.19
N ASN A 248 23.26 27.57 8.57
CA ASN A 248 24.03 27.40 9.80
C ASN A 248 23.87 26.00 10.36
N ILE A 249 24.67 25.06 9.87
CA ILE A 249 24.56 23.67 10.30
C ILE A 249 24.96 23.47 11.75
N LEU A 250 25.74 24.39 12.33
CA LEU A 250 26.14 24.24 13.74
C LEU A 250 24.94 24.35 14.68
N ALA A 251 23.95 25.15 14.30
CA ALA A 251 22.69 25.15 15.03
C ALA A 251 21.68 24.17 14.44
N ALA A 252 21.91 23.70 13.22
CA ALA A 252 21.09 22.62 12.68
C ALA A 252 21.46 21.26 13.25
N HIS A 253 22.71 21.06 13.66
CA HIS A 253 23.12 19.83 14.31
C HIS A 253 23.08 19.93 15.82
N GLY A 254 23.13 21.13 16.38
CA GLY A 254 22.77 21.34 17.76
C GLY A 254 21.31 21.02 17.97
N TYR A 255 20.49 21.24 16.93
CA TYR A 255 19.08 20.86 16.99
C TYR A 255 18.91 19.34 16.87
N PHE A 256 19.33 18.77 15.74
CA PHE A 256 19.05 17.39 15.43
C PHE A 256 19.84 16.44 16.33
N GLY A 257 21.02 16.87 16.75
CA GLY A 257 21.78 16.14 17.74
C GLY A 257 21.08 16.12 19.09
N ARG A 258 20.29 17.16 19.39
CA ARG A 258 19.58 17.18 20.66
C ARG A 258 18.25 16.46 20.59
N LEU A 259 17.61 16.47 19.41
CA LEU A 259 16.28 15.85 19.28
C LEU A 259 16.35 14.34 19.35
N ILE A 260 17.45 13.76 18.88
CA ILE A 260 17.71 12.33 18.93
C ILE A 260 18.97 12.23 19.78
N PHE A 261 19.54 11.04 19.90
CA PHE A 261 20.84 10.93 20.55
C PHE A 261 21.89 11.70 19.74
N GLN A 262 22.88 12.23 20.44
CA GLN A 262 23.97 12.97 19.78
C GLN A 262 24.90 12.01 19.05
N PHE A 266 25.22 10.81 10.81
CA PHE A 266 26.01 11.53 9.81
C PHE A 266 26.84 12.69 10.38
N ASN A 267 26.25 13.90 10.36
CA ASN A 267 26.93 15.20 10.44
C ASN A 267 27.84 15.38 9.22
N ASN A 268 27.65 14.52 8.24
CA ASN A 268 28.42 14.49 7.02
C ASN A 268 27.39 14.65 5.91
N SER A 269 27.45 15.77 5.18
CA SER A 269 26.41 16.08 4.21
C SER A 269 26.46 15.14 3.03
N ARG A 270 27.63 14.57 2.73
CA ARG A 270 27.73 13.54 1.72
C ARG A 270 27.01 12.27 2.13
N GLN A 271 27.26 11.76 3.34
CA GLN A 271 26.62 10.52 3.77
C GLN A 271 25.11 10.68 3.87
N LEU A 272 24.66 11.81 4.39
CA LEU A 272 23.23 12.06 4.52
C LEU A 272 22.54 12.07 3.16
N HIS A 273 23.15 12.75 2.19
CA HIS A 273 22.53 12.86 0.88
C HIS A 273 22.60 11.56 0.10
N PHE A 274 23.62 10.74 0.35
CA PHE A 274 23.59 9.39 -0.21
C PHE A 274 22.42 8.61 0.35
N PHE A 275 22.23 8.69 1.67
CA PHE A 275 21.14 7.96 2.30
C PHE A 275 19.78 8.46 1.84
N LEU A 276 19.67 9.75 1.55
CA LEU A 276 18.41 10.30 1.05
C LEU A 276 18.10 9.73 -0.33
N ALA A 277 19.10 9.57 -1.18
CA ALA A 277 18.87 8.91 -2.46
C ALA A 277 18.64 7.43 -2.26
N ALA A 278 19.51 6.78 -1.47
CA ALA A 278 19.58 5.32 -1.45
C ALA A 278 18.31 4.69 -0.91
N TRP A 279 17.72 5.28 0.16
CA TRP A 279 16.62 4.61 0.84
C TRP A 279 15.37 4.47 -0.03
N PRO A 280 14.82 5.53 -0.65
CA PRO A 280 13.70 5.29 -1.57
C PRO A 280 14.08 4.45 -2.76
N VAL A 281 15.31 4.57 -3.26
CA VAL A 281 15.71 3.90 -4.50
C VAL A 281 15.86 2.40 -4.27
N VAL A 282 16.56 2.01 -3.20
CA VAL A 282 16.77 0.59 -2.91
C VAL A 282 15.45 -0.09 -2.62
N CYS A 283 14.61 0.55 -1.82
CA CYS A 283 13.32 -0.03 -1.46
C CYS A 283 12.42 -0.19 -2.68
N ILE A 284 12.39 0.81 -3.56
CA ILE A 284 11.59 0.71 -4.78
C ILE A 284 12.15 -0.36 -5.71
N TRP A 285 13.47 -0.59 -5.66
CA TRP A 285 14.03 -1.74 -6.38
C TRP A 285 13.48 -3.05 -5.87
N PHE A 286 13.41 -3.20 -4.53
CA PHE A 286 12.87 -4.44 -3.98
C PHE A 286 11.41 -4.62 -4.32
N VAL A 287 10.61 -3.55 -4.27
CA VAL A 287 9.20 -3.75 -4.53
C VAL A 287 8.98 -4.03 -6.03
N ALA A 288 9.82 -3.48 -6.89
CA ALA A 288 9.78 -3.83 -8.31
C ALA A 288 10.16 -5.28 -8.52
N LEU A 289 11.15 -5.76 -7.78
CA LEU A 289 11.49 -7.18 -7.81
C LEU A 289 10.39 -8.01 -7.19
N GLY A 290 9.67 -7.47 -6.23
CA GLY A 290 8.53 -8.19 -5.66
C GLY A 290 7.42 -8.42 -6.67
N ILE A 291 7.06 -7.38 -7.42
CA ILE A 291 6.08 -7.51 -8.50
C ILE A 291 6.57 -8.52 -9.52
N SER A 292 7.86 -8.47 -9.83
CA SER A 292 8.45 -9.32 -10.85
C SER A 292 8.48 -10.77 -10.40
N THR A 293 8.79 -11.02 -9.13
CA THR A 293 8.84 -12.41 -8.69
C THR A 293 7.44 -12.95 -8.45
N MET A 294 6.50 -12.10 -8.07
CA MET A 294 5.09 -12.46 -8.00
C MET A 294 4.49 -12.74 -9.37
N ALA A 295 5.09 -12.21 -10.44
CA ALA A 295 4.72 -12.65 -11.78
C ALA A 295 4.92 -14.14 -11.96
N PHE A 296 5.91 -14.71 -11.29
CA PHE A 296 6.13 -16.14 -11.29
C PHE A 296 5.40 -16.85 -10.17
N ASN A 297 4.48 -16.15 -9.49
CA ASN A 297 3.70 -16.68 -8.36
C ASN A 297 4.61 -17.13 -7.22
N LEU A 298 5.58 -16.30 -6.88
CA LEU A 298 6.27 -16.36 -5.60
C LEU A 298 5.61 -15.29 -4.74
N ASN A 299 4.60 -15.68 -4.01
CA ASN A 299 3.62 -14.75 -3.48
C ASN A 299 3.97 -14.31 -2.06
N GLY A 300 3.13 -13.46 -1.50
CA GLY A 300 3.33 -13.02 -0.13
C GLY A 300 3.12 -14.15 0.87
N PHE A 301 3.58 -13.92 2.10
CA PHE A 301 3.48 -14.91 3.15
C PHE A 301 2.04 -15.32 3.39
N ASN A 302 1.80 -16.63 3.41
CA ASN A 302 0.49 -17.17 3.74
C ASN A 302 0.52 -17.72 5.15
N PHE A 303 -0.10 -16.99 6.08
CA PHE A 303 -0.32 -17.45 7.44
C PHE A 303 -1.77 -17.84 7.66
N ASN A 304 -2.48 -18.19 6.59
CA ASN A 304 -3.77 -18.83 6.73
C ASN A 304 -3.60 -20.15 7.45
N HIS A 305 -4.43 -20.36 8.48
CA HIS A 305 -4.54 -21.65 9.18
C HIS A 305 -3.22 -22.04 9.83
N SER A 306 -2.45 -21.04 10.21
CA SER A 306 -1.09 -21.19 10.72
C SER A 306 -1.02 -21.32 12.23
N VAL A 307 -2.04 -20.88 12.96
CA VAL A 307 -2.14 -21.08 14.41
C VAL A 307 -3.28 -22.07 14.67
N LEU A 308 -2.96 -23.13 15.40
CA LEU A 308 -3.92 -24.19 15.70
C LEU A 308 -4.11 -24.29 17.20
N ASP A 309 -5.29 -24.75 17.61
CA ASP A 309 -5.49 -25.00 19.02
C ASP A 309 -4.92 -26.37 19.41
N SER A 310 -5.22 -26.81 20.63
CA SER A 310 -4.75 -28.10 21.09
C SER A 310 -5.37 -29.23 20.27
N GLN A 311 -6.64 -29.08 19.88
CA GLN A 311 -7.33 -30.13 19.13
C GLN A 311 -6.91 -30.14 17.66
N GLY A 312 -6.44 -29.01 17.16
CA GLY A 312 -6.17 -28.87 15.75
C GLY A 312 -7.17 -27.97 15.04
N ARG A 313 -8.06 -27.33 15.80
CA ARG A 313 -8.91 -26.30 15.22
C ARG A 313 -8.06 -25.10 14.81
N VAL A 314 -8.37 -24.54 13.66
CA VAL A 314 -7.69 -23.33 13.23
C VAL A 314 -8.15 -22.18 14.11
N LEU A 315 -7.20 -21.48 14.74
CA LEU A 315 -7.50 -20.25 15.44
C LEU A 315 -7.20 -19.10 14.50
N PRO A 316 -8.20 -18.34 14.08
CA PRO A 316 -7.96 -17.26 13.11
C PRO A 316 -7.06 -16.18 13.69
N SER A 317 -6.20 -15.65 12.84
CA SER A 317 -5.37 -14.51 13.17
C SER A 317 -5.77 -13.34 12.30
N TRP A 318 -5.04 -12.24 12.41
CA TRP A 318 -5.29 -11.10 11.54
C TRP A 318 -4.95 -11.40 10.09
N ALA A 319 -3.97 -12.27 9.83
CA ALA A 319 -3.67 -12.67 8.46
C ALA A 319 -4.83 -13.41 7.82
N ASP A 320 -5.57 -14.18 8.61
CA ASP A 320 -6.74 -14.87 8.07
C ASP A 320 -7.86 -13.90 7.74
N VAL A 321 -7.97 -12.82 8.53
CA VAL A 321 -8.94 -11.78 8.20
C VAL A 321 -8.56 -11.08 6.90
N VAL A 322 -7.27 -10.78 6.73
CA VAL A 322 -6.78 -10.21 5.47
C VAL A 322 -7.03 -11.17 4.32
N ASN A 323 -6.84 -12.46 4.56
CA ASN A 323 -7.06 -13.47 3.54
C ASN A 323 -8.53 -13.55 3.14
N ARG A 324 -9.44 -13.41 4.11
CA ARG A 324 -10.87 -13.37 3.79
C ARG A 324 -11.21 -12.12 2.99
N ALA A 325 -10.60 -10.98 3.33
CA ALA A 325 -10.82 -9.76 2.58
C ALA A 325 -10.34 -9.91 1.15
N SER A 326 -9.13 -10.42 0.98
CA SER A 326 -8.59 -10.62 -0.36
C SER A 326 -9.35 -11.70 -1.12
N LEU A 327 -9.97 -12.63 -0.39
CA LEU A 327 -10.87 -13.60 -1.01
C LEU A 327 -12.08 -12.90 -1.62
N GLY A 328 -12.57 -11.85 -0.95
CA GLY A 328 -13.68 -11.09 -1.49
C GLY A 328 -13.34 -10.41 -2.80
N PHE A 329 -12.10 -9.95 -2.94
CA PHE A 329 -11.64 -9.46 -4.23
C PHE A 329 -11.56 -10.58 -5.26
N GLU A 330 -11.13 -11.77 -4.81
CA GLU A 330 -10.73 -12.86 -5.73
C GLU A 330 -11.97 -13.42 -6.43
N VAL A 331 -13.08 -13.57 -5.67
CA VAL A 331 -14.28 -14.23 -6.19
C VAL A 331 -14.99 -13.35 -7.22
N MET A 332 -14.92 -12.03 -7.08
CA MET A 332 -15.54 -11.17 -8.07
C MET A 332 -14.71 -11.09 -9.35
N HIS A 333 -13.39 -11.15 -9.20
CA HIS A 333 -12.47 -11.08 -10.36
C HIS A 333 -12.49 -12.42 -11.11
N GLU A 334 -12.66 -13.53 -10.39
CA GLU A 334 -12.73 -14.87 -11.02
C GLU A 334 -14.00 -14.99 -11.85
N ARG A 335 -13.95 -15.74 -12.95
CA ARG A 335 -15.09 -15.83 -13.90
C ARG A 335 -15.54 -17.29 -14.02
N ASN A 336 -14.64 -18.23 -13.73
CA ASN A 336 -15.02 -19.53 -13.10
C ASN A 336 -13.93 -19.95 -12.11
N ALA A 337 -14.24 -19.92 -10.81
CA ALA A 337 -13.44 -20.65 -9.79
C ALA A 337 -13.69 -22.15 -9.93
N HIS A 338 -12.71 -22.98 -9.53
CA HIS A 338 -12.88 -24.46 -9.52
C HIS A 338 -12.50 -25.01 -8.14
N ASN A 339 -12.55 -24.16 -7.10
CA ASN A 339 -12.40 -24.62 -5.70
C ASN A 339 -13.33 -23.81 -4.79
N PHE A 340 -14.59 -23.66 -5.19
CA PHE A 340 -15.61 -22.99 -4.35
C PHE A 340 -17.01 -23.37 -4.84
N PRO A 341 -17.77 -24.09 -4.00
CA PRO A 341 -19.19 -23.80 -3.78
C PRO A 341 -19.40 -22.34 -3.32
N ARG B 7 2.54 38.03 5.57
CA ARG B 7 2.00 38.19 4.22
C ARG B 7 1.23 39.49 4.11
N VAL B 8 0.18 39.47 3.30
CA VAL B 8 -0.54 40.68 2.93
C VAL B 8 -1.20 41.37 4.13
N HIS B 9 -1.88 40.62 5.00
CA HIS B 9 -2.71 41.23 6.05
C HIS B 9 -1.92 41.78 7.23
N THR B 10 -0.58 41.72 7.20
CA THR B 10 0.25 42.18 8.31
C THR B 10 0.40 43.69 8.35
N SER B 11 -0.48 44.42 7.67
CA SER B 11 -0.48 45.87 7.63
C SER B 11 -0.90 46.52 8.95
N VAL B 12 -1.74 45.84 9.72
CA VAL B 12 -2.42 46.46 10.84
C VAL B 12 -1.78 46.09 12.18
N LEU B 13 -0.60 45.45 12.15
CA LEU B 13 0.08 45.05 13.39
C LEU B 13 0.56 46.25 14.20
N ASN B 14 0.91 47.35 13.54
CA ASN B 14 1.46 48.52 14.21
C ASN B 14 0.38 49.56 14.50
N ASP B 15 -0.88 49.13 14.45
CA ASP B 15 -2.01 50.04 14.67
C ASP B 15 -3.17 49.29 15.31
N PRO B 16 -3.55 49.65 16.53
CA PRO B 16 -4.68 48.98 17.19
C PRO B 16 -6.03 49.30 16.58
N GLY B 17 -6.25 50.57 16.25
CA GLY B 17 -7.58 51.00 15.84
C GLY B 17 -7.99 50.45 14.49
N ARG B 18 -7.01 50.11 13.65
CA ARG B 18 -7.30 49.54 12.33
C ARG B 18 -7.43 48.03 12.44
N LEU B 19 -7.36 47.51 13.65
CA LEU B 19 -7.52 46.07 13.84
C LEU B 19 -8.85 45.89 14.54
N ILE B 20 -9.28 46.92 15.26
CA ILE B 20 -10.67 47.02 15.66
C ILE B 20 -11.56 47.14 14.42
N ALA B 21 -11.12 47.95 13.44
CA ALA B 21 -11.84 48.10 12.18
C ALA B 21 -11.93 46.79 11.43
N VAL B 22 -10.82 46.08 11.35
CA VAL B 22 -10.77 44.81 10.65
C VAL B 22 -11.60 43.75 11.36
N HIS B 23 -11.69 43.86 12.69
CA HIS B 23 -12.49 42.90 13.50
C HIS B 23 -13.99 43.23 13.37
N ILE B 24 -14.35 44.52 13.32
CA ILE B 24 -15.74 44.93 13.12
C ILE B 24 -16.20 44.55 11.73
N MET B 25 -15.35 44.78 10.73
CA MET B 25 -15.59 44.31 9.37
C MET B 25 -15.91 42.82 9.32
N HIS B 26 -15.15 42.03 10.08
CA HIS B 26 -15.41 40.57 10.12
C HIS B 26 -16.76 40.31 10.80
N ASN B 27 -17.07 41.06 11.85
CA ASN B 27 -18.37 40.95 12.51
C ASN B 27 -19.51 41.35 11.58
N ALA B 28 -19.26 42.29 10.68
CA ALA B 28 -20.24 42.63 9.66
C ALA B 28 -20.47 41.47 8.70
N LEU B 29 -19.39 40.81 8.28
CA LEU B 29 -19.50 39.73 7.32
C LEU B 29 -20.16 38.51 7.95
N CYS B 30 -19.88 38.28 9.23
CA CYS B 30 -20.43 37.11 9.91
C CYS B 30 -21.93 37.25 10.12
N ALA B 31 -22.36 38.39 10.66
CA ALA B 31 -23.79 38.58 10.91
C ALA B 31 -24.54 38.75 9.60
N GLY B 32 -23.92 39.37 8.61
CA GLY B 32 -24.52 39.53 7.31
C GLY B 32 -24.77 38.20 6.63
N PHE B 33 -23.80 37.30 6.74
CA PHE B 33 -24.02 35.94 6.28
C PHE B 33 -25.14 35.27 7.04
N ALA B 34 -25.12 35.40 8.37
CA ALA B 34 -26.06 34.69 9.21
C ALA B 34 -27.50 35.12 8.92
N GLY B 35 -27.69 36.42 8.68
CA GLY B 35 -29.00 36.91 8.29
C GLY B 35 -29.42 36.54 6.89
N SER B 36 -28.47 36.45 5.96
CA SER B 36 -28.80 36.12 4.58
C SER B 36 -28.81 34.63 4.31
N MET B 37 -28.00 33.85 5.04
CA MET B 37 -28.11 32.40 5.00
C MET B 37 -29.45 31.95 5.54
N LEU B 38 -29.90 32.56 6.63
CA LEU B 38 -31.20 32.22 7.21
C LEU B 38 -32.34 32.66 6.33
N LEU B 39 -32.16 33.73 5.55
CA LEU B 39 -33.16 34.08 4.56
C LEU B 39 -33.16 33.10 3.40
N PHE B 40 -31.99 32.60 3.02
CA PHE B 40 -31.91 31.58 1.98
C PHE B 40 -32.59 30.29 2.42
N GLU B 41 -32.43 29.93 3.69
CA GLU B 41 -33.06 28.73 4.20
C GLU B 41 -34.57 28.89 4.28
N LEU B 42 -35.04 30.10 4.60
CA LEU B 42 -36.47 30.35 4.72
C LEU B 42 -37.15 30.28 3.35
N ALA B 43 -36.46 30.71 2.31
CA ALA B 43 -37.01 30.63 0.96
C ALA B 43 -37.16 29.18 0.52
N LEU B 44 -36.21 28.33 0.88
CA LEU B 44 -36.24 26.94 0.46
C LEU B 44 -37.07 26.06 1.38
N PHE B 45 -37.43 26.55 2.56
CA PHE B 45 -38.04 25.69 3.55
C PHE B 45 -39.49 25.37 3.22
N ASP B 46 -39.85 24.09 3.32
CA ASP B 46 -41.24 23.68 3.30
C ASP B 46 -41.71 23.48 4.73
N PRO B 47 -42.61 24.30 5.25
CA PRO B 47 -43.09 24.14 6.63
C PRO B 47 -44.32 23.26 6.80
N SER B 48 -44.78 22.61 5.75
CA SER B 48 -46.03 21.87 5.75
C SER B 48 -45.98 20.59 6.59
N ASP B 49 -44.94 19.77 6.44
CA ASP B 49 -44.87 18.51 7.16
C ASP B 49 -43.70 18.52 8.15
N PRO B 50 -43.96 18.81 9.42
CA PRO B 50 -42.89 18.67 10.41
C PRO B 50 -42.64 17.21 10.76
N VAL B 51 -43.61 16.35 10.44
CA VAL B 51 -43.46 14.92 10.67
C VAL B 51 -42.55 14.31 9.63
N LEU B 52 -42.84 14.56 8.35
CA LEU B 52 -42.21 13.83 7.27
C LEU B 52 -41.26 14.67 6.43
N ASN B 53 -41.30 15.99 6.55
CA ASN B 53 -40.30 16.86 5.92
C ASN B 53 -39.78 17.86 6.94
N PRO B 54 -39.14 17.41 8.02
CA PRO B 54 -38.62 18.35 9.03
C PRO B 54 -37.40 19.08 8.48
N MET B 55 -36.90 20.03 9.27
CA MET B 55 -35.83 20.90 8.81
C MET B 55 -34.53 20.13 8.62
N TRP B 56 -34.33 19.02 9.32
CA TRP B 56 -33.09 18.28 9.16
C TRP B 56 -33.07 17.46 7.89
N ARG B 57 -34.23 17.26 7.25
CA ARG B 57 -34.27 16.65 5.93
C ARG B 57 -34.09 17.66 4.82
N GLN B 58 -34.12 18.96 5.15
CA GLN B 58 -34.16 20.03 4.16
C GLN B 58 -32.89 20.86 4.13
N GLY B 59 -31.80 20.36 4.70
CA GLY B 59 -30.52 21.02 4.60
C GLY B 59 -30.46 22.36 5.31
N CYS B 60 -31.35 22.57 6.28
CA CYS B 60 -31.37 23.80 7.05
C CYS B 60 -30.19 23.78 8.00
N PHE B 61 -29.20 24.62 7.71
CA PHE B 61 -28.03 24.71 8.57
C PHE B 61 -28.31 25.59 9.77
N LEU B 62 -28.77 26.81 9.53
CA LEU B 62 -28.87 27.80 10.61
C LEU B 62 -30.17 27.71 11.39
N MET B 63 -31.25 27.33 10.72
CA MET B 63 -32.59 27.23 11.27
C MET B 63 -32.67 26.38 12.55
N PRO B 64 -32.03 25.21 12.67
CA PRO B 64 -32.06 24.53 13.97
C PRO B 64 -31.35 25.28 15.08
N PHE B 65 -30.30 26.04 14.75
CA PHE B 65 -29.59 26.81 15.77
C PHE B 65 -30.44 27.99 16.25
N VAL B 66 -31.26 28.55 15.37
CA VAL B 66 -32.19 29.59 15.77
C VAL B 66 -33.30 29.01 16.63
N SER B 67 -33.84 27.85 16.25
CA SER B 67 -34.94 27.24 16.97
C SER B 67 -34.51 26.51 18.23
N ARG B 68 -33.24 26.14 18.33
CA ARG B 68 -32.67 25.63 19.56
C ARG B 68 -32.90 26.58 20.73
N LEU B 69 -32.85 27.89 20.46
CA LEU B 69 -32.81 28.88 21.51
C LEU B 69 -34.16 29.54 21.75
N GLY B 70 -35.18 29.19 20.96
CA GLY B 70 -36.50 29.68 21.27
C GLY B 70 -37.26 30.31 20.12
N VAL B 71 -36.60 30.59 19.00
CA VAL B 71 -37.27 31.23 17.87
C VAL B 71 -37.70 30.13 16.92
N VAL B 72 -39.00 29.82 16.92
CA VAL B 72 -39.52 28.70 16.17
C VAL B 72 -40.59 29.11 15.17
N ASN B 73 -41.07 30.35 15.23
CA ASN B 73 -42.15 30.81 14.38
C ASN B 73 -41.61 31.58 13.19
N SER B 74 -42.33 31.51 12.09
CA SER B 74 -42.20 32.48 11.01
C SER B 74 -43.29 33.54 11.16
N TRP B 75 -43.05 34.72 10.60
CA TRP B 75 -44.08 35.74 10.60
C TRP B 75 -45.17 35.45 9.58
N GLN B 76 -44.95 34.47 8.70
CA GLN B 76 -46.01 33.94 7.86
C GLN B 76 -47.06 33.20 8.67
N GLY B 77 -46.74 32.84 9.90
CA GLY B 77 -47.68 32.16 10.79
C GLY B 77 -47.25 30.78 11.23
N TRP B 78 -46.44 30.07 10.46
CA TRP B 78 -46.11 28.69 10.78
C TRP B 78 -45.00 28.61 11.81
N SER B 79 -44.95 27.50 12.53
CA SER B 79 -43.86 27.20 13.44
C SER B 79 -43.26 25.86 13.08
N VAL B 80 -41.97 25.71 13.41
CA VAL B 80 -41.32 24.45 13.11
C VAL B 80 -41.71 23.37 14.09
N THR B 81 -42.32 23.71 15.22
CA THR B 81 -42.79 22.66 16.10
C THR B 81 -43.97 21.91 15.47
N GLY B 82 -45.16 22.50 15.50
CA GLY B 82 -46.24 21.94 14.73
C GLY B 82 -47.31 22.89 14.23
N GLU B 83 -47.29 24.14 14.68
CA GLU B 83 -48.52 24.92 14.68
C GLU B 83 -48.45 26.21 13.86
N THR B 84 -49.55 26.96 13.84
CA THR B 84 -49.79 28.01 12.85
C THR B 84 -50.36 29.29 13.42
N PHE B 85 -49.70 29.86 14.44
CA PHE B 85 -50.18 31.05 15.15
C PHE B 85 -50.62 32.18 14.24
N THR B 86 -51.72 32.84 14.61
CA THR B 86 -52.15 34.07 13.96
C THR B 86 -51.14 35.18 14.22
N ASN B 87 -50.78 35.38 15.49
CA ASN B 87 -49.65 36.24 15.83
C ASN B 87 -48.48 35.37 16.27
N PRO B 88 -47.40 35.34 15.51
CA PRO B 88 -46.22 34.55 15.91
C PRO B 88 -45.26 35.26 16.84
N GLY B 89 -45.62 36.43 17.36
CA GLY B 89 -44.72 37.24 18.14
C GLY B 89 -43.83 38.10 17.26
N PHE B 90 -43.02 38.91 17.92
CA PHE B 90 -42.08 39.76 17.19
C PHE B 90 -40.90 38.95 16.65
N TRP B 91 -40.27 38.15 17.51
CA TRP B 91 -39.05 37.45 17.16
C TRP B 91 -39.35 36.18 16.38
N THR B 92 -39.14 36.23 15.08
CA THR B 92 -39.32 35.12 14.17
C THR B 92 -38.01 34.89 13.43
N PHE B 93 -37.98 33.85 12.59
CA PHE B 93 -36.81 33.61 11.74
C PHE B 93 -36.50 34.79 10.85
N GLU B 94 -37.54 35.54 10.46
CA GLU B 94 -37.34 36.70 9.60
C GLU B 94 -36.71 37.86 10.36
N THR B 95 -37.21 38.15 11.56
CA THR B 95 -36.63 39.26 12.31
C THR B 95 -35.31 38.90 12.98
N VAL B 96 -35.05 37.62 13.20
CA VAL B 96 -33.69 37.20 13.54
C VAL B 96 -32.76 37.49 12.36
N ALA B 97 -33.19 37.14 11.15
CA ALA B 97 -32.40 37.38 9.96
C ALA B 97 -32.22 38.88 9.71
N ILE B 98 -33.30 39.64 9.86
CA ILE B 98 -33.25 41.08 9.62
C ILE B 98 -32.30 41.77 10.59
N ALA B 99 -32.42 41.38 11.86
CA ALA B 99 -31.61 41.98 12.95
C ALA B 99 -30.11 41.74 12.66
N HIS B 100 -29.78 40.59 12.07
CA HIS B 100 -28.37 40.26 11.74
C HIS B 100 -27.92 41.09 10.53
N ILE B 101 -28.82 41.31 9.56
CA ILE B 101 -28.50 42.11 8.39
C ILE B 101 -28.40 43.59 8.75
N ILE B 102 -29.27 44.07 9.65
CA ILE B 102 -29.21 45.46 10.09
C ILE B 102 -27.95 45.71 10.90
N PHE B 103 -27.57 44.74 11.73
CA PHE B 103 -26.31 44.85 12.47
C PHE B 103 -25.12 44.85 11.51
N SER B 104 -25.19 44.02 10.47
CA SER B 104 -24.08 43.90 9.52
C SER B 104 -23.82 45.21 8.79
N GLY B 105 -24.88 45.87 8.33
CA GLY B 105 -24.71 47.18 7.71
C GLY B 105 -24.21 48.21 8.69
N LEU B 106 -24.68 48.13 9.93
CA LEU B 106 -24.21 49.06 10.96
C LEU B 106 -22.77 48.76 11.34
N SER B 107 -22.38 47.48 11.28
CA SER B 107 -20.98 47.13 11.51
C SER B 107 -20.13 47.47 10.30
N PHE B 108 -20.71 47.45 9.11
CA PHE B 108 -20.01 47.98 7.95
C PHE B 108 -19.69 49.46 8.15
N LEU B 109 -20.65 50.22 8.66
CA LEU B 109 -20.46 51.65 8.86
C LEU B 109 -19.43 51.92 9.95
N ALA B 110 -19.42 51.07 10.99
CA ALA B 110 -18.51 51.28 12.11
C ALA B 110 -17.10 50.84 11.77
N ALA B 111 -16.94 49.83 10.92
CA ALA B 111 -15.61 49.44 10.48
C ALA B 111 -14.99 50.49 9.59
N CYS B 112 -15.81 51.16 8.78
CA CYS B 112 -15.29 52.25 7.94
C CYS B 112 -14.81 53.41 8.78
N TRP B 113 -15.56 53.75 9.85
CA TRP B 113 -15.17 54.87 10.70
C TRP B 113 -13.90 54.57 11.46
N HIS B 114 -13.72 53.30 11.83
CA HIS B 114 -12.55 52.87 12.64
C HIS B 114 -11.31 52.79 11.74
N TRP B 115 -11.50 52.52 10.45
CA TRP B 115 -10.40 52.43 9.51
C TRP B 115 -9.84 53.81 9.21
N VAL B 116 -10.68 54.84 9.35
CA VAL B 116 -10.25 56.19 8.98
C VAL B 116 -9.88 56.98 10.22
N TYR B 117 -10.58 56.74 11.33
CA TYR B 117 -10.42 57.59 12.51
C TYR B 117 -9.82 56.83 13.68
N TRP B 118 -8.75 56.06 13.43
CA TRP B 118 -8.18 55.22 14.48
C TRP B 118 -7.33 56.02 15.47
N ASP B 119 -6.98 57.26 15.15
CA ASP B 119 -6.06 58.03 15.98
C ASP B 119 -6.77 58.43 17.27
N VAL B 120 -6.94 57.46 18.16
CA VAL B 120 -7.65 57.70 19.42
C VAL B 120 -6.66 57.96 20.55
N ASP B 134 -2.64 48.44 26.60
CA ASP B 134 -3.25 48.51 27.93
C ASP B 134 -3.70 47.12 28.38
N LEU B 135 -2.78 46.16 28.43
CA LEU B 135 -3.27 44.85 28.82
C LEU B 135 -2.70 44.40 30.18
N PRO B 136 -2.78 45.25 31.24
CA PRO B 136 -3.10 44.68 32.54
C PRO B 136 -4.60 44.77 32.81
N LYS B 137 -5.34 45.22 31.81
CA LYS B 137 -6.76 45.49 32.01
C LYS B 137 -7.69 44.91 30.96
N VAL B 138 -7.27 44.80 29.69
CA VAL B 138 -8.21 44.58 28.59
C VAL B 138 -8.80 43.17 28.65
N PHE B 139 -7.95 42.16 28.85
CA PHE B 139 -8.42 40.79 28.94
C PHE B 139 -9.34 40.61 30.15
N GLY B 140 -9.07 41.35 31.22
CA GLY B 140 -9.97 41.33 32.36
C GLY B 140 -11.30 42.00 32.07
N ILE B 141 -11.28 43.04 31.22
CA ILE B 141 -12.54 43.62 30.77
C ILE B 141 -13.31 42.62 29.93
N HIS B 142 -12.61 41.95 29.01
CA HIS B 142 -13.25 41.03 28.08
C HIS B 142 -13.85 39.83 28.80
N LEU B 143 -13.27 39.46 29.95
CA LEU B 143 -13.70 38.25 30.64
C LEU B 143 -14.94 38.48 31.49
N THR B 144 -15.09 39.65 32.11
CA THR B 144 -16.35 39.95 32.79
C THR B 144 -17.50 40.09 31.81
N LEU B 145 -17.25 40.75 30.68
CA LEU B 145 -18.27 40.93 29.65
C LEU B 145 -18.77 39.58 29.15
N ALA B 146 -17.85 38.68 28.83
CA ALA B 146 -18.22 37.33 28.43
C ALA B 146 -18.90 36.59 29.57
N GLY B 147 -18.44 36.81 30.80
CA GLY B 147 -19.08 36.21 31.95
C GLY B 147 -20.48 36.76 32.19
N ILE B 148 -20.65 38.06 31.99
CA ILE B 148 -21.97 38.68 32.15
C ILE B 148 -22.92 38.13 31.08
N LEU B 149 -22.40 37.99 29.85
CA LEU B 149 -23.17 37.38 28.77
C LEU B 149 -23.49 35.93 29.07
N CYS B 150 -22.50 35.17 29.54
CA CYS B 150 -22.69 33.74 29.77
C CYS B 150 -23.64 33.49 30.93
N PHE B 151 -23.42 34.20 32.05
CA PHE B 151 -24.33 34.07 33.17
C PHE B 151 -25.74 34.49 32.77
N GLY B 152 -25.84 35.62 32.07
CA GLY B 152 -27.14 36.10 31.62
C GLY B 152 -27.83 35.22 30.62
N PHE B 153 -27.08 34.56 29.74
CA PHE B 153 -27.68 33.61 28.81
C PHE B 153 -28.26 32.42 29.56
N GLY B 154 -27.49 31.85 30.48
CA GLY B 154 -27.95 30.73 31.27
C GLY B 154 -29.06 31.07 32.23
N ALA B 155 -28.97 32.21 32.91
CA ALA B 155 -29.89 32.50 34.00
C ALA B 155 -31.16 33.20 33.56
N PHE B 156 -31.18 33.83 32.39
CA PHE B 156 -32.36 34.58 31.97
C PHE B 156 -32.99 34.03 30.71
N HIS B 157 -32.16 33.74 29.71
CA HIS B 157 -32.66 33.17 28.43
C HIS B 157 -33.05 31.70 28.65
N LEU B 158 -32.09 30.87 29.07
CA LEU B 158 -32.29 29.43 29.11
C LEU B 158 -33.24 29.01 30.22
N THR B 159 -33.19 29.69 31.38
CA THR B 159 -34.15 29.41 32.43
C THR B 159 -35.57 29.78 32.04
N GLY B 160 -35.74 30.70 31.10
CA GLY B 160 -37.05 31.20 30.80
C GLY B 160 -37.53 32.29 31.73
N LEU B 161 -36.71 32.69 32.71
CA LEU B 161 -37.11 33.72 33.66
C LEU B 161 -37.39 35.03 32.95
N PHE B 162 -36.45 35.48 32.13
CA PHE B 162 -36.66 36.63 31.26
C PHE B 162 -36.22 36.25 29.84
N GLY B 163 -36.73 35.14 29.35
CA GLY B 163 -36.40 34.67 28.02
C GLY B 163 -37.29 33.53 27.61
N PRO B 164 -37.10 33.02 26.39
CA PRO B 164 -37.97 31.95 25.89
C PRO B 164 -37.65 30.58 26.46
N GLY B 165 -36.43 30.35 26.92
CA GLY B 165 -36.03 29.00 27.25
C GLY B 165 -35.22 28.44 26.09
N MET B 166 -35.21 27.12 26.01
CA MET B 166 -34.54 26.39 24.94
C MET B 166 -35.44 25.25 24.48
N TRP B 167 -35.06 24.65 23.37
CA TRP B 167 -35.76 23.47 22.87
C TRP B 167 -35.42 22.26 23.73
N VAL B 168 -36.45 21.59 24.23
CA VAL B 168 -36.31 20.31 24.89
C VAL B 168 -37.33 19.35 24.31
N SER B 169 -37.04 18.06 24.38
CA SER B 169 -37.94 17.04 23.88
C SER B 169 -37.82 15.80 24.76
N ASP B 170 -38.70 14.84 24.52
CA ASP B 170 -38.59 13.50 25.06
C ASP B 170 -37.49 12.80 24.28
N PRO B 171 -36.89 11.71 24.78
CA PRO B 171 -35.83 11.05 24.01
C PRO B 171 -36.29 10.37 22.74
N LEU B 172 -37.61 10.28 22.52
CA LEU B 172 -38.10 9.79 21.25
C LEU B 172 -38.19 10.89 20.19
N GLY B 173 -38.10 12.15 20.61
CA GLY B 173 -38.15 13.26 19.68
C GLY B 173 -39.47 13.43 19.00
N LEU B 174 -40.55 13.33 19.78
CA LEU B 174 -41.89 13.46 19.25
C LEU B 174 -42.59 14.73 19.70
N THR B 175 -42.20 15.30 20.84
CA THR B 175 -42.91 16.40 21.49
C THR B 175 -41.95 17.53 21.84
N GLY B 176 -41.11 17.94 20.90
CA GLY B 176 -40.18 19.03 21.16
C GLY B 176 -40.86 20.38 21.14
N HIS B 177 -40.48 21.23 22.09
CA HIS B 177 -41.07 22.56 22.19
C HIS B 177 -40.10 23.45 22.93
N ILE B 178 -40.43 24.73 23.01
CA ILE B 178 -39.63 25.71 23.72
C ILE B 178 -40.18 25.86 25.13
N GLN B 179 -39.33 25.65 26.13
CA GLN B 179 -39.70 25.90 27.51
C GLN B 179 -38.46 26.33 28.27
N GLY B 180 -38.67 27.03 29.38
CA GLY B 180 -37.58 27.36 30.25
C GLY B 180 -37.06 26.13 30.95
N VAL B 181 -35.81 26.12 31.36
CA VAL B 181 -35.21 24.92 31.96
C VAL B 181 -34.54 25.31 33.27
N ALA B 182 -34.88 24.59 34.32
CA ALA B 182 -34.28 24.82 35.62
C ALA B 182 -32.83 24.31 35.62
N PRO B 183 -31.89 25.05 36.21
CA PRO B 183 -30.49 24.57 36.25
C PRO B 183 -30.33 23.29 37.06
N GLU B 184 -29.61 22.33 36.50
CA GLU B 184 -29.36 21.04 37.14
C GLU B 184 -27.97 21.08 37.76
N TRP B 185 -27.92 21.29 39.06
CA TRP B 185 -26.69 21.69 39.74
C TRP B 185 -25.84 20.54 40.23
N GLY B 186 -26.29 19.30 40.08
CA GLY B 186 -25.51 18.17 40.55
C GLY B 186 -24.81 17.42 39.44
N ALA B 187 -24.51 16.14 39.67
CA ALA B 187 -23.86 15.31 38.69
C ALA B 187 -24.80 14.87 37.58
N ALA B 188 -26.10 15.06 37.76
CA ALA B 188 -27.07 14.86 36.70
C ALA B 188 -26.94 15.94 35.64
N GLY B 189 -26.35 17.08 35.98
CA GLY B 189 -26.12 18.17 35.08
C GLY B 189 -25.00 17.92 34.08
N PHE B 190 -24.09 17.01 34.40
CA PHE B 190 -23.03 16.65 33.48
C PHE B 190 -23.43 15.50 32.56
N ASP B 191 -24.63 14.98 32.72
CA ASP B 191 -25.19 14.10 31.72
C ASP B 191 -25.49 14.93 30.47
N PRO B 192 -24.91 14.60 29.31
CA PRO B 192 -25.09 15.46 28.12
C PRO B 192 -26.53 15.57 27.65
N HIS B 193 -27.40 14.61 27.95
CA HIS B 193 -28.79 14.68 27.53
C HIS B 193 -29.69 15.35 28.55
N ASN B 194 -29.11 15.89 29.63
CA ASN B 194 -29.90 16.66 30.59
C ASN B 194 -29.88 18.12 30.17
N PRO B 195 -31.02 18.72 29.82
CA PRO B 195 -31.01 20.13 29.42
C PRO B 195 -30.68 21.08 30.56
N GLY B 196 -30.96 20.69 31.80
CA GLY B 196 -30.68 21.53 32.94
C GLY B 196 -29.22 21.75 33.22
N GLY B 197 -28.37 20.83 32.78
CA GLY B 197 -26.95 20.97 32.98
C GLY B 197 -26.37 22.11 32.19
N VAL B 198 -26.90 22.31 30.99
CA VAL B 198 -26.43 23.38 30.12
C VAL B 198 -26.81 24.74 30.69
N VAL B 199 -27.99 24.81 31.30
CA VAL B 199 -28.39 26.00 32.03
C VAL B 199 -27.47 26.24 33.22
N ALA B 200 -27.20 25.21 34.01
CA ALA B 200 -26.36 25.34 35.18
C ALA B 200 -24.91 25.60 34.82
N HIS B 201 -24.48 25.04 33.68
CA HIS B 201 -23.09 25.28 33.18
C HIS B 201 -22.90 26.78 32.94
N HIS B 202 -23.89 27.43 32.33
CA HIS B 202 -23.75 28.84 31.87
C HIS B 202 -23.84 29.79 33.07
N ILE B 203 -24.68 29.46 34.05
CA ILE B 203 -24.73 30.23 35.28
C ILE B 203 -23.42 30.10 36.04
N ALA B 204 -22.92 28.86 36.16
CA ALA B 204 -21.72 28.62 36.95
C ALA B 204 -20.47 29.18 36.25
N LEU B 205 -20.31 28.92 34.96
CA LEU B 205 -19.12 29.40 34.28
C LEU B 205 -19.20 30.91 34.07
N GLY B 206 -20.42 31.43 33.95
CA GLY B 206 -20.61 32.87 33.89
C GLY B 206 -20.17 33.56 35.16
N ILE B 207 -20.51 33.00 36.32
CA ILE B 207 -20.03 33.56 37.58
C ILE B 207 -18.52 33.43 37.68
N VAL B 208 -17.99 32.27 37.29
CA VAL B 208 -16.56 32.02 37.36
C VAL B 208 -15.82 32.99 36.44
N ALA B 209 -16.39 33.28 35.27
CA ALA B 209 -15.73 34.21 34.36
C ALA B 209 -15.84 35.66 34.84
N ILE B 210 -16.92 36.00 35.56
CA ILE B 210 -17.01 37.35 36.13
C ILE B 210 -16.02 37.50 37.28
N ILE B 211 -15.93 36.49 38.14
CA ILE B 211 -14.97 36.52 39.24
C ILE B 211 -13.55 36.52 38.70
N GLY B 212 -13.29 35.68 37.70
CA GLY B 212 -11.98 35.69 37.07
C GLY B 212 -11.67 36.98 36.35
N GLY B 213 -12.69 37.57 35.74
CA GLY B 213 -12.51 38.82 35.03
C GLY B 213 -12.22 40.00 35.92
N LEU B 214 -13.02 40.19 36.97
CA LEU B 214 -12.73 41.24 37.95
C LEU B 214 -11.45 40.95 38.72
N PHE B 215 -11.06 39.68 38.80
CA PHE B 215 -9.74 39.37 39.33
C PHE B 215 -8.65 39.96 38.46
N HIS B 216 -8.79 39.81 37.14
CA HIS B 216 -7.78 40.26 36.19
C HIS B 216 -7.87 41.74 35.85
N ILE B 217 -8.85 42.45 36.40
CA ILE B 217 -8.87 43.89 36.25
C ILE B 217 -8.04 44.50 37.38
N PHE B 218 -8.32 44.09 38.61
CA PHE B 218 -7.76 44.71 39.79
C PHE B 218 -6.51 44.00 40.31
N VAL B 219 -6.45 42.67 40.22
CA VAL B 219 -5.26 41.93 40.62
C VAL B 219 -4.56 41.39 39.39
N ARG B 220 -3.63 42.16 38.83
CA ARG B 220 -2.97 41.79 37.59
C ARG B 220 -1.66 42.55 37.40
N GLY B 232 2.65 39.26 25.75
CA GLY B 232 3.13 40.47 25.10
C GLY B 232 2.82 40.53 23.61
N ASN B 233 3.17 39.47 22.89
CA ASN B 233 2.92 39.45 21.46
C ASN B 233 1.42 39.25 21.20
N ILE B 234 0.91 39.99 20.22
CA ILE B 234 -0.47 39.82 19.84
C ILE B 234 -0.66 38.59 18.98
N GLU B 235 0.42 38.07 18.39
CA GLU B 235 0.36 36.78 17.71
C GLU B 235 0.20 35.64 18.70
N GLY B 236 0.77 35.77 19.90
CA GLY B 236 0.56 34.77 20.93
C GLY B 236 -0.86 34.73 21.41
N THR B 237 -1.49 35.89 21.50
CA THR B 237 -2.90 35.96 21.84
C THR B 237 -3.77 35.35 20.75
N LEU B 238 -3.41 35.59 19.49
CA LEU B 238 -4.10 34.94 18.38
C LEU B 238 -3.92 33.43 18.45
N ALA B 239 -2.70 32.99 18.75
CA ALA B 239 -2.40 31.57 18.79
C ALA B 239 -3.18 30.84 19.87
N SER B 240 -3.22 31.40 21.08
CA SER B 240 -3.97 30.75 22.15
C SER B 240 -5.46 30.77 21.90
N GLY B 241 -5.95 31.81 21.22
CA GLY B 241 -7.35 31.82 20.82
C GLY B 241 -7.67 30.76 19.81
N LEU B 242 -6.74 30.48 18.90
CA LEU B 242 -6.94 29.41 17.93
C LEU B 242 -6.95 28.05 18.60
N ALA B 243 -6.22 27.90 19.69
CA ALA B 243 -6.24 26.66 20.46
C ALA B 243 -7.62 26.38 21.02
N VAL B 244 -8.25 27.41 21.58
CA VAL B 244 -9.61 27.29 22.10
C VAL B 244 -10.58 26.96 20.97
N PHE B 245 -10.34 27.54 19.79
CA PHE B 245 -11.26 27.39 18.68
C PHE B 245 -11.23 25.98 18.11
N PHE B 246 -10.04 25.41 17.93
CA PHE B 246 -9.99 24.07 17.37
C PHE B 246 -10.46 23.03 18.36
N SER B 247 -10.08 23.17 19.63
CA SER B 247 -10.54 22.23 20.65
C SER B 247 -12.05 22.28 20.79
N GLY B 248 -12.60 23.49 20.79
CA GLY B 248 -14.04 23.63 20.81
C GLY B 248 -14.70 23.07 19.57
N ALA B 249 -14.03 23.19 18.41
CA ALA B 249 -14.61 22.72 17.17
C ALA B 249 -14.79 21.21 17.19
N PHE B 250 -13.79 20.50 17.70
CA PHE B 250 -13.90 19.05 17.89
C PHE B 250 -15.00 18.72 18.89
N ILE B 251 -15.08 19.49 19.97
CA ILE B 251 -16.14 19.28 20.96
C ILE B 251 -17.50 19.57 20.34
N ALA B 252 -17.60 20.66 19.58
CA ALA B 252 -18.84 20.98 18.88
C ALA B 252 -19.19 19.91 17.86
N ALA B 253 -18.19 19.42 17.13
CA ALA B 253 -18.41 18.33 16.19
C ALA B 253 -18.81 17.06 16.91
N GLY B 254 -18.21 16.79 18.06
CA GLY B 254 -18.52 15.58 18.80
C GLY B 254 -19.91 15.60 19.40
N THR B 255 -20.30 16.74 19.98
CA THR B 255 -21.64 16.82 20.58
C THR B 255 -22.71 16.81 19.51
N MET B 256 -22.43 17.41 18.35
CA MET B 256 -23.34 17.34 17.23
C MET B 256 -23.53 15.89 16.77
N TRP B 257 -22.42 15.19 16.57
CA TRP B 257 -22.47 13.86 15.97
C TRP B 257 -23.01 12.83 16.94
N TYR B 258 -22.72 12.98 18.23
CA TYR B 258 -23.17 12.02 19.22
C TYR B 258 -24.54 12.36 19.78
N GLY B 259 -24.91 13.63 19.78
CA GLY B 259 -26.24 14.03 20.18
C GLY B 259 -26.31 14.32 21.66
N THR B 260 -26.65 15.55 22.00
CA THR B 260 -26.80 15.95 23.40
C THR B 260 -28.14 16.63 23.57
N ALA B 261 -28.37 17.25 24.72
CA ALA B 261 -29.56 18.07 24.90
C ALA B 261 -29.54 19.27 23.97
N THR B 262 -28.36 19.75 23.61
CA THR B 262 -28.24 20.93 22.76
C THR B 262 -28.34 20.63 21.28
N THR B 263 -28.47 19.37 20.87
CA THR B 263 -28.74 19.05 19.47
C THR B 263 -29.94 18.11 19.38
N PRO B 264 -31.15 18.63 19.59
CA PRO B 264 -32.35 17.79 19.56
C PRO B 264 -32.58 17.16 18.19
N ILE B 265 -33.11 15.94 18.22
CA ILE B 265 -33.32 15.21 16.97
C ILE B 265 -34.49 15.77 16.16
N GLU B 266 -35.34 16.60 16.74
CA GLU B 266 -36.35 17.26 15.93
C GLU B 266 -35.78 18.39 15.11
N LEU B 267 -34.62 18.90 15.50
CA LEU B 267 -33.93 19.95 14.79
C LEU B 267 -32.79 19.42 13.94
N TRP B 268 -32.03 18.46 14.44
CA TRP B 268 -30.87 17.93 13.71
C TRP B 268 -31.01 16.48 13.31
N GLY B 269 -32.16 15.85 13.54
CA GLY B 269 -32.35 14.49 13.08
C GLY B 269 -31.78 13.46 14.02
N PRO B 270 -32.00 12.20 13.71
CA PRO B 270 -31.39 11.13 14.49
C PRO B 270 -29.88 11.10 14.28
N THR B 271 -29.18 10.55 15.26
CA THR B 271 -27.76 10.31 15.11
C THR B 271 -27.54 8.92 14.50
N ARG B 272 -26.32 8.68 14.03
CA ARG B 272 -25.99 7.37 13.50
C ARG B 272 -26.03 6.31 14.59
N TYR B 273 -25.83 6.71 15.84
CA TYR B 273 -25.81 5.78 16.95
C TYR B 273 -27.18 5.28 17.31
N GLN B 274 -28.21 6.10 17.08
CA GLN B 274 -29.58 5.64 17.31
C GLN B 274 -29.96 4.55 16.32
N TRP B 275 -29.48 4.65 15.08
CA TRP B 275 -29.65 3.54 14.14
C TRP B 275 -28.80 2.35 14.55
N ASP B 276 -27.57 2.58 15.04
CA ASP B 276 -26.64 1.49 15.35
C ASP B 276 -27.22 0.52 16.37
N GLN B 277 -27.83 1.04 17.43
CA GLN B 277 -28.37 0.20 18.49
C GLN B 277 -29.86 -0.06 18.32
N GLY B 278 -30.46 0.40 17.22
CA GLY B 278 -31.87 0.18 16.95
C GLY B 278 -32.75 0.81 18.00
N PHE B 279 -32.35 2.01 18.43
CA PHE B 279 -32.96 2.72 19.54
C PHE B 279 -34.44 3.02 19.27
N PHE B 280 -34.78 3.43 18.05
CA PHE B 280 -36.17 3.69 17.73
C PHE B 280 -36.90 2.39 17.42
N GLN B 281 -36.20 1.40 16.87
CA GLN B 281 -36.80 0.08 16.66
C GLN B 281 -37.22 -0.54 17.98
N GLN B 282 -36.37 -0.42 19.00
CA GLN B 282 -36.70 -0.94 20.31
C GLN B 282 -37.82 -0.14 20.97
N ALA B 283 -37.82 1.18 20.77
CA ALA B 283 -38.86 2.03 21.33
C ALA B 283 -40.21 1.73 20.70
N ILE B 284 -40.23 1.50 19.39
CA ILE B 284 -41.49 1.18 18.71
C ILE B 284 -42.00 -0.18 19.18
N SER B 285 -41.11 -1.17 19.22
CA SER B 285 -41.51 -2.52 19.63
C SER B 285 -41.93 -2.56 21.09
N ARG B 286 -41.33 -1.71 21.93
CA ARG B 286 -41.79 -1.55 23.29
C ARG B 286 -43.20 -0.96 23.33
N GLN B 287 -43.45 0.04 22.48
CA GLN B 287 -44.76 0.67 22.42
C GLN B 287 -45.83 -0.29 21.91
N VAL B 288 -45.44 -1.24 21.05
CA VAL B 288 -46.37 -2.20 20.48
C VAL B 288 -46.62 -3.36 21.43
N LYS B 289 -45.56 -3.93 22.03
CA LYS B 289 -45.73 -5.02 22.98
C LYS B 289 -46.46 -4.60 24.24
N ALA B 290 -46.31 -3.34 24.66
CA ALA B 290 -47.11 -2.84 25.77
C ALA B 290 -48.58 -2.79 25.37
N SER B 291 -48.86 -2.28 24.16
CA SER B 291 -50.22 -2.02 23.75
C SER B 291 -50.95 -3.29 23.34
N ILE B 292 -50.22 -4.27 22.80
CA ILE B 292 -50.80 -5.58 22.53
C ILE B 292 -51.20 -6.20 23.86
N SER B 293 -50.33 -6.04 24.87
CA SER B 293 -50.59 -6.63 26.18
C SER B 293 -51.76 -5.97 26.89
N ASP B 294 -52.11 -4.73 26.54
CA ASP B 294 -53.26 -4.13 27.19
C ASP B 294 -54.58 -4.74 26.70
N GLY B 295 -54.97 -4.44 25.47
CA GLY B 295 -56.10 -5.13 24.87
C GLY B 295 -56.05 -5.40 23.38
N LYS B 296 -55.15 -4.73 22.68
CA LYS B 296 -55.32 -4.48 21.25
C LYS B 296 -54.68 -5.55 20.37
N SER B 297 -55.13 -5.57 19.12
CA SER B 297 -54.62 -6.46 18.09
C SER B 297 -53.37 -5.86 17.45
N PRO B 298 -52.57 -6.68 16.74
CA PRO B 298 -51.39 -6.12 16.06
C PRO B 298 -51.72 -5.03 15.04
N SER B 299 -52.85 -5.14 14.35
CA SER B 299 -53.26 -4.08 13.43
C SER B 299 -53.61 -2.81 14.20
N GLU B 300 -54.18 -2.96 15.40
CA GLU B 300 -54.47 -1.79 16.22
C GLU B 300 -53.22 -1.27 16.91
N ALA B 301 -52.32 -2.18 17.31
CA ALA B 301 -51.11 -1.77 18.01
C ALA B 301 -50.19 -0.95 17.11
N TRP B 302 -49.91 -1.46 15.93
CA TRP B 302 -49.05 -0.77 14.97
C TRP B 302 -49.69 0.47 14.39
N SER B 303 -51.02 0.57 14.40
CA SER B 303 -51.66 1.81 13.98
C SER B 303 -51.47 2.91 15.02
N GLU B 304 -51.09 2.55 16.24
CA GLU B 304 -50.84 3.55 17.27
C GLU B 304 -49.44 4.13 17.22
N ILE B 305 -48.55 3.54 16.44
CA ILE B 305 -47.19 4.08 16.29
C ILE B 305 -47.29 5.36 15.48
N PRO B 306 -46.79 6.48 16.00
CA PRO B 306 -46.76 7.71 15.22
C PRO B 306 -45.87 7.56 13.99
N THR B 307 -46.29 8.20 12.90
CA THR B 307 -45.49 8.19 11.68
C THR B 307 -44.15 8.89 11.90
N LYS B 308 -44.12 9.87 12.80
CA LYS B 308 -42.89 10.51 13.20
C LYS B 308 -41.92 9.52 13.82
N LEU B 309 -42.44 8.68 14.72
CA LEU B 309 -41.62 7.68 15.39
C LEU B 309 -41.08 6.64 14.42
N ALA B 310 -41.93 6.15 13.52
CA ALA B 310 -41.49 5.17 12.53
C ALA B 310 -40.51 5.75 11.54
N PHE B 311 -40.61 7.06 11.27
CA PHE B 311 -39.70 7.72 10.34
C PHE B 311 -38.28 7.81 10.89
N TYR B 312 -38.13 7.93 12.20
CA TYR B 312 -36.81 7.92 12.82
C TYR B 312 -36.13 6.57 12.68
N ASP B 313 -36.91 5.49 12.61
CA ASP B 313 -36.38 4.15 12.50
C ASP B 313 -36.26 3.75 11.03
N TYR B 314 -35.52 4.56 10.29
CA TYR B 314 -35.32 4.34 8.87
C TYR B 314 -33.92 4.83 8.52
N ILE B 315 -33.13 3.96 7.89
CA ILE B 315 -31.70 4.22 7.72
C ILE B 315 -31.39 5.41 6.83
N GLY B 316 -32.32 5.84 5.99
CA GLY B 316 -32.07 7.04 5.23
C GLY B 316 -32.12 8.31 6.05
N ASN B 317 -32.56 8.21 7.30
CA ASN B 317 -32.49 9.31 8.23
C ASN B 317 -31.26 9.26 9.10
N SER B 318 -30.48 8.18 9.02
CA SER B 318 -29.20 8.15 9.70
C SER B 318 -28.22 9.07 8.98
N PRO B 319 -27.50 9.92 9.69
CA PRO B 319 -26.56 10.86 9.05
C PRO B 319 -25.28 10.24 8.54
N ALA B 320 -25.05 8.95 8.77
CA ALA B 320 -23.85 8.26 8.35
C ALA B 320 -24.04 7.46 7.07
N LYS B 321 -24.95 7.91 6.20
CA LYS B 321 -25.25 7.22 4.95
C LYS B 321 -24.91 8.05 3.73
N GLY B 322 -24.36 9.25 3.90
CA GLY B 322 -24.15 10.17 2.80
C GLY B 322 -22.87 9.92 2.05
N GLY B 323 -22.45 10.94 1.31
CA GLY B 323 -21.21 10.93 0.55
C GLY B 323 -20.59 12.31 0.56
N LEU B 324 -19.28 12.36 0.25
CA LEU B 324 -18.54 13.62 0.27
C LEU B 324 -19.13 14.64 -0.71
N PHE B 325 -19.48 14.18 -1.91
CA PHE B 325 -20.01 15.06 -2.94
C PHE B 325 -21.49 14.82 -3.23
N ARG B 326 -22.21 14.26 -2.27
CA ARG B 326 -23.67 14.20 -2.32
C ARG B 326 -24.17 15.45 -1.62
N VAL B 327 -24.38 16.46 -2.37
CA VAL B 327 -24.58 17.78 -1.81
C VAL B 327 -26.06 18.03 -1.56
N GLY B 328 -26.34 18.95 -0.65
CA GLY B 328 -27.69 19.42 -0.45
C GLY B 328 -28.42 18.71 0.67
N ARG B 329 -29.72 18.55 0.46
CA ARG B 329 -30.64 18.08 1.48
C ARG B 329 -30.80 16.58 1.39
N MET B 330 -31.21 15.98 2.52
CA MET B 330 -31.62 14.57 2.49
C MET B 330 -32.76 14.32 1.54
N VAL B 331 -33.62 15.31 1.35
CA VAL B 331 -34.76 15.17 0.46
C VAL B 331 -34.36 15.22 -1.01
N ASP B 332 -33.14 15.63 -1.31
CA ASP B 332 -32.59 15.53 -2.66
C ASP B 332 -32.10 14.12 -2.97
N GLY B 333 -32.16 13.22 -1.99
CA GLY B 333 -31.75 11.86 -2.11
C GLY B 333 -32.90 10.88 -2.25
N ASP B 334 -33.33 10.31 -1.13
CA ASP B 334 -34.49 9.41 -1.16
C ASP B 334 -35.76 10.14 -1.60
N GLY B 335 -35.86 11.43 -1.34
CA GLY B 335 -37.01 12.18 -1.80
C GLY B 335 -37.93 12.62 -0.68
N LEU B 336 -39.10 13.16 -1.04
CA LEU B 336 -40.10 13.53 -0.07
C LEU B 336 -40.83 12.28 0.37
N PRO B 337 -40.81 11.93 1.66
CA PRO B 337 -41.61 10.79 2.11
C PRO B 337 -43.09 11.08 1.95
N THR B 338 -43.82 10.13 1.35
CA THR B 338 -45.26 10.26 1.22
C THR B 338 -45.96 9.79 2.48
N GLY B 339 -45.61 8.60 2.97
CA GLY B 339 -46.20 8.11 4.19
C GLY B 339 -45.61 6.78 4.58
N TRP B 340 -45.81 6.42 5.84
CA TRP B 340 -45.40 5.11 6.33
C TRP B 340 -46.26 4.02 5.71
N LEU B 341 -45.62 2.94 5.28
CA LEU B 341 -46.35 1.80 4.73
C LEU B 341 -46.92 0.91 5.80
N GLY B 342 -46.47 1.06 7.04
CA GLY B 342 -46.77 0.11 8.08
C GLY B 342 -45.63 -0.87 8.29
N HIS B 343 -45.72 -1.59 9.39
CA HIS B 343 -44.68 -2.52 9.75
C HIS B 343 -44.83 -3.80 8.96
N PRO B 344 -43.82 -4.23 8.21
CA PRO B 344 -43.93 -5.50 7.47
C PRO B 344 -43.57 -6.67 8.37
N VAL B 345 -44.42 -7.69 8.37
CA VAL B 345 -44.18 -8.93 9.09
C VAL B 345 -44.09 -10.05 8.05
N PHE B 346 -42.96 -10.76 8.06
CA PHE B 346 -42.67 -11.78 7.07
C PHE B 346 -42.87 -13.17 7.66
N LYS B 347 -43.48 -14.05 6.86
CA LYS B 347 -43.74 -15.42 7.25
C LYS B 347 -43.33 -16.33 6.10
N ASP B 348 -42.66 -17.42 6.42
CA ASP B 348 -42.28 -18.39 5.41
C ASP B 348 -43.43 -19.37 5.16
N GLY B 349 -43.17 -20.46 4.45
CA GLY B 349 -44.16 -21.50 4.27
C GLY B 349 -44.56 -22.22 5.53
N GLU B 350 -43.73 -22.18 6.57
CA GLU B 350 -44.09 -22.81 7.83
C GLU B 350 -44.95 -21.88 8.67
N GLY B 351 -45.11 -20.64 8.24
CA GLY B 351 -45.83 -19.66 9.03
C GLY B 351 -45.10 -19.17 10.25
N ARG B 352 -43.78 -19.32 10.30
CA ARG B 352 -43.00 -18.80 11.41
C ARG B 352 -42.46 -17.43 11.04
N GLU B 353 -42.40 -16.54 12.02
CA GLU B 353 -42.12 -15.14 11.76
C GLU B 353 -40.68 -14.95 11.32
N LEU B 354 -40.49 -14.16 10.27
CA LEU B 354 -39.16 -13.90 9.73
C LEU B 354 -38.84 -12.43 9.86
N THR B 355 -37.55 -12.14 10.00
CA THR B 355 -37.08 -10.77 10.15
C THR B 355 -35.92 -10.53 9.20
N VAL B 356 -36.05 -9.50 8.36
CA VAL B 356 -34.92 -9.09 7.52
C VAL B 356 -33.84 -8.51 8.40
N ARG B 357 -32.60 -8.92 8.17
CA ARG B 357 -31.47 -8.31 8.85
C ARG B 357 -31.26 -6.90 8.31
N ARG B 358 -31.32 -5.93 9.22
CA ARG B 358 -31.27 -4.54 8.82
C ARG B 358 -29.88 -4.14 8.34
N MET B 359 -29.86 -3.17 7.43
CA MET B 359 -28.63 -2.63 6.92
C MET B 359 -27.87 -1.92 8.04
N PRO B 360 -26.59 -2.23 8.23
CA PRO B 360 -25.75 -1.35 9.04
C PRO B 360 -25.40 -0.09 8.28
N ASN B 361 -24.97 0.93 9.02
CA ASN B 361 -24.48 2.17 8.42
C ASN B 361 -23.32 1.93 7.46
N PHE B 362 -22.46 0.96 7.77
CA PHE B 362 -21.25 0.73 6.98
C PHE B 362 -21.55 0.27 5.56
N PHE B 363 -22.71 -0.34 5.31
CA PHE B 363 -22.96 -1.05 4.06
C PHE B 363 -23.81 -0.18 3.14
N GLU B 364 -23.26 0.15 1.97
CA GLU B 364 -24.03 0.85 0.91
C GLU B 364 -25.13 -0.09 0.40
N ASN B 365 -24.80 -1.37 0.23
CA ASN B 365 -25.78 -2.40 -0.05
C ASN B 365 -25.46 -3.58 0.85
N PHE B 366 -26.49 -4.35 1.17
CA PHE B 366 -26.42 -5.34 2.19
C PHE B 366 -27.23 -6.53 1.69
N PRO B 367 -26.71 -7.75 1.80
CA PRO B 367 -27.49 -8.92 1.39
C PRO B 367 -28.80 -9.01 2.15
N VAL B 368 -29.87 -9.30 1.42
CA VAL B 368 -31.20 -9.42 2.03
C VAL B 368 -31.32 -10.85 2.55
N VAL B 369 -31.25 -11.01 3.87
CA VAL B 369 -31.37 -12.30 4.52
C VAL B 369 -32.49 -12.20 5.54
N LEU B 370 -33.35 -13.21 5.59
CA LEU B 370 -34.47 -13.28 6.52
C LEU B 370 -34.19 -14.37 7.54
N PHE B 371 -34.31 -14.02 8.81
CA PHE B 371 -34.02 -14.91 9.91
C PHE B 371 -35.27 -15.20 10.71
N ASP B 372 -35.35 -16.40 11.26
CA ASP B 372 -36.44 -16.66 12.18
C ASP B 372 -36.08 -16.15 13.59
N GLN B 373 -36.94 -16.48 14.56
CA GLN B 373 -36.75 -15.96 15.91
C GLN B 373 -35.54 -16.58 16.59
N ASP B 374 -35.21 -17.82 16.24
CA ASP B 374 -34.06 -18.47 16.86
C ASP B 374 -32.75 -17.92 16.31
N GLY B 375 -32.74 -17.53 15.04
CA GLY B 375 -31.55 -16.96 14.43
C GLY B 375 -31.14 -17.66 13.15
N ILE B 376 -31.92 -18.66 12.76
CA ILE B 376 -31.61 -19.45 11.57
C ILE B 376 -32.06 -18.69 10.33
N VAL B 377 -31.23 -18.70 9.29
CA VAL B 377 -31.65 -18.21 7.98
C VAL B 377 -32.81 -19.05 7.47
N ARG B 378 -33.90 -18.40 7.10
CA ARG B 378 -35.02 -19.08 6.49
C ARG B 378 -35.23 -18.70 5.05
N ALA B 379 -34.90 -17.47 4.68
CA ALA B 379 -35.03 -17.01 3.31
C ALA B 379 -33.96 -15.96 3.05
N ASP B 380 -33.67 -15.75 1.77
CA ASP B 380 -32.82 -14.63 1.36
C ASP B 380 -33.11 -14.27 -0.09
N ILE B 381 -32.58 -13.13 -0.50
CA ILE B 381 -32.53 -12.78 -1.91
C ILE B 381 -31.13 -13.09 -2.40
N PRO B 382 -30.94 -14.17 -3.16
CA PRO B 382 -29.60 -14.60 -3.55
C PRO B 382 -29.00 -13.73 -4.63
N PHE B 383 -27.69 -13.92 -4.85
CA PHE B 383 -26.92 -12.92 -5.60
C PHE B 383 -27.15 -13.03 -7.10
N ARG B 384 -26.80 -14.19 -7.67
CA ARG B 384 -27.12 -14.51 -9.09
C ARG B 384 -28.64 -14.66 -9.22
N GLN B 385 -29.13 -15.91 -9.25
CA GLN B 385 -30.05 -16.41 -8.18
C GLN B 385 -30.04 -17.95 -8.22
N ALA B 386 -28.85 -18.55 -8.13
CA ALA B 386 -28.42 -19.58 -9.10
C ALA B 386 -29.22 -20.87 -8.88
N GLU B 387 -28.82 -21.67 -7.90
CA GLU B 387 -29.73 -22.09 -6.79
C GLU B 387 -29.62 -21.08 -5.64
N SER B 388 -30.71 -20.37 -5.35
CA SER B 388 -31.39 -20.47 -4.03
C SER B 388 -31.72 -21.94 -3.72
N LYS B 389 -31.38 -22.39 -2.52
CA LYS B 389 -32.31 -23.22 -1.70
C LYS B 389 -33.26 -22.30 -0.92
N TYR B 390 -32.77 -21.12 -0.53
CA TYR B 390 -33.50 -20.23 0.37
C TYR B 390 -34.22 -19.10 -0.34
N GLY B 391 -34.47 -19.21 -1.64
CA GLY B 391 -35.09 -18.09 -2.34
C GLY B 391 -36.51 -17.84 -1.89
N ILE B 392 -37.00 -16.62 -2.13
CA ILE B 392 -38.34 -16.24 -1.70
C ILE B 392 -39.39 -17.08 -2.43
N GLU B 393 -39.12 -17.41 -3.70
CA GLU B 393 -40.05 -18.16 -4.53
C GLU B 393 -40.30 -19.55 -3.96
N GLN B 394 -39.24 -20.23 -3.53
CA GLN B 394 -39.35 -21.60 -3.05
C GLN B 394 -39.63 -21.69 -1.55
N THR B 395 -39.22 -20.70 -0.77
CA THR B 395 -39.55 -20.68 0.65
C THR B 395 -41.01 -20.31 0.90
N GLY B 396 -41.68 -19.72 -0.09
CA GLY B 396 -43.06 -19.32 0.05
C GLY B 396 -43.28 -18.19 1.03
N VAL B 397 -42.38 -17.22 1.05
CA VAL B 397 -42.44 -16.14 2.02
C VAL B 397 -43.53 -15.15 1.63
N THR B 398 -44.36 -14.79 2.58
CA THR B 398 -45.35 -13.74 2.43
C THR B 398 -45.04 -12.59 3.38
N VAL B 399 -45.60 -11.42 3.10
CA VAL B 399 -45.43 -10.24 3.93
C VAL B 399 -46.81 -9.64 4.19
N SER B 400 -47.07 -9.29 5.45
CA SER B 400 -48.27 -8.60 5.85
C SER B 400 -47.89 -7.32 6.58
N PHE B 401 -48.69 -6.28 6.39
CA PHE B 401 -48.41 -4.97 6.95
C PHE B 401 -49.42 -4.64 8.03
N TYR B 402 -48.95 -4.07 9.13
CA TYR B 402 -49.80 -3.59 10.21
C TYR B 402 -49.55 -2.11 10.42
N GLY B 403 -50.61 -1.32 10.41
CA GLY B 403 -50.48 0.12 10.49
C GLY B 403 -50.11 0.73 9.16
N GLY B 404 -49.98 2.05 9.16
CA GLY B 404 -49.48 2.74 7.99
C GLY B 404 -50.43 2.66 6.82
N GLU B 405 -49.87 2.77 5.62
CA GLU B 405 -50.65 2.81 4.39
C GLU B 405 -51.22 1.44 4.05
N LEU B 406 -50.41 0.40 4.17
CA LEU B 406 -50.77 -0.94 3.73
C LEU B 406 -51.35 -1.80 4.83
N ASP B 407 -51.98 -1.20 5.83
CA ASP B 407 -52.50 -1.94 6.97
C ASP B 407 -53.56 -2.93 6.55
N GLY B 408 -53.38 -4.19 6.97
CA GLY B 408 -54.27 -5.26 6.68
C GLY B 408 -53.99 -5.98 5.37
N GLN B 409 -53.06 -5.47 4.58
CA GLN B 409 -52.76 -6.08 3.29
C GLN B 409 -51.70 -7.16 3.43
N THR B 410 -51.89 -8.24 2.69
CA THR B 410 -50.93 -9.33 2.62
C THR B 410 -50.48 -9.46 1.17
N PHE B 411 -49.19 -9.69 0.98
CA PHE B 411 -48.62 -9.94 -0.32
C PHE B 411 -47.96 -11.31 -0.32
N SER B 412 -48.14 -12.04 -1.41
CA SER B 412 -47.69 -13.42 -1.46
C SER B 412 -46.86 -13.65 -2.72
N ASP B 413 -47.05 -12.81 -3.73
CA ASP B 413 -46.27 -12.93 -4.94
C ASP B 413 -44.82 -12.55 -4.66
N PRO B 414 -43.84 -13.30 -5.18
CA PRO B 414 -42.45 -13.04 -4.85
C PRO B 414 -41.93 -11.67 -5.25
N LYS B 415 -42.42 -11.07 -6.32
CA LYS B 415 -41.96 -9.74 -6.71
C LYS B 415 -42.37 -8.70 -5.66
N ASP B 416 -43.57 -8.84 -5.10
CA ASP B 416 -43.99 -7.98 -3.99
C ASP B 416 -43.13 -8.21 -2.76
N VAL B 417 -42.95 -9.48 -2.38
CA VAL B 417 -42.25 -9.80 -1.13
C VAL B 417 -40.78 -9.42 -1.22
N LYS B 418 -40.15 -9.67 -2.37
CA LYS B 418 -38.77 -9.23 -2.57
C LYS B 418 -38.67 -7.71 -2.61
N LYS B 419 -39.72 -7.04 -3.07
CA LYS B 419 -39.71 -5.57 -3.07
C LYS B 419 -39.77 -5.03 -1.65
N TYR B 420 -40.61 -5.61 -0.81
CA TYR B 420 -40.74 -5.14 0.57
C TYR B 420 -39.66 -5.67 1.48
N ALA B 421 -39.01 -6.78 1.14
CA ALA B 421 -37.90 -7.25 1.95
C ALA B 421 -36.69 -6.33 1.82
N ARG B 422 -36.44 -5.82 0.61
CA ARG B 422 -35.38 -4.82 0.44
C ARG B 422 -35.73 -3.54 1.18
N ARG B 423 -37.00 -3.13 1.14
CA ARG B 423 -37.40 -1.93 1.86
C ARG B 423 -37.32 -2.12 3.37
N ALA B 424 -37.70 -3.30 3.86
CA ALA B 424 -37.65 -3.60 5.28
C ALA B 424 -36.22 -3.61 5.83
N GLN B 425 -35.24 -3.92 4.99
CA GLN B 425 -33.86 -3.94 5.42
C GLN B 425 -33.37 -2.55 5.82
N LEU B 426 -34.05 -1.50 5.38
CA LEU B 426 -33.75 -0.12 5.78
C LEU B 426 -34.63 0.36 6.92
N GLY B 427 -35.21 -0.55 7.69
CA GLY B 427 -36.06 -0.15 8.79
C GLY B 427 -37.49 -0.05 8.35
N GLU B 428 -38.23 0.88 8.91
CA GLU B 428 -39.65 1.02 8.60
C GLU B 428 -39.84 1.56 7.19
N PRO B 429 -40.66 0.91 6.35
CA PRO B 429 -40.77 1.32 4.95
C PRO B 429 -41.66 2.54 4.74
N PHE B 430 -41.21 3.42 3.87
CA PHE B 430 -41.91 4.65 3.54
C PHE B 430 -42.02 4.76 2.03
N GLU B 431 -43.11 5.38 1.58
CA GLU B 431 -43.22 5.74 0.17
C GLU B 431 -42.56 7.09 -0.03
N PHE B 432 -41.79 7.22 -1.11
CA PHE B 432 -41.09 8.46 -1.40
C PHE B 432 -41.54 9.02 -2.74
N ASP B 433 -41.72 10.33 -2.78
CA ASP B 433 -41.95 11.05 -4.02
C ASP B 433 -40.63 11.67 -4.46
N ARG B 434 -40.07 11.16 -5.56
CA ARG B 434 -38.76 11.57 -6.03
C ARG B 434 -38.83 12.72 -7.04
N SER B 435 -40.03 13.22 -7.31
CA SER B 435 -40.22 14.30 -8.27
C SER B 435 -40.43 15.66 -7.66
N VAL B 436 -40.69 15.76 -6.35
CA VAL B 436 -40.88 17.06 -5.71
C VAL B 436 -39.58 17.84 -5.73
N TYR B 437 -38.47 17.16 -5.45
CA TYR B 437 -37.15 17.79 -5.42
C TYR B 437 -36.24 17.26 -6.53
N ASP B 438 -36.79 16.48 -7.46
CA ASP B 438 -36.04 15.74 -8.48
C ASP B 438 -34.90 14.92 -7.85
N SER B 439 -35.30 14.02 -6.96
CA SER B 439 -34.33 13.31 -6.14
C SER B 439 -33.67 12.17 -6.91
N ASP B 440 -32.40 11.92 -6.60
CA ASP B 440 -31.58 11.01 -7.37
C ASP B 440 -31.35 9.66 -6.71
N GLY B 441 -31.98 9.39 -5.57
CA GLY B 441 -31.91 8.10 -4.92
C GLY B 441 -30.69 7.89 -4.03
N LEU B 442 -29.75 8.83 -4.03
CA LEU B 442 -28.52 8.67 -3.27
C LEU B 442 -28.64 9.38 -1.94
N PHE B 443 -28.41 8.65 -0.85
CA PHE B 443 -28.57 9.20 0.50
C PHE B 443 -27.68 10.42 0.72
N ARG B 444 -28.26 11.46 1.29
CA ARG B 444 -27.49 12.59 1.80
C ARG B 444 -27.32 12.47 3.30
N THR B 445 -26.29 13.12 3.82
CA THR B 445 -26.25 13.27 5.25
C THR B 445 -27.13 14.44 5.66
N SER B 446 -27.48 14.47 6.94
CA SER B 446 -28.37 15.50 7.46
C SER B 446 -27.58 16.78 7.71
N ASN B 447 -28.24 17.76 8.31
CA ASN B 447 -27.53 18.95 8.77
C ASN B 447 -26.60 18.60 9.93
N ARG B 448 -26.97 17.60 10.72
CA ARG B 448 -26.11 17.11 11.78
C ARG B 448 -24.81 16.56 11.23
N GLY B 449 -24.89 15.74 10.19
CA GLY B 449 -23.69 15.20 9.59
C GLY B 449 -22.84 16.25 8.89
N PHE B 450 -23.49 17.24 8.28
CA PHE B 450 -22.73 18.30 7.62
C PHE B 450 -22.05 19.20 8.64
N PHE B 451 -22.73 19.50 9.75
CA PHE B 451 -22.11 20.31 10.79
C PHE B 451 -20.91 19.59 11.38
N ALA B 452 -21.07 18.30 11.70
CA ALA B 452 -20.01 17.58 12.39
C ALA B 452 -18.79 17.43 11.50
N PHE B 453 -19.01 17.24 10.21
CA PHE B 453 -17.92 17.09 9.26
C PHE B 453 -17.13 18.39 9.10
N PHE B 454 -17.83 19.51 8.92
CA PHE B 454 -17.14 20.77 8.66
C PHE B 454 -16.33 21.21 9.86
N HIS B 455 -16.88 21.01 11.06
CA HIS B 455 -16.23 21.46 12.32
C HIS B 455 -15.09 20.52 12.72
N VAL B 456 -15.08 19.28 12.22
CA VAL B 456 -13.88 18.46 12.32
C VAL B 456 -12.80 19.00 11.40
N ILE B 457 -13.18 19.34 10.16
CA ILE B 457 -12.27 20.00 9.22
C ILE B 457 -11.79 21.34 9.80
N PHE B 458 -12.73 22.12 10.34
CA PHE B 458 -12.36 23.39 10.96
C PHE B 458 -11.41 23.18 12.13
N GLY B 459 -11.68 22.15 12.94
CA GLY B 459 -10.78 21.82 14.04
C GLY B 459 -9.39 21.44 13.59
N LEU B 460 -9.30 20.58 12.56
CA LEU B 460 -7.99 20.17 12.04
C LEU B 460 -7.24 21.35 11.45
N LEU B 461 -7.92 22.20 10.70
CA LEU B 461 -7.30 23.39 10.11
C LEU B 461 -6.83 24.35 11.19
N TRP B 462 -7.66 24.56 12.21
CA TRP B 462 -7.35 25.50 13.26
C TRP B 462 -6.32 24.96 14.24
N PHE B 463 -6.13 23.64 14.27
CA PHE B 463 -4.96 23.11 14.97
C PHE B 463 -3.69 23.56 14.27
N PHE B 464 -3.68 23.49 12.93
CA PHE B 464 -2.50 23.92 12.18
C PHE B 464 -2.27 25.42 12.34
N GLY B 465 -3.34 26.21 12.28
CA GLY B 465 -3.19 27.64 12.46
C GLY B 465 -2.68 28.01 13.83
N HIS B 466 -3.13 27.27 14.84
CA HIS B 466 -2.64 27.48 16.18
C HIS B 466 -1.15 27.17 16.28
N ILE B 467 -0.74 26.06 15.66
CA ILE B 467 0.68 25.70 15.64
C ILE B 467 1.47 26.76 14.88
N TRP B 468 0.94 27.19 13.74
CA TRP B 468 1.64 28.17 12.90
C TRP B 468 1.84 29.48 13.62
N HIS B 469 0.80 29.95 14.31
CA HIS B 469 0.84 31.26 15.00
C HIS B 469 1.52 31.11 16.37
N GLY B 470 1.43 29.93 16.99
CA GLY B 470 2.11 29.68 18.24
C GLY B 470 3.60 29.70 18.03
N LEU B 471 4.04 29.06 16.96
CA LEU B 471 5.47 29.04 16.64
C LEU B 471 5.96 30.42 16.24
N ARG B 472 5.17 31.16 15.47
CA ARG B 472 5.60 32.49 15.06
C ARG B 472 5.69 33.44 16.25
N ALA B 473 4.79 33.27 17.22
CA ALA B 473 4.81 34.12 18.41
C ALA B 473 5.96 33.76 19.33
N LEU B 474 6.28 32.47 19.43
CA LEU B 474 7.37 32.03 20.28
C LEU B 474 8.73 32.23 19.64
N PHE B 475 8.78 32.45 18.35
CA PHE B 475 10.01 32.55 17.59
C PHE B 475 10.07 33.86 16.83
N GLN B 476 9.53 34.92 17.41
CA GLN B 476 9.40 36.20 16.73
C GLN B 476 10.75 36.87 16.51
N ASP B 477 11.79 36.41 17.19
CA ASP B 477 13.15 36.91 16.99
C ASP B 477 13.94 36.14 15.95
N VAL B 478 13.59 34.88 15.68
CA VAL B 478 14.24 34.14 14.60
C VAL B 478 13.44 34.18 13.31
N PHE B 479 12.16 34.55 13.38
CA PHE B 479 11.35 34.71 12.17
C PHE B 479 11.47 36.10 11.58
N SER B 480 11.92 37.08 12.38
CA SER B 480 12.02 38.47 11.93
C SER B 480 13.47 38.94 11.91
N PRO C 28 51.66 -1.68 1.28
CA PRO C 28 51.27 -0.93 0.08
C PRO C 28 49.76 -0.78 -0.06
N GLY C 29 49.21 -1.17 -1.21
CA GLY C 29 47.83 -0.89 -1.54
C GLY C 29 46.80 -1.74 -0.82
N TYR C 30 46.84 -1.76 0.51
CA TYR C 30 45.98 -2.64 1.29
C TYR C 30 45.15 -1.87 2.32
N ASP C 31 45.13 -0.54 2.23
CA ASP C 31 44.30 0.27 3.09
C ASP C 31 43.82 1.47 2.29
N GLU C 32 42.91 2.24 2.87
CA GLU C 32 42.27 3.37 2.21
C GLU C 32 43.26 4.47 1.85
N ALA C 33 44.31 4.65 2.64
CA ALA C 33 45.26 5.74 2.43
C ALA C 33 45.98 5.61 1.08
N THR C 34 46.59 4.46 0.82
CA THR C 34 47.39 4.30 -0.39
C THR C 34 46.61 3.77 -1.57
N SER C 35 45.33 3.42 -1.39
CA SER C 35 44.50 2.91 -2.47
C SER C 35 43.51 3.93 -2.99
N GLY C 36 42.95 4.75 -2.10
CA GLY C 36 41.89 5.66 -2.43
C GLY C 36 40.50 5.08 -2.22
N TYR C 37 40.41 3.77 -2.03
CA TYR C 37 39.13 3.09 -1.82
C TYR C 37 38.97 2.70 -0.36
N ALA C 38 37.78 2.95 0.17
CA ALA C 38 37.44 2.59 1.53
C ALA C 38 37.26 1.07 1.64
N TRP C 39 37.07 0.60 2.87
CA TRP C 39 36.99 -0.85 3.12
C TRP C 39 35.78 -1.48 2.44
N TRP C 40 34.66 -0.75 2.36
CA TRP C 40 33.46 -1.29 1.74
C TRP C 40 33.54 -1.28 0.22
N ALA C 41 34.56 -0.65 -0.34
CA ALA C 41 34.91 -0.80 -1.75
C ALA C 41 36.27 -1.44 -1.89
N GLY C 42 36.62 -2.34 -0.97
CA GLY C 42 37.97 -2.83 -0.85
C GLY C 42 38.43 -3.72 -1.97
N ASN C 43 37.51 -4.34 -2.70
CA ASN C 43 37.89 -5.11 -3.85
C ASN C 43 38.34 -4.25 -5.03
N ALA C 44 37.96 -2.97 -5.03
CA ALA C 44 38.42 -2.05 -6.05
C ALA C 44 39.90 -1.72 -5.93
N ARG C 45 40.57 -2.21 -4.88
CA ARG C 45 42.02 -2.08 -4.78
C ARG C 45 42.76 -3.13 -5.58
N LEU C 46 42.05 -4.10 -6.16
CA LEU C 46 42.63 -5.08 -7.06
C LEU C 46 42.55 -4.65 -8.52
N ILE C 47 42.02 -3.46 -8.78
CA ILE C 47 41.99 -2.91 -10.13
C ILE C 47 43.39 -2.57 -10.62
N THR C 48 44.26 -2.11 -9.73
CA THR C 48 45.59 -1.66 -10.15
C THR C 48 46.44 -2.81 -10.68
N PRO C 49 47.22 -2.56 -11.74
CA PRO C 49 48.16 -3.57 -12.24
C PRO C 49 49.29 -3.93 -11.27
N GLU C 50 49.49 -3.15 -10.21
CA GLU C 50 50.47 -3.50 -9.19
C GLU C 50 50.03 -4.77 -8.47
N LEU C 51 48.73 -5.01 -8.42
CA LEU C 51 48.18 -6.11 -7.63
C LEU C 51 47.44 -7.13 -8.50
N THR C 52 48.00 -7.48 -9.66
CA THR C 52 47.34 -8.43 -10.55
C THR C 52 47.35 -9.84 -9.97
N GLY C 53 48.36 -10.18 -9.17
CA GLY C 53 48.41 -11.50 -8.58
C GLY C 53 47.30 -11.74 -7.59
N ARG C 54 46.94 -10.70 -6.83
CA ARG C 54 45.80 -10.79 -5.93
C ARG C 54 44.49 -10.72 -6.70
N PHE C 55 44.49 -10.09 -7.88
CA PHE C 55 43.31 -10.12 -8.75
C PHE C 55 43.00 -11.55 -9.17
N LEU C 56 44.03 -12.31 -9.52
CA LEU C 56 43.87 -13.71 -9.87
C LEU C 56 43.33 -14.51 -8.69
N GLY C 57 43.94 -14.33 -7.51
CA GLY C 57 43.56 -15.12 -6.36
C GLY C 57 42.16 -14.84 -5.86
N ALA C 58 41.66 -13.64 -6.12
CA ALA C 58 40.26 -13.35 -5.81
C ALA C 58 39.33 -14.21 -6.65
N HIS C 59 39.68 -14.40 -7.92
CA HIS C 59 38.79 -15.06 -8.91
C HIS C 59 38.85 -16.59 -8.73
N VAL C 60 40.04 -17.13 -8.47
CA VAL C 60 40.21 -18.56 -8.27
C VAL C 60 39.56 -18.99 -6.96
N ALA C 61 39.71 -18.19 -5.90
CA ALA C 61 39.03 -18.47 -4.64
C ALA C 61 37.53 -18.34 -4.77
N HIS C 62 37.06 -17.42 -5.62
CA HIS C 62 35.60 -17.22 -5.80
C HIS C 62 35.01 -18.39 -6.61
N ALA C 63 35.77 -18.90 -7.58
CA ALA C 63 35.31 -20.06 -8.36
C ALA C 63 35.28 -21.30 -7.50
N GLY C 64 36.16 -21.39 -6.50
CA GLY C 64 36.04 -22.44 -5.51
C GLY C 64 34.76 -22.30 -4.71
N LEU C 65 34.35 -21.07 -4.44
CA LEU C 65 33.12 -20.87 -3.68
C LEU C 65 31.89 -21.24 -4.51
N VAL C 66 31.94 -20.97 -5.81
CA VAL C 66 30.85 -21.39 -6.69
C VAL C 66 30.76 -22.91 -6.73
N ALA C 67 31.89 -23.59 -6.89
CA ALA C 67 31.93 -25.04 -6.89
C ALA C 67 31.59 -25.64 -5.53
N LEU C 68 31.90 -24.94 -4.43
CA LEU C 68 31.56 -25.45 -3.11
C LEU C 68 30.05 -25.53 -2.91
N TRP C 69 29.32 -24.50 -3.34
CA TRP C 69 27.86 -24.55 -3.27
C TRP C 69 27.31 -25.65 -4.16
N ALA C 70 27.84 -25.75 -5.38
CA ALA C 70 27.33 -26.71 -6.36
C ALA C 70 27.47 -28.13 -5.84
N GLY C 71 28.63 -28.46 -5.28
CA GLY C 71 28.80 -29.76 -4.64
C GLY C 71 27.92 -29.90 -3.41
N GLY C 72 27.94 -28.89 -2.54
CA GLY C 72 27.19 -28.93 -1.30
C GLY C 72 25.69 -28.99 -1.48
N MET C 73 25.15 -28.18 -2.39
CA MET C 73 23.71 -28.13 -2.63
C MET C 73 23.23 -29.44 -3.25
N LEU C 74 24.03 -30.01 -4.14
CA LEU C 74 23.68 -31.30 -4.75
C LEU C 74 23.65 -32.41 -3.71
N LEU C 75 24.68 -32.49 -2.88
CA LEU C 75 24.72 -33.51 -1.84
C LEU C 75 23.64 -33.26 -0.79
N PHE C 76 23.34 -31.99 -0.50
CA PHE C 76 22.19 -31.65 0.33
C PHE C 76 20.91 -32.17 -0.29
N GLU C 77 20.73 -31.91 -1.59
CA GLU C 77 19.53 -32.34 -2.28
C GLU C 77 19.45 -33.86 -2.38
N VAL C 78 20.61 -34.52 -2.55
CA VAL C 78 20.67 -35.98 -2.56
C VAL C 78 20.37 -36.55 -1.18
N SER C 79 20.89 -35.91 -0.12
CA SER C 79 20.71 -36.42 1.24
C SER C 79 19.25 -36.45 1.66
N HIS C 80 18.51 -35.38 1.40
CA HIS C 80 17.12 -35.26 1.80
C HIS C 80 16.16 -35.80 0.76
N PHE C 81 16.70 -36.43 -0.28
CA PHE C 81 15.87 -36.86 -1.45
C PHE C 81 15.05 -38.10 -1.06
N ASN C 82 13.77 -38.11 -1.45
CA ASN C 82 12.90 -39.30 -1.25
C ASN C 82 12.29 -39.72 -2.59
N LEU C 83 12.21 -41.03 -2.84
CA LEU C 83 12.15 -41.57 -4.22
C LEU C 83 10.70 -41.59 -4.70
N SER C 84 9.75 -41.30 -3.79
CA SER C 84 8.33 -41.34 -4.11
C SER C 84 7.89 -40.08 -4.85
N LYS C 85 8.16 -38.91 -4.27
CA LYS C 85 7.87 -37.65 -4.93
C LYS C 85 8.89 -37.38 -6.03
N PRO C 86 8.45 -36.83 -7.19
CA PRO C 86 9.24 -36.98 -8.42
C PRO C 86 10.63 -36.37 -8.43
N MET C 87 10.74 -35.05 -8.61
CA MET C 87 11.96 -34.31 -8.32
C MET C 87 11.63 -32.88 -7.91
N TYR C 88 10.53 -32.37 -8.42
CA TYR C 88 10.20 -30.96 -8.30
C TYR C 88 9.34 -30.66 -7.07
N GLU C 89 8.89 -31.69 -6.38
CA GLU C 89 8.16 -31.54 -5.14
C GLU C 89 9.07 -31.59 -3.92
N GLN C 90 10.38 -31.53 -4.14
CA GLN C 90 11.33 -31.66 -3.04
C GLN C 90 12.29 -30.48 -2.96
N GLY C 91 12.01 -29.40 -3.68
CA GLY C 91 12.92 -28.26 -3.70
C GLY C 91 14.24 -28.55 -4.39
N CYS C 92 14.23 -29.31 -5.47
CA CYS C 92 15.45 -29.69 -6.16
C CYS C 92 15.64 -28.83 -7.39
N ILE C 93 16.79 -28.17 -7.49
CA ILE C 93 17.11 -27.34 -8.65
C ILE C 93 18.39 -27.82 -9.30
N LEU C 94 19.25 -28.48 -8.52
CA LEU C 94 20.50 -28.97 -9.07
C LEU C 94 20.36 -30.39 -9.61
N MET C 95 19.66 -31.25 -8.87
CA MET C 95 19.36 -32.59 -9.36
C MET C 95 18.62 -32.62 -10.70
N PRO C 96 17.65 -31.72 -10.99
CA PRO C 96 17.11 -31.69 -12.36
C PRO C 96 18.15 -31.43 -13.43
N HIS C 97 19.17 -30.63 -13.12
CA HIS C 97 20.20 -30.32 -14.11
C HIS C 97 21.02 -31.54 -14.45
N ILE C 98 21.32 -32.37 -13.46
CA ILE C 98 22.06 -33.60 -13.66
C ILE C 98 21.20 -34.61 -14.40
N ALA C 99 19.92 -34.72 -14.04
CA ALA C 99 19.01 -35.65 -14.70
C ALA C 99 18.81 -35.28 -16.16
N THR C 100 18.78 -33.99 -16.48
CA THR C 100 18.60 -33.54 -17.85
C THR C 100 19.78 -33.94 -18.74
N LEU C 101 20.97 -34.09 -18.17
CA LEU C 101 22.08 -34.66 -18.92
C LEU C 101 21.97 -36.17 -19.08
N GLY C 102 20.92 -36.79 -18.53
CA GLY C 102 20.75 -38.22 -18.60
C GLY C 102 21.51 -38.98 -17.55
N ILE C 103 22.12 -38.29 -16.60
CA ILE C 103 22.95 -38.93 -15.57
C ILE C 103 22.05 -39.61 -14.55
N GLY C 104 21.96 -40.93 -14.63
CA GLY C 104 21.18 -41.69 -13.67
C GLY C 104 19.68 -41.49 -13.72
N VAL C 105 19.11 -41.48 -14.93
CA VAL C 105 17.65 -41.47 -15.08
C VAL C 105 17.28 -42.43 -16.20
N GLY C 106 16.09 -42.99 -16.08
CA GLY C 106 15.59 -43.91 -17.08
C GLY C 106 14.44 -43.33 -17.88
N GLN C 107 13.49 -44.19 -18.26
CA GLN C 107 12.33 -43.77 -19.02
C GLN C 107 11.42 -42.91 -18.17
N SER C 108 10.85 -41.88 -18.79
CA SER C 108 9.92 -40.93 -18.15
C SER C 108 10.56 -40.22 -16.95
N GLY C 109 11.88 -40.09 -16.99
CA GLY C 109 12.60 -39.35 -15.99
C GLY C 109 12.57 -39.87 -14.56
N GLU C 110 12.58 -41.18 -14.39
CA GLU C 110 12.64 -41.79 -13.07
C GLU C 110 14.08 -42.07 -12.71
N ILE C 111 14.45 -41.77 -11.46
CA ILE C 111 15.82 -41.91 -11.01
C ILE C 111 16.15 -43.39 -10.87
N THR C 112 17.23 -43.81 -11.51
CA THR C 112 17.73 -45.17 -11.37
C THR C 112 18.62 -45.30 -10.13
N SER C 113 19.72 -44.56 -10.10
CA SER C 113 20.67 -44.61 -9.00
C SER C 113 21.02 -43.19 -8.57
N MET C 114 21.03 -42.97 -7.25
CA MET C 114 21.42 -41.68 -6.71
C MET C 114 22.92 -41.53 -6.58
N PHE C 115 23.67 -42.60 -6.76
CA PHE C 115 25.13 -42.55 -6.69
C PHE C 115 25.76 -41.67 -7.78
N PRO C 116 25.29 -41.71 -9.08
CA PRO C 116 25.79 -40.74 -10.05
C PRO C 116 25.60 -39.29 -9.61
N PHE C 117 24.47 -38.99 -8.96
CA PHE C 117 24.27 -37.66 -8.41
C PHE C 117 25.27 -37.38 -7.29
N PHE C 118 25.58 -38.40 -6.47
CA PHE C 118 26.55 -38.23 -5.42
C PHE C 118 27.96 -38.06 -5.97
N ALA C 119 28.29 -38.79 -7.04
CA ALA C 119 29.60 -38.71 -7.65
C ALA C 119 29.85 -37.32 -8.21
N ILE C 120 28.81 -36.72 -8.79
CA ILE C 120 28.93 -35.37 -9.36
C ILE C 120 29.09 -34.34 -8.26
N GLY C 121 28.34 -34.49 -7.17
CA GLY C 121 28.43 -33.54 -6.07
C GLY C 121 29.77 -33.58 -5.35
N VAL C 122 30.32 -34.77 -5.14
CA VAL C 122 31.62 -34.85 -4.50
C VAL C 122 32.72 -34.28 -5.38
N ALA C 123 32.64 -34.47 -6.70
CA ALA C 123 33.66 -33.99 -7.61
C ALA C 123 33.77 -32.46 -7.58
N HIS C 124 32.63 -31.80 -7.37
CA HIS C 124 32.60 -30.31 -7.30
C HIS C 124 33.19 -29.82 -5.97
N LEU C 125 33.14 -30.66 -4.93
CA LEU C 125 33.80 -30.38 -3.66
C LEU C 125 35.31 -30.41 -3.83
N ILE C 126 35.82 -31.46 -4.46
CA ILE C 126 37.25 -31.57 -4.72
C ILE C 126 37.71 -30.46 -5.64
N GLY C 127 36.95 -30.17 -6.70
CA GLY C 127 37.24 -29.02 -7.54
C GLY C 127 37.18 -27.69 -6.81
N SER C 128 36.30 -27.57 -5.81
CA SER C 128 36.29 -26.38 -4.98
C SER C 128 37.49 -26.32 -4.05
N ALA C 129 38.05 -27.47 -3.67
CA ALA C 129 39.23 -27.48 -2.81
C ALA C 129 40.47 -27.06 -3.60
N VAL C 130 40.61 -27.57 -4.83
CA VAL C 130 41.71 -27.17 -5.70
C VAL C 130 41.62 -25.69 -6.01
N LEU C 131 40.43 -25.23 -6.38
CA LEU C 131 40.24 -23.81 -6.69
C LEU C 131 40.37 -22.95 -5.44
N GLY C 132 39.86 -23.44 -4.32
CA GLY C 132 39.99 -22.74 -3.06
C GLY C 132 41.43 -22.59 -2.63
N ILE C 133 42.20 -23.67 -2.69
CA ILE C 133 43.59 -23.64 -2.25
C ILE C 133 44.42 -22.72 -3.14
N GLY C 134 44.23 -22.83 -4.45
CA GLY C 134 44.93 -21.95 -5.36
C GLY C 134 44.46 -20.50 -5.28
N GLY C 135 43.19 -20.31 -4.92
CA GLY C 135 42.70 -18.97 -4.68
C GLY C 135 43.34 -18.31 -3.48
N MET C 136 43.51 -19.05 -2.38
CA MET C 136 44.23 -18.55 -1.22
C MET C 136 45.72 -18.41 -1.48
N TYR C 137 46.31 -19.27 -2.31
CA TYR C 137 47.73 -19.17 -2.61
C TYR C 137 48.04 -17.83 -3.28
N HIS C 138 47.30 -17.50 -4.33
CA HIS C 138 47.57 -16.28 -5.07
C HIS C 138 47.15 -15.04 -4.30
N ALA C 139 46.14 -15.15 -3.46
CA ALA C 139 45.68 -14.01 -2.69
C ALA C 139 46.54 -13.73 -1.47
N ILE C 140 47.34 -14.70 -1.02
CA ILE C 140 48.13 -14.51 0.19
C ILE C 140 49.60 -14.80 -0.08
N LYS C 141 49.91 -16.01 -0.54
CA LYS C 141 51.27 -16.49 -0.66
C LYS C 141 51.97 -16.11 -1.97
N GLY C 142 51.24 -16.04 -3.08
CA GLY C 142 51.85 -15.80 -4.37
C GLY C 142 52.30 -14.37 -4.55
N PRO C 143 52.88 -14.07 -5.71
CA PRO C 143 53.38 -12.71 -5.96
C PRO C 143 52.25 -11.69 -6.04
N GLU C 144 52.56 -10.46 -5.63
CA GLU C 144 51.58 -9.38 -5.66
C GLU C 144 51.13 -9.08 -7.07
N LYS C 145 52.06 -9.05 -8.02
CA LYS C 145 51.76 -8.90 -9.42
C LYS C 145 52.35 -10.07 -10.20
N LEU C 146 51.64 -10.50 -11.23
CA LEU C 146 52.22 -11.53 -12.08
C LEU C 146 53.25 -10.90 -13.01
N TYR C 147 54.06 -11.75 -13.60
CA TYR C 147 55.07 -11.37 -14.55
C TYR C 147 55.04 -12.34 -15.74
N GLY C 148 55.67 -11.93 -16.84
CA GLY C 148 55.77 -12.81 -17.98
C GLY C 148 54.46 -12.89 -18.74
N PHE C 149 54.10 -14.11 -19.14
CA PHE C 149 52.90 -14.35 -19.91
C PHE C 149 51.63 -13.98 -19.15
N PHE C 150 51.67 -14.08 -17.83
CA PHE C 150 50.49 -13.88 -17.01
C PHE C 150 50.38 -12.46 -16.49
N GLN C 151 51.29 -11.58 -16.88
CA GLN C 151 51.24 -10.18 -16.50
C GLN C 151 50.30 -9.46 -17.46
N PHE C 152 49.25 -8.86 -16.93
CA PHE C 152 48.28 -8.15 -17.76
C PHE C 152 48.08 -6.74 -17.21
N ASP C 153 48.03 -5.77 -18.12
CA ASP C 153 47.63 -4.41 -17.79
C ASP C 153 46.28 -4.14 -18.44
N TRP C 154 45.39 -3.52 -17.69
CA TRP C 154 44.03 -3.29 -18.17
C TRP C 154 44.03 -2.43 -19.42
N THR C 155 44.87 -1.40 -19.45
CA THR C 155 44.97 -0.51 -20.59
C THR C 155 45.65 -1.15 -21.78
N ASP C 156 46.34 -2.28 -21.58
CA ASP C 156 46.97 -3.00 -22.68
C ASP C 156 45.91 -3.71 -23.51
N ARG C 157 45.56 -3.13 -24.66
CA ARG C 157 44.45 -3.64 -25.46
C ARG C 157 44.76 -5.04 -25.99
N ALA C 158 46.00 -5.28 -26.41
CA ALA C 158 46.34 -6.58 -26.99
C ALA C 158 46.31 -7.70 -25.95
N LYS C 159 46.78 -7.42 -24.74
CA LYS C 159 46.90 -8.48 -23.73
C LYS C 159 45.55 -8.91 -23.17
N VAL C 160 44.67 -7.96 -22.84
CA VAL C 160 43.36 -8.31 -22.31
C VAL C 160 42.54 -9.05 -23.36
N ALA C 161 42.61 -8.59 -24.62
CA ALA C 161 41.91 -9.28 -25.70
C ALA C 161 42.49 -10.66 -25.93
N GLN C 162 43.79 -10.83 -25.70
CA GLN C 162 44.40 -12.15 -25.76
C GLN C 162 43.81 -13.07 -24.71
N ILE C 163 43.63 -12.56 -23.49
CA ILE C 163 43.02 -13.35 -22.41
C ILE C 163 41.55 -13.59 -22.69
N LEU C 164 40.87 -12.61 -23.32
CA LEU C 164 39.52 -12.84 -23.81
C LEU C 164 39.52 -13.96 -24.85
N GLY C 165 40.52 -13.98 -25.73
CA GLY C 165 40.67 -15.03 -26.70
C GLY C 165 40.85 -16.41 -26.09
N PHE C 166 41.69 -16.50 -25.06
CA PHE C 166 41.92 -17.79 -24.35
C PHE C 166 40.62 -18.27 -23.71
N HIS C 167 39.85 -17.33 -23.16
CA HIS C 167 38.64 -17.68 -22.36
C HIS C 167 37.47 -18.01 -23.30
N ILE C 168 37.35 -17.27 -24.41
CA ILE C 168 36.33 -17.56 -25.45
C ILE C 168 36.57 -18.97 -25.99
N ALA C 169 37.84 -19.31 -26.28
CA ALA C 169 38.19 -20.63 -26.81
C ALA C 169 37.78 -21.74 -25.84
N ILE C 170 37.97 -21.52 -24.54
CA ILE C 170 37.73 -22.57 -23.55
C ILE C 170 36.24 -22.89 -23.46
N LEU C 171 35.39 -21.87 -23.54
CA LEU C 171 33.95 -22.11 -23.46
C LEU C 171 33.41 -22.66 -24.78
N GLY C 172 34.04 -22.27 -25.90
CA GLY C 172 33.78 -22.97 -27.14
C GLY C 172 34.23 -24.42 -27.15
N ILE C 173 35.32 -24.72 -26.44
CA ILE C 173 35.73 -26.11 -26.25
C ILE C 173 34.64 -26.87 -25.51
N PHE C 174 34.14 -26.29 -24.42
CA PHE C 174 33.21 -26.99 -23.56
C PHE C 174 31.81 -27.04 -24.13
N ALA C 175 31.47 -26.15 -25.06
CA ALA C 175 30.21 -26.26 -25.77
C ALA C 175 30.20 -27.48 -26.67
N LEU C 176 31.32 -27.74 -27.35
CA LEU C 176 31.44 -28.95 -28.16
C LEU C 176 31.54 -30.19 -27.28
N LEU C 177 32.14 -30.07 -26.10
CA LEU C 177 32.20 -31.20 -25.17
C LEU C 177 30.80 -31.57 -24.70
N PHE C 178 29.94 -30.57 -24.50
CA PHE C 178 28.54 -30.86 -24.16
C PHE C 178 27.83 -31.49 -25.34
N ALA C 179 28.09 -31.02 -26.55
CA ALA C 179 27.45 -31.59 -27.73
C ALA C 179 27.99 -32.98 -28.03
N ALA C 180 29.26 -33.22 -27.73
CA ALA C 180 29.81 -34.56 -27.93
C ALA C 180 29.26 -35.54 -26.89
N LYS C 181 28.98 -35.05 -25.69
CA LYS C 181 28.35 -35.87 -24.67
C LYS C 181 26.94 -36.26 -25.09
N ALA C 182 26.21 -35.32 -25.71
CA ALA C 182 24.86 -35.61 -26.16
C ALA C 182 24.86 -36.54 -27.37
N MET C 183 25.80 -36.34 -28.29
CA MET C 183 25.85 -37.15 -29.49
C MET C 183 26.38 -38.55 -29.24
N TYR C 184 27.41 -38.69 -28.41
CA TYR C 184 28.07 -39.98 -28.23
C TYR C 184 27.98 -40.52 -26.81
N TRP C 185 28.36 -39.74 -25.80
CA TRP C 185 28.58 -40.29 -24.46
C TRP C 185 27.33 -40.13 -23.59
N GLY C 186 26.38 -41.02 -23.83
CA GLY C 186 25.22 -41.16 -22.99
C GLY C 186 24.01 -40.35 -23.40
N GLY C 187 24.21 -39.26 -24.15
CA GLY C 187 23.08 -38.49 -24.64
C GLY C 187 22.41 -37.69 -23.55
N LEU C 188 21.30 -37.07 -23.92
CA LEU C 188 20.53 -36.24 -23.01
C LEU C 188 19.13 -36.81 -22.83
N TYR C 189 18.50 -36.44 -21.72
CA TYR C 189 17.10 -36.78 -21.53
C TYR C 189 16.24 -35.98 -22.50
N ASP C 190 15.49 -36.68 -23.34
CA ASP C 190 14.57 -36.04 -24.26
C ASP C 190 13.16 -36.19 -23.72
N PRO C 191 12.51 -35.11 -23.28
CA PRO C 191 11.09 -35.23 -22.92
C PRO C 191 10.20 -35.51 -24.13
N TRP C 192 10.65 -35.15 -25.32
CA TRP C 192 9.86 -35.31 -26.53
C TRP C 192 9.97 -36.71 -27.12
N ALA C 193 10.78 -37.57 -26.52
CA ALA C 193 10.83 -38.97 -26.94
C ALA C 193 9.47 -39.61 -26.71
N PRO C 194 9.04 -40.51 -27.59
CA PRO C 194 7.67 -41.06 -27.50
C PRO C 194 7.44 -41.86 -26.23
N GLY C 195 6.18 -41.88 -25.77
CA GLY C 195 5.80 -42.67 -24.63
C GLY C 195 6.24 -42.13 -23.28
N GLY C 196 6.28 -40.82 -23.13
CA GLY C 196 6.82 -40.21 -21.93
C GLY C 196 8.09 -39.48 -22.27
N GLY C 197 9.19 -39.88 -21.66
CA GLY C 197 10.48 -39.37 -22.07
C GLY C 197 11.53 -40.44 -21.87
N ASP C 198 12.67 -40.25 -22.50
CA ASP C 198 13.75 -41.22 -22.37
C ASP C 198 15.06 -40.55 -22.76
N VAL C 199 16.12 -40.97 -22.07
CA VAL C 199 17.47 -40.58 -22.46
C VAL C 199 17.78 -41.19 -23.82
N ARG C 200 18.30 -40.38 -24.73
CA ARG C 200 18.63 -40.83 -26.06
C ARG C 200 19.79 -40.01 -26.58
N LEU C 201 20.70 -40.66 -27.31
CA LEU C 201 21.74 -39.93 -28.02
C LEU C 201 21.10 -39.03 -29.06
N VAL C 202 21.58 -37.79 -29.14
CA VAL C 202 21.09 -36.88 -30.17
C VAL C 202 21.95 -37.14 -31.40
N THR C 203 21.58 -38.14 -32.18
CA THR C 203 22.46 -38.67 -33.22
C THR C 203 22.52 -37.79 -34.45
N ASN C 204 21.53 -36.92 -34.69
CA ASN C 204 21.49 -36.10 -35.88
C ASN C 204 21.24 -34.64 -35.52
N PRO C 205 22.25 -33.96 -34.96
CA PRO C 205 22.05 -32.56 -34.56
C PRO C 205 21.85 -31.66 -35.77
N THR C 206 21.08 -30.59 -35.55
CA THR C 206 20.73 -29.68 -36.63
C THR C 206 21.90 -28.76 -36.93
N LEU C 207 22.74 -29.14 -37.90
CA LEU C 207 23.84 -28.29 -38.32
C LEU C 207 23.40 -27.21 -39.29
N ASP C 208 22.17 -27.28 -39.80
CA ASP C 208 21.72 -26.37 -40.86
C ASP C 208 21.60 -24.96 -40.31
N PRO C 209 22.34 -23.99 -40.86
CA PRO C 209 22.46 -22.69 -40.19
C PRO C 209 21.21 -21.83 -40.21
N ARG C 210 20.30 -22.03 -41.16
CA ARG C 210 19.08 -21.24 -41.17
C ARG C 210 18.10 -21.66 -40.10
N ILE C 211 18.18 -22.89 -39.61
CA ILE C 211 17.37 -23.32 -38.48
C ILE C 211 18.00 -22.76 -37.21
N ILE C 212 19.32 -22.89 -37.11
CA ILE C 212 20.02 -22.56 -35.88
C ILE C 212 20.03 -21.06 -35.63
N PHE C 213 20.33 -20.28 -36.66
CA PHE C 213 20.36 -18.83 -36.52
C PHE C 213 19.02 -18.19 -36.81
N GLY C 214 18.02 -18.98 -37.20
CA GLY C 214 16.67 -18.47 -37.35
C GLY C 214 15.99 -18.28 -36.02
N TYR C 215 16.54 -18.90 -34.97
CA TYR C 215 16.03 -18.67 -33.63
C TYR C 215 16.33 -17.27 -33.15
N LEU C 216 17.42 -16.67 -33.60
CA LEU C 216 17.80 -15.35 -33.12
C LEU C 216 16.94 -14.23 -33.69
N ILE C 217 16.35 -14.44 -34.87
CA ILE C 217 15.51 -13.39 -35.45
C ILE C 217 14.05 -13.57 -35.09
N LYS C 218 13.69 -14.72 -34.52
CA LYS C 218 12.34 -14.91 -33.97
C LYS C 218 12.11 -13.92 -32.85
N ARG C 219 10.95 -13.29 -32.87
CA ARG C 219 10.66 -12.24 -31.91
C ARG C 219 10.50 -12.81 -30.51
N PRO C 220 10.78 -12.03 -29.47
CA PRO C 220 10.64 -12.56 -28.10
C PRO C 220 9.20 -12.65 -27.62
N THR C 221 8.22 -12.55 -28.50
CA THR C 221 6.84 -12.43 -28.05
C THR C 221 6.15 -13.77 -28.01
N GLY C 222 4.86 -13.72 -27.65
CA GLY C 222 4.10 -14.94 -27.46
C GLY C 222 3.89 -15.68 -28.76
N GLY C 223 3.99 -17.00 -28.71
CA GLY C 223 3.90 -17.82 -29.89
C GLY C 223 5.22 -17.97 -30.61
N GLU C 224 6.09 -16.96 -30.49
CA GLU C 224 7.40 -16.98 -31.12
C GLU C 224 8.49 -17.37 -30.12
N GLY C 225 8.68 -16.58 -29.06
CA GLY C 225 9.56 -16.98 -27.99
C GLY C 225 11.01 -17.15 -28.36
N TRP C 226 11.73 -16.06 -28.59
CA TRP C 226 12.90 -15.90 -29.47
C TRP C 226 13.83 -17.11 -29.50
N ILE C 227 14.57 -17.41 -28.44
CA ILE C 227 15.34 -18.66 -28.41
C ILE C 227 14.82 -19.59 -27.33
N VAL C 228 13.95 -19.09 -26.44
CA VAL C 228 13.31 -19.89 -25.42
C VAL C 228 12.42 -20.97 -26.03
N SER C 229 11.94 -20.77 -27.26
CA SER C 229 11.07 -21.74 -27.91
C SER C 229 11.84 -22.85 -28.62
N VAL C 230 13.10 -23.10 -28.25
CA VAL C 230 13.76 -24.26 -28.82
C VAL C 230 13.16 -25.51 -28.18
N ASN C 231 12.61 -26.38 -29.02
CA ASN C 231 11.70 -27.41 -28.53
C ASN C 231 12.12 -28.80 -28.97
N ASN C 232 13.40 -28.97 -29.28
CA ASN C 232 13.91 -30.29 -29.65
C ASN C 232 15.40 -30.34 -29.34
N LEU C 233 15.90 -31.54 -29.07
CA LEU C 233 17.31 -31.69 -28.70
C LEU C 233 18.23 -31.56 -29.89
N GLU C 234 17.73 -31.79 -31.10
CA GLU C 234 18.55 -31.65 -32.30
C GLU C 234 18.95 -30.19 -32.51
N ASP C 235 18.01 -29.27 -32.28
CA ASP C 235 18.28 -27.85 -32.40
C ASP C 235 19.20 -27.37 -31.28
N ILE C 236 19.00 -27.87 -30.06
CA ILE C 236 19.85 -27.49 -28.93
C ILE C 236 21.29 -27.90 -29.20
N ILE C 237 21.49 -29.16 -29.61
CA ILE C 237 22.83 -29.67 -29.82
C ILE C 237 23.44 -29.08 -31.09
N GLY C 238 22.62 -28.88 -32.11
CA GLY C 238 23.10 -28.22 -33.31
C GLY C 238 23.51 -26.78 -33.06
N GLY C 239 22.78 -26.10 -32.18
CA GLY C 239 23.15 -24.75 -31.82
C GLY C 239 24.47 -24.66 -31.07
N HIS C 240 24.72 -25.66 -30.22
CA HIS C 240 25.93 -25.67 -29.35
C HIS C 240 27.17 -25.99 -30.19
N ILE C 241 27.01 -26.76 -31.27
CA ILE C 241 28.09 -26.97 -32.23
C ILE C 241 28.39 -25.68 -32.96
N TRP C 242 27.35 -24.93 -33.31
CA TRP C 242 27.53 -23.61 -33.92
C TRP C 242 28.15 -22.64 -32.93
N ILE C 243 27.72 -22.67 -31.67
CA ILE C 243 28.30 -21.81 -30.64
C ILE C 243 29.74 -22.20 -30.34
N GLY C 244 29.99 -23.49 -30.13
CA GLY C 244 31.32 -23.93 -29.79
C GLY C 244 32.34 -23.61 -30.86
N CYS C 245 31.97 -23.75 -32.11
CA CYS C 245 32.89 -23.47 -33.21
C CYS C 245 33.09 -21.98 -33.39
N ILE C 246 32.01 -21.19 -33.30
CA ILE C 246 32.11 -19.74 -33.46
C ILE C 246 32.92 -19.14 -32.31
N LEU C 247 32.78 -19.70 -31.11
CA LEU C 247 33.61 -19.26 -30.00
C LEU C 247 35.07 -19.66 -30.19
N ILE C 248 35.31 -20.79 -30.85
CA ILE C 248 36.70 -21.17 -31.11
C ILE C 248 37.34 -20.24 -32.13
N ALA C 249 36.65 -19.93 -33.22
CA ALA C 249 37.14 -18.97 -34.20
C ALA C 249 37.25 -17.57 -33.62
N GLY C 250 36.33 -17.18 -32.73
CA GLY C 250 36.43 -15.92 -32.04
C GLY C 250 37.63 -15.85 -31.12
N GLY C 251 37.87 -16.92 -30.37
CA GLY C 251 39.01 -16.99 -29.50
C GLY C 251 40.32 -16.92 -30.25
N ILE C 252 40.41 -17.64 -31.36
CA ILE C 252 41.59 -17.59 -32.21
C ILE C 252 41.76 -16.19 -32.78
N TRP C 253 40.65 -15.54 -33.13
CA TRP C 253 40.69 -14.18 -33.65
C TRP C 253 41.27 -13.20 -32.64
N HIS C 254 40.94 -13.36 -31.37
CA HIS C 254 41.43 -12.41 -30.37
C HIS C 254 42.85 -12.70 -29.93
N ILE C 255 43.28 -13.95 -29.93
CA ILE C 255 44.68 -14.25 -29.67
C ILE C 255 45.56 -13.71 -30.78
N LEU C 256 45.12 -13.86 -32.03
CA LEU C 256 46.00 -13.49 -33.15
C LEU C 256 45.87 -12.01 -33.48
N VAL C 257 44.67 -11.45 -33.39
CA VAL C 257 44.45 -10.07 -33.82
C VAL C 257 44.23 -9.18 -32.60
N PRO C 258 45.13 -8.25 -32.31
CA PRO C 258 44.87 -7.26 -31.27
C PRO C 258 43.77 -6.30 -31.71
N PRO C 259 43.13 -5.60 -30.78
CA PRO C 259 41.98 -4.76 -31.13
C PRO C 259 42.31 -3.70 -32.18
N LEU C 260 41.39 -3.54 -33.13
CA LEU C 260 41.58 -2.66 -34.26
C LEU C 260 41.22 -1.23 -33.89
N ARG C 261 41.67 -0.30 -34.73
CA ARG C 261 41.61 1.12 -34.41
C ARG C 261 40.20 1.68 -34.32
N TRP C 262 39.21 1.00 -34.90
CA TRP C 262 37.84 1.48 -34.74
C TRP C 262 37.34 1.25 -33.33
N THR C 263 37.94 0.32 -32.59
CA THR C 263 37.62 0.07 -31.18
C THR C 263 38.60 0.78 -30.26
N TYR C 264 38.83 2.06 -30.46
CA TYR C 264 39.74 2.77 -29.56
C TYR C 264 39.01 3.81 -28.72
N ASN C 265 38.10 4.56 -29.32
CA ASN C 265 37.39 5.63 -28.65
C ASN C 265 35.92 5.29 -28.42
N LEU C 266 35.54 4.03 -28.63
CA LEU C 266 34.18 3.60 -28.33
C LEU C 266 33.90 3.67 -26.84
N PHE C 267 34.90 3.35 -26.02
CA PHE C 267 34.78 3.33 -24.57
C PHE C 267 36.18 3.41 -23.99
N PRO C 268 36.34 3.79 -22.74
CA PRO C 268 37.66 3.70 -22.11
C PRO C 268 38.13 2.27 -21.96
N TRP C 269 39.38 2.00 -22.31
CA TRP C 269 39.90 0.64 -22.22
C TRP C 269 40.52 0.45 -20.85
N THR C 270 39.65 0.37 -19.85
CA THR C 270 40.06 0.20 -18.46
C THR C 270 39.37 -1.04 -17.91
N GLY C 271 39.84 -1.49 -16.75
CA GLY C 271 39.30 -2.67 -16.11
C GLY C 271 37.85 -2.60 -15.71
N GLU C 272 37.43 -1.47 -15.17
CA GLU C 272 36.06 -1.28 -14.74
C GLU C 272 35.10 -1.11 -15.92
N THR C 273 35.58 -0.66 -17.07
CA THR C 273 34.78 -0.75 -18.28
C THR C 273 34.46 -2.20 -18.63
N TYR C 274 35.49 -3.05 -18.62
CA TYR C 274 35.30 -4.44 -18.99
C TYR C 274 34.39 -5.15 -18.03
N LEU C 275 34.50 -4.82 -16.74
CA LEU C 275 33.58 -5.35 -15.75
C LEU C 275 32.13 -4.99 -16.07
N SER C 276 31.88 -3.71 -16.37
CA SER C 276 30.54 -3.27 -16.70
C SER C 276 29.99 -3.93 -17.95
N GLN C 277 30.81 -4.10 -18.99
CA GLN C 277 30.34 -4.78 -20.18
C GLN C 277 29.98 -6.23 -19.89
N SER C 278 30.75 -6.89 -19.03
CA SER C 278 30.38 -8.22 -18.57
C SER C 278 29.09 -8.19 -17.77
N LEU C 279 28.92 -7.16 -16.94
CA LEU C 279 27.75 -7.06 -16.09
C LEU C 279 26.48 -6.88 -16.90
N GLY C 280 26.54 -6.06 -17.95
CA GLY C 280 25.40 -5.89 -18.82
C GLY C 280 25.05 -7.16 -19.55
N ASN C 281 26.08 -7.86 -20.04
CA ASN C 281 25.84 -9.10 -20.74
C ASN C 281 25.34 -10.19 -19.81
N VAL C 282 25.93 -10.31 -18.63
CA VAL C 282 25.50 -11.34 -17.69
C VAL C 282 24.13 -10.99 -17.09
N ALA C 283 23.76 -9.70 -17.02
CA ALA C 283 22.42 -9.33 -16.64
C ALA C 283 21.42 -9.82 -17.67
N GLY C 284 21.72 -9.60 -18.95
CA GLY C 284 20.85 -10.08 -20.01
C GLY C 284 20.75 -11.58 -20.04
N GLN C 285 21.84 -12.26 -19.69
CA GLN C 285 21.84 -13.72 -19.66
C GLN C 285 20.90 -14.26 -18.59
N ALA C 286 20.91 -13.65 -17.41
CA ALA C 286 20.04 -14.11 -16.33
C ALA C 286 18.57 -13.95 -16.70
N PHE C 287 18.24 -12.85 -17.38
CA PHE C 287 16.88 -12.65 -17.85
C PHE C 287 16.46 -13.71 -18.84
N ILE C 288 17.34 -14.06 -19.78
CA ILE C 288 17.05 -15.10 -20.75
C ILE C 288 16.91 -16.45 -20.06
N ALA C 289 17.75 -16.72 -19.06
CA ALA C 289 17.64 -17.95 -18.29
C ALA C 289 16.34 -17.99 -17.49
N ALA C 290 15.94 -16.86 -16.92
CA ALA C 290 14.68 -16.81 -16.19
C ALA C 290 13.51 -17.08 -17.11
N ALA C 291 13.55 -16.56 -18.33
CA ALA C 291 12.52 -16.88 -19.31
C ALA C 291 12.62 -18.34 -19.73
N PHE C 292 13.84 -18.89 -19.71
CA PHE C 292 14.06 -20.20 -20.26
C PHE C 292 13.51 -21.26 -19.31
N ILE C 293 13.74 -21.09 -18.01
CA ILE C 293 13.18 -21.97 -16.99
C ILE C 293 11.68 -21.77 -16.87
N TRP C 294 11.16 -20.59 -17.19
CA TRP C 294 9.74 -20.33 -17.06
C TRP C 294 8.92 -20.92 -18.20
N PHE C 295 9.47 -20.96 -19.42
CA PHE C 295 8.69 -21.32 -20.59
C PHE C 295 9.12 -22.60 -21.26
N ASN C 296 10.40 -22.91 -21.29
CA ASN C 296 10.91 -24.05 -22.04
C ASN C 296 10.75 -25.32 -21.22
N ASN C 297 10.23 -26.37 -21.84
CA ASN C 297 10.17 -27.68 -21.21
C ASN C 297 10.91 -28.72 -22.03
N THR C 298 11.89 -28.28 -22.82
CA THR C 298 12.77 -29.17 -23.56
C THR C 298 14.15 -29.24 -22.93
N ALA C 299 14.81 -28.08 -22.76
CA ALA C 299 16.04 -28.02 -21.99
C ALA C 299 15.78 -28.16 -20.51
N TYR C 300 14.55 -27.94 -20.07
CA TYR C 300 14.14 -28.08 -18.69
C TYR C 300 12.91 -28.99 -18.64
N PRO C 301 13.09 -30.30 -18.74
CA PRO C 301 11.94 -31.21 -18.82
C PRO C 301 11.06 -31.13 -17.59
N SER C 302 9.76 -31.27 -17.81
CA SER C 302 8.78 -31.11 -16.76
C SER C 302 8.74 -32.27 -15.78
N VAL C 303 9.33 -33.41 -16.13
CA VAL C 303 9.43 -34.51 -15.17
C VAL C 303 10.45 -34.19 -14.09
N PHE C 304 11.35 -33.24 -14.35
CA PHE C 304 12.37 -32.84 -13.41
C PHE C 304 12.09 -31.50 -12.76
N TYR C 305 11.74 -30.49 -13.54
CA TYR C 305 11.53 -29.14 -13.02
C TYR C 305 10.07 -28.84 -12.72
N GLY C 306 9.16 -29.76 -13.02
CA GLY C 306 7.74 -29.48 -12.93
C GLY C 306 7.23 -28.87 -14.21
N PRO C 307 5.91 -28.82 -14.36
CA PRO C 307 5.34 -28.20 -15.55
C PRO C 307 5.55 -26.70 -15.56
N THR C 308 5.63 -26.13 -16.76
CA THR C 308 5.52 -24.69 -16.87
C THR C 308 4.08 -24.28 -16.56
N VAL C 309 3.91 -23.06 -16.07
CA VAL C 309 2.57 -22.50 -15.87
C VAL C 309 1.73 -22.54 -17.14
N PRO C 310 2.24 -22.22 -18.35
CA PRO C 310 1.43 -22.49 -19.55
C PRO C 310 1.00 -23.94 -19.70
N GLU C 311 1.89 -24.89 -19.47
CA GLU C 311 1.58 -26.30 -19.69
C GLU C 311 0.70 -26.89 -18.60
N SER C 312 0.79 -26.40 -17.36
CA SER C 312 -0.07 -26.88 -16.29
C SER C 312 -1.50 -26.40 -16.46
N SER C 313 -1.72 -25.29 -17.17
CA SER C 313 -3.08 -24.85 -17.49
C SER C 313 -3.67 -25.67 -18.62
N GLN C 314 -2.84 -26.13 -19.56
CA GLN C 314 -3.29 -27.09 -20.56
C GLN C 314 -3.63 -28.42 -19.91
N ALA C 315 -2.85 -28.82 -18.91
CA ALA C 315 -3.12 -30.05 -18.17
C ALA C 315 -4.43 -30.01 -17.43
N GLN C 316 -4.80 -28.86 -16.89
CA GLN C 316 -6.07 -28.72 -16.18
C GLN C 316 -7.25 -28.92 -17.11
N SER C 317 -7.18 -28.33 -18.31
CA SER C 317 -8.31 -28.39 -19.23
C SER C 317 -8.40 -29.75 -19.91
N PHE C 318 -7.24 -30.36 -20.19
CA PHE C 318 -7.22 -31.64 -20.89
C PHE C 318 -7.85 -32.74 -20.06
N VAL C 319 -7.51 -32.84 -18.78
CA VAL C 319 -8.11 -33.87 -17.94
C VAL C 319 -9.55 -33.52 -17.62
N PHE C 320 -9.94 -32.26 -17.77
CA PHE C 320 -11.34 -31.88 -17.61
C PHE C 320 -12.17 -32.36 -18.80
N LEU C 321 -11.57 -32.40 -19.98
CA LEU C 321 -12.19 -33.04 -21.14
C LEU C 321 -12.36 -34.52 -20.88
N MET C 322 -11.30 -35.18 -20.42
CA MET C 322 -11.34 -36.60 -20.16
C MET C 322 -12.15 -36.97 -18.92
N ARG C 323 -12.59 -36.00 -18.12
CA ARG C 323 -13.52 -36.29 -17.05
C ARG C 323 -14.96 -36.26 -17.54
N ASP C 324 -15.37 -35.11 -18.08
CA ASP C 324 -16.72 -34.91 -18.59
C ASP C 324 -17.03 -35.90 -19.70
N GLN C 325 -16.30 -35.83 -20.80
CA GLN C 325 -16.39 -36.85 -21.84
C GLN C 325 -15.62 -38.09 -21.39
N GLY C 326 -16.33 -39.19 -21.18
CA GLY C 326 -15.72 -40.43 -20.72
C GLY C 326 -16.73 -41.46 -20.25
N GLY C 339 -15.07 -26.55 -31.89
CA GLY C 339 -15.13 -26.42 -30.44
C GLY C 339 -16.26 -27.22 -29.83
N LEU C 340 -16.15 -28.53 -29.89
CA LEU C 340 -17.17 -29.42 -29.31
C LEU C 340 -17.07 -29.43 -27.79
N GLY C 341 -17.80 -28.51 -27.16
CA GLY C 341 -17.86 -28.46 -25.71
C GLY C 341 -17.66 -27.07 -25.16
N LYS C 342 -17.50 -26.98 -23.84
CA LYS C 342 -17.24 -25.70 -23.18
C LYS C 342 -15.75 -25.47 -22.93
N TYR C 343 -14.91 -26.40 -23.39
CA TYR C 343 -13.48 -26.31 -23.10
C TYR C 343 -12.68 -25.98 -24.35
N LEU C 344 -13.31 -26.06 -25.52
CA LEU C 344 -12.62 -25.85 -26.78
C LEU C 344 -13.20 -24.63 -27.48
N GLN C 345 -12.34 -23.66 -27.77
CA GLN C 345 -12.71 -22.51 -28.57
C GLN C 345 -11.74 -22.39 -29.75
N ARG C 346 -11.84 -21.28 -30.49
CA ARG C 346 -10.90 -20.96 -31.54
C ARG C 346 -9.86 -19.99 -31.01
N SER C 347 -8.64 -20.14 -31.51
CA SER C 347 -7.61 -19.15 -31.30
C SER C 347 -7.91 -17.97 -32.22
N PRO C 348 -7.34 -16.80 -31.99
CA PRO C 348 -7.37 -15.74 -33.01
C PRO C 348 -6.78 -16.14 -34.35
N THR C 349 -5.93 -17.16 -34.40
CA THR C 349 -5.52 -17.79 -35.66
C THR C 349 -6.45 -18.89 -36.12
N GLY C 350 -7.49 -19.22 -35.34
CA GLY C 350 -8.52 -20.12 -35.78
C GLY C 350 -8.35 -21.58 -35.46
N GLU C 351 -7.51 -21.94 -34.49
CA GLU C 351 -7.25 -23.33 -34.17
C GLU C 351 -8.00 -23.76 -32.93
N ILE C 352 -8.26 -25.07 -32.83
CA ILE C 352 -8.90 -25.63 -31.65
C ILE C 352 -7.93 -25.55 -30.49
N ILE C 353 -8.27 -24.78 -29.47
CA ILE C 353 -7.42 -24.61 -28.31
C ILE C 353 -8.23 -24.95 -27.07
N PHE C 354 -7.63 -24.87 -25.91
CA PHE C 354 -8.38 -24.99 -24.67
C PHE C 354 -8.98 -23.63 -24.32
N GLY C 355 -10.22 -23.67 -23.84
CA GLY C 355 -11.00 -22.47 -23.65
C GLY C 355 -10.89 -21.91 -22.25
N GLY C 356 -11.39 -20.69 -22.10
CA GLY C 356 -11.42 -20.04 -20.80
C GLY C 356 -10.20 -19.17 -20.54
N GLU C 357 -9.68 -19.24 -19.31
CA GLU C 357 -8.48 -18.47 -18.99
C GLU C 357 -7.26 -19.00 -19.73
N THR C 358 -7.19 -20.31 -19.93
CA THR C 358 -6.05 -20.98 -20.54
C THR C 358 -5.97 -20.75 -22.04
N MET C 359 -6.85 -19.94 -22.61
CA MET C 359 -6.68 -19.53 -23.99
C MET C 359 -5.57 -18.52 -24.16
N ARG C 360 -5.09 -17.92 -23.07
CA ARG C 360 -3.84 -17.18 -23.13
C ARG C 360 -2.65 -18.09 -23.29
N PHE C 361 -2.83 -19.39 -23.03
CA PHE C 361 -1.74 -20.36 -23.01
C PHE C 361 -1.83 -21.33 -24.18
N TRP C 362 -2.46 -20.92 -25.27
CA TRP C 362 -2.68 -21.82 -26.39
C TRP C 362 -1.42 -22.11 -27.19
N ASP C 363 -0.38 -21.31 -27.00
CA ASP C 363 0.89 -21.57 -27.64
C ASP C 363 1.77 -22.54 -26.86
N ALA C 364 1.32 -22.96 -25.68
CA ALA C 364 2.06 -23.95 -24.91
C ALA C 364 2.10 -25.27 -25.65
N ARG C 365 3.26 -25.91 -25.66
CA ARG C 365 3.42 -27.22 -26.27
C ARG C 365 4.08 -28.13 -25.27
N ALA C 366 3.48 -29.28 -25.03
CA ALA C 366 3.98 -30.25 -24.07
C ALA C 366 4.08 -31.62 -24.72
N PRO C 367 5.05 -32.44 -24.31
CA PRO C 367 5.20 -33.77 -24.92
C PRO C 367 4.06 -34.71 -24.63
N TRP C 368 3.24 -34.47 -23.61
CA TRP C 368 2.06 -35.28 -23.38
C TRP C 368 0.85 -34.76 -24.16
N LEU C 369 0.88 -33.49 -24.58
CA LEU C 369 -0.27 -32.92 -25.29
C LEU C 369 -0.13 -33.05 -26.79
N GLU C 370 1.09 -32.97 -27.30
CA GLU C 370 1.45 -32.94 -28.72
C GLU C 370 0.92 -34.12 -29.54
N PRO C 371 0.83 -35.35 -29.04
CA PRO C 371 0.13 -36.40 -29.80
C PRO C 371 -1.35 -36.17 -30.06
N LEU C 372 -1.98 -35.16 -29.46
CA LEU C 372 -3.38 -34.88 -29.73
C LEU C 372 -3.55 -33.61 -30.53
N ARG C 373 -2.51 -33.21 -31.25
CA ARG C 373 -2.45 -31.92 -31.95
C ARG C 373 -2.46 -32.23 -33.44
N GLY C 374 -3.53 -31.83 -34.12
CA GLY C 374 -3.64 -32.08 -35.54
C GLY C 374 -3.03 -30.97 -36.38
N LYS C 375 -3.74 -30.57 -37.43
CA LYS C 375 -3.28 -29.48 -38.28
C LYS C 375 -3.89 -28.14 -37.93
N ASN C 376 -4.93 -28.12 -37.09
CA ASN C 376 -5.59 -26.88 -36.70
C ASN C 376 -5.70 -26.84 -35.17
N GLY C 377 -4.58 -27.06 -34.49
CA GLY C 377 -4.59 -27.03 -33.04
C GLY C 377 -4.92 -28.40 -32.48
N LEU C 378 -5.74 -28.41 -31.43
CA LEU C 378 -6.21 -29.67 -30.86
C LEU C 378 -7.09 -30.42 -31.85
N ASP C 379 -6.99 -31.73 -31.86
CA ASP C 379 -7.75 -32.55 -32.79
C ASP C 379 -8.88 -33.22 -32.02
N LEU C 380 -10.12 -33.02 -32.51
CA LEU C 380 -11.29 -33.58 -31.83
C LEU C 380 -11.29 -35.10 -31.86
N ASP C 381 -10.85 -35.70 -32.96
CA ASP C 381 -10.80 -37.15 -33.04
C ASP C 381 -9.73 -37.73 -32.12
N LYS C 382 -8.62 -37.03 -31.95
CA LYS C 382 -7.59 -37.52 -31.05
C LYS C 382 -7.94 -37.31 -29.58
N LEU C 383 -8.79 -36.33 -29.26
CA LEU C 383 -9.31 -36.21 -27.91
C LEU C 383 -10.54 -37.09 -27.68
N GLN C 384 -10.90 -37.90 -28.67
CA GLN C 384 -11.94 -38.90 -28.51
C GLN C 384 -11.33 -40.23 -28.09
N HIS C 385 -10.51 -40.82 -28.96
CA HIS C 385 -9.80 -42.06 -28.65
C HIS C 385 -8.40 -42.04 -29.29
N ASP C 386 -7.45 -41.39 -28.61
CA ASP C 386 -6.05 -41.49 -28.95
C ASP C 386 -5.19 -41.48 -27.69
N VAL C 387 -5.83 -41.17 -26.55
CA VAL C 387 -5.09 -40.78 -25.36
C VAL C 387 -4.60 -42.01 -24.61
N GLN C 388 -3.28 -42.15 -24.54
CA GLN C 388 -2.68 -43.25 -23.80
C GLN C 388 -2.81 -43.00 -22.29
N PRO C 389 -2.71 -44.05 -21.46
CA PRO C 389 -2.76 -43.84 -20.00
C PRO C 389 -1.64 -42.95 -19.47
N TRP C 390 -0.47 -42.95 -20.10
CA TRP C 390 0.63 -42.14 -19.58
C TRP C 390 0.37 -40.66 -19.74
N GLN C 391 -0.28 -40.26 -20.84
CA GLN C 391 -0.61 -38.85 -21.03
C GLN C 391 -1.62 -38.37 -20.01
N LEU C 392 -2.63 -39.20 -19.72
CA LEU C 392 -3.56 -38.90 -18.63
C LEU C 392 -2.86 -38.94 -17.28
N ARG C 393 -1.90 -39.84 -17.12
CA ARG C 393 -1.09 -39.88 -15.91
C ARG C 393 -0.27 -38.62 -15.77
N ARG C 394 0.40 -38.24 -16.87
CA ARG C 394 1.31 -37.09 -16.85
C ARG C 394 0.55 -35.79 -16.63
N ALA C 395 -0.59 -35.62 -17.31
CA ALA C 395 -1.33 -34.38 -17.20
C ALA C 395 -2.00 -34.23 -15.85
N ALA C 396 -2.40 -35.34 -15.23
CA ALA C 396 -3.00 -35.31 -13.90
C ALA C 396 -2.02 -34.85 -12.82
N GLU C 397 -0.75 -35.24 -12.92
CA GLU C 397 0.27 -34.68 -12.01
C GLU C 397 0.38 -33.18 -12.20
N TYR C 398 0.41 -32.73 -13.46
CA TYR C 398 0.63 -31.32 -13.76
C TYR C 398 -0.61 -30.47 -13.56
N MET C 399 -1.77 -31.10 -13.30
CA MET C 399 -2.97 -30.40 -12.83
C MET C 399 -2.65 -29.45 -11.69
N THR C 400 -2.06 -29.99 -10.62
CA THR C 400 -2.12 -29.36 -9.27
C THR C 400 -1.16 -28.18 -9.22
N HIS C 401 -0.80 -27.62 -10.37
CA HIS C 401 0.38 -26.71 -10.48
C HIS C 401 -0.05 -25.40 -11.16
N SER C 402 -1.34 -25.11 -11.18
CA SER C 402 -1.93 -24.15 -12.16
C SER C 402 -2.76 -23.10 -11.42
N PRO C 403 -2.40 -21.82 -11.56
CA PRO C 403 -2.89 -20.76 -10.67
C PRO C 403 -4.19 -20.13 -11.20
N ILE C 404 -5.07 -20.96 -11.78
CA ILE C 404 -6.46 -20.53 -12.14
C ILE C 404 -7.42 -20.99 -11.04
N GLY C 405 -7.02 -20.81 -9.77
CA GLY C 405 -7.89 -21.10 -8.65
C GLY C 405 -7.95 -19.95 -7.66
N SER C 406 -7.75 -20.30 -6.39
CA SER C 406 -7.89 -19.37 -5.27
C SER C 406 -6.57 -19.28 -4.52
N LEU C 407 -6.17 -18.05 -4.17
CA LEU C 407 -4.94 -17.80 -3.42
C LEU C 407 -5.19 -17.51 -1.95
N ASN C 408 -6.42 -17.20 -1.57
CA ASN C 408 -6.69 -16.66 -0.25
C ASN C 408 -7.09 -17.74 0.74
N SER C 409 -7.37 -18.95 0.26
CA SER C 409 -7.48 -20.11 1.12
C SER C 409 -6.18 -20.91 1.04
N VAL C 410 -5.84 -21.43 -0.15
CA VAL C 410 -4.51 -21.93 -0.47
C VAL C 410 -4.50 -22.16 -1.99
N ALA C 411 -3.36 -21.92 -2.62
CA ALA C 411 -3.20 -22.23 -4.03
C ALA C 411 -2.08 -23.27 -4.17
N GLY C 412 -2.42 -24.54 -3.99
CA GLY C 412 -1.43 -25.58 -4.04
C GLY C 412 -1.92 -26.95 -4.49
N LEU C 413 -1.17 -27.97 -4.12
CA LEU C 413 -1.37 -29.35 -4.53
C LEU C 413 -2.74 -29.89 -4.14
N ALA C 419 0.99 -29.99 -0.88
CA ALA C 419 -0.30 -29.96 -0.21
C ALA C 419 -0.76 -28.53 -0.03
N PHE C 420 0.00 -27.80 0.78
CA PHE C 420 -0.17 -26.38 1.00
C PHE C 420 0.57 -25.63 -0.10
N ASN C 421 0.78 -24.31 0.10
CA ASN C 421 1.10 -23.33 -0.95
C ASN C 421 1.87 -23.80 -2.18
N TYR C 422 2.95 -24.56 -1.97
CA TYR C 422 3.75 -25.13 -3.05
C TYR C 422 4.34 -24.10 -4.01
N VAL C 423 5.49 -23.51 -3.69
CA VAL C 423 6.26 -22.79 -4.70
C VAL C 423 7.06 -23.78 -5.54
N SER C 424 6.88 -23.71 -6.87
CA SER C 424 7.53 -24.60 -7.83
C SER C 424 9.02 -24.25 -8.00
N PRO C 425 9.85 -25.24 -8.38
CA PRO C 425 11.25 -24.93 -8.71
C PRO C 425 11.41 -23.96 -9.87
N ARG C 426 10.50 -24.01 -10.83
CA ARG C 426 10.51 -23.05 -11.93
C ARG C 426 10.27 -21.64 -11.41
N THR C 427 9.38 -21.50 -10.43
CA THR C 427 9.15 -20.20 -9.82
C THR C 427 10.39 -19.71 -9.09
N TRP C 428 11.05 -20.61 -8.34
CA TRP C 428 12.24 -20.23 -7.59
C TRP C 428 13.38 -19.81 -8.52
N LEU C 429 13.66 -20.62 -9.54
CA LEU C 429 14.77 -20.33 -10.44
C LEU C 429 14.52 -19.08 -11.28
N ALA C 430 13.28 -18.88 -11.73
CA ALA C 430 12.96 -17.70 -12.53
C ALA C 430 12.97 -16.45 -11.65
N SER C 431 12.50 -16.58 -10.41
CA SER C 431 12.51 -15.43 -9.51
C SER C 431 13.93 -15.04 -9.15
N ALA C 432 14.75 -16.03 -8.79
CA ALA C 432 16.11 -15.76 -8.36
C ALA C 432 16.92 -15.11 -9.47
N HIS C 433 16.73 -15.61 -10.69
CA HIS C 433 17.57 -15.19 -11.85
C HIS C 433 17.03 -13.89 -12.47
N PHE C 434 15.75 -13.56 -12.26
CA PHE C 434 15.31 -12.21 -12.57
C PHE C 434 15.93 -11.22 -11.61
N ILE C 435 16.00 -11.56 -10.33
CA ILE C 435 16.61 -10.68 -9.33
C ILE C 435 18.09 -10.47 -9.65
N PHE C 436 18.81 -11.54 -10.00
CA PHE C 436 20.20 -11.40 -10.42
C PHE C 436 20.30 -10.57 -11.69
N GLY C 437 19.43 -10.81 -12.65
CA GLY C 437 19.48 -10.06 -13.89
C GLY C 437 19.23 -8.58 -13.69
N PHE C 438 18.33 -8.24 -12.77
CA PHE C 438 18.04 -6.83 -12.52
C PHE C 438 19.22 -6.14 -11.84
N PHE C 439 19.69 -6.73 -10.74
CA PHE C 439 20.76 -6.10 -9.96
C PHE C 439 22.03 -5.99 -10.78
N PHE C 440 22.28 -6.97 -11.64
CA PHE C 440 23.48 -6.91 -12.44
C PHE C 440 23.37 -5.90 -13.56
N LEU C 441 22.15 -5.62 -14.02
CA LEU C 441 21.97 -4.49 -14.92
C LEU C 441 22.18 -3.18 -14.18
N VAL C 442 21.73 -3.11 -12.92
CA VAL C 442 22.03 -1.93 -12.10
C VAL C 442 23.53 -1.82 -11.88
N GLY C 443 24.17 -2.96 -11.58
CA GLY C 443 25.62 -2.96 -11.46
C GLY C 443 26.32 -2.62 -12.75
N HIS C 444 25.72 -3.04 -13.87
CA HIS C 444 26.19 -2.58 -15.20
C HIS C 444 26.09 -1.06 -15.29
N LEU C 445 24.89 -0.53 -15.01
CA LEU C 445 24.66 0.94 -15.06
C LEU C 445 25.63 1.65 -14.12
N TRP C 446 25.87 1.08 -12.93
CA TRP C 446 26.78 1.70 -11.98
C TRP C 446 28.19 1.76 -12.54
N HIS C 447 28.70 0.59 -12.96
CA HIS C 447 30.14 0.45 -13.34
C HIS C 447 30.41 1.19 -14.66
N ALA C 448 29.44 1.18 -15.59
CA ALA C 448 29.66 1.78 -16.91
C ALA C 448 29.78 3.29 -16.80
N GLY C 449 28.89 3.91 -16.02
CA GLY C 449 28.99 5.34 -15.79
C GLY C 449 30.25 5.71 -15.05
N ARG C 450 30.62 4.92 -14.03
CA ARG C 450 31.84 5.19 -13.29
C ARG C 450 33.08 4.99 -14.16
N ALA C 451 33.05 3.99 -15.04
CA ALA C 451 34.15 3.81 -15.98
C ALA C 451 34.28 5.01 -16.90
N ARG C 452 33.15 5.50 -17.41
CA ARG C 452 33.15 6.70 -18.24
C ARG C 452 33.68 7.90 -17.47
N ALA C 453 33.24 8.05 -16.22
CA ALA C 453 33.56 9.24 -15.44
C ALA C 453 35.00 9.23 -14.96
N ALA C 454 35.55 8.06 -14.66
CA ALA C 454 36.89 7.99 -14.12
C ALA C 454 37.94 8.22 -15.19
N ALA C 455 37.70 7.74 -16.40
CA ALA C 455 38.65 7.98 -17.49
C ALA C 455 38.65 9.44 -17.91
N ALA C 456 37.46 10.03 -17.99
CA ALA C 456 37.36 11.45 -18.27
C ALA C 456 37.76 12.30 -17.06
N GLY C 457 37.88 11.69 -15.89
CA GLY C 457 38.53 12.34 -14.77
C GLY C 457 37.62 13.05 -13.79
N PHE C 458 36.31 12.83 -13.86
CA PHE C 458 35.42 13.53 -12.95
C PHE C 458 34.58 12.57 -12.12
N GLU C 459 35.13 11.40 -11.77
CA GLU C 459 34.43 10.47 -10.89
C GLU C 459 34.49 10.91 -9.42
N THR C 460 35.38 11.82 -9.06
CA THR C 460 35.47 12.27 -7.68
C THR C 460 34.64 13.52 -7.41
N GLY C 461 34.29 14.29 -8.43
CA GLY C 461 33.43 15.43 -8.22
C GLY C 461 33.71 16.51 -9.25
N LEU C 462 33.07 17.66 -9.02
CA LEU C 462 33.17 18.79 -9.95
C LEU C 462 34.20 19.80 -9.47
N ASP C 463 34.54 20.74 -10.34
CA ASP C 463 35.56 21.74 -10.02
C ASP C 463 34.91 23.05 -9.56
N ARG C 464 35.35 23.55 -8.41
CA ARG C 464 34.86 24.85 -7.93
C ARG C 464 35.37 25.95 -8.84
N ILE D 15 11.22 25.51 40.90
CA ILE D 15 10.46 26.18 39.85
C ILE D 15 11.40 26.59 38.71
N LYS D 16 12.59 27.09 39.06
CA LYS D 16 13.63 27.30 38.06
C LYS D 16 14.81 26.38 38.38
N GLN D 17 14.75 25.69 39.52
CA GLN D 17 15.71 24.65 39.84
C GLN D 17 15.51 23.47 38.90
N LEU D 18 14.27 23.01 38.78
CA LEU D 18 13.98 21.86 37.95
C LEU D 18 14.11 22.21 36.46
N ASP D 19 13.96 23.49 36.13
CA ASP D 19 14.10 23.91 34.74
C ASP D 19 15.56 23.79 34.30
N ASP D 20 16.50 24.12 35.19
CA ASP D 20 17.92 23.97 34.86
C ASP D 20 18.27 22.50 34.65
N TRP D 21 17.75 21.61 35.52
CA TRP D 21 18.04 20.19 35.40
C TRP D 21 17.39 19.60 34.15
N LEU D 22 16.24 20.14 33.73
CA LEU D 22 15.60 19.63 32.52
C LEU D 22 16.34 20.08 31.28
N LYS D 23 16.92 21.27 31.31
CA LYS D 23 17.42 21.96 30.12
C LYS D 23 18.91 21.72 29.89
N ARG D 24 19.44 20.61 30.36
CA ARG D 24 20.88 20.42 30.52
C ARG D 24 21.50 19.75 29.31
N ASP D 25 22.84 19.70 29.32
CA ASP D 25 23.63 19.11 28.25
C ASP D 25 23.99 17.68 28.59
N ARG D 26 23.15 16.73 28.18
CA ARG D 26 23.50 15.32 28.33
C ARG D 26 23.25 14.56 27.02
N PHE D 27 23.30 13.23 27.08
CA PHE D 27 23.25 12.41 25.88
C PHE D 27 21.89 12.45 25.20
N VAL D 28 20.81 12.53 25.98
CA VAL D 28 19.48 12.81 25.47
C VAL D 28 18.94 14.00 26.23
N PHE D 29 18.44 14.99 25.48
CA PHE D 29 17.83 16.18 26.07
C PHE D 29 16.46 15.80 26.64
N ILE D 30 16.13 16.37 27.81
CA ILE D 30 14.84 16.06 28.41
C ILE D 30 13.89 17.23 28.26
N GLY D 31 14.20 18.34 28.92
CA GLY D 31 13.36 19.52 28.85
C GLY D 31 11.99 19.32 29.48
N TRP D 32 11.19 20.39 29.42
CA TRP D 32 9.86 20.35 29.99
C TRP D 32 8.93 19.44 29.19
N SER D 33 9.09 19.43 27.88
CA SER D 33 8.36 18.52 27.01
C SER D 33 8.66 17.06 27.29
N GLY D 34 9.85 16.76 27.80
CA GLY D 34 10.21 15.38 28.10
C GLY D 34 9.44 14.76 29.23
N LEU D 35 8.81 15.56 30.08
CA LEU D 35 7.94 15.03 31.12
C LEU D 35 6.64 14.48 30.55
N LEU D 36 6.25 14.90 29.35
CA LEU D 36 5.11 14.34 28.65
C LEU D 36 5.54 13.26 27.66
N LEU D 37 6.60 13.52 26.91
CA LEU D 37 7.04 12.61 25.85
C LEU D 37 7.55 11.30 26.41
N PHE D 38 8.44 11.37 27.40
CA PHE D 38 9.18 10.17 27.78
C PHE D 38 8.35 9.14 28.53
N PRO D 39 7.52 9.48 29.53
CA PRO D 39 6.66 8.43 30.08
C PRO D 39 5.58 7.95 29.13
N CYS D 40 4.97 8.84 28.35
CA CYS D 40 3.87 8.42 27.49
C CYS D 40 4.35 7.56 26.34
N SER D 41 5.50 7.90 25.76
CA SER D 41 6.03 7.09 24.65
C SER D 41 6.50 5.73 25.16
N PHE D 42 7.12 5.71 26.34
CA PHE D 42 7.51 4.45 26.95
C PHE D 42 6.30 3.59 27.27
N LEU D 43 5.23 4.22 27.76
CA LEU D 43 4.00 3.49 28.07
C LEU D 43 3.32 2.99 26.81
N ALA D 44 3.25 3.84 25.78
CA ALA D 44 2.63 3.43 24.52
C ALA D 44 3.40 2.29 23.87
N ILE D 45 4.73 2.40 23.83
CA ILE D 45 5.55 1.34 23.27
C ILE D 45 5.56 0.13 24.18
N GLY D 46 5.59 0.35 25.49
CA GLY D 46 5.56 -0.76 26.43
C GLY D 46 4.26 -1.54 26.37
N ALA D 47 3.15 -0.83 26.22
CA ALA D 47 1.87 -1.51 26.06
C ALA D 47 1.81 -2.30 24.77
N TRP D 48 2.40 -1.76 23.70
CA TRP D 48 2.38 -2.47 22.43
C TRP D 48 3.17 -3.76 22.51
N PHE D 49 4.33 -3.72 23.17
CA PHE D 49 5.10 -4.93 23.37
C PHE D 49 4.36 -5.90 24.27
N THR D 50 3.72 -5.40 25.32
CA THR D 50 2.95 -6.25 26.22
C THR D 50 1.79 -6.92 25.48
N GLY D 51 1.06 -6.14 24.69
CA GLY D 51 -0.08 -6.70 23.96
C GLY D 51 0.33 -7.71 22.91
N THR D 52 1.34 -7.38 22.12
CA THR D 52 1.77 -8.27 21.05
C THR D 52 2.49 -9.51 21.55
N THR D 53 2.92 -9.53 22.80
CA THR D 53 3.62 -10.69 23.32
C THR D 53 2.68 -11.62 24.07
N PHE D 54 1.79 -11.06 24.85
CA PHE D 54 1.02 -11.84 25.83
C PHE D 54 -0.48 -11.76 25.65
N VAL D 55 -1.01 -10.68 25.11
CA VAL D 55 -2.44 -10.38 25.22
C VAL D 55 -3.18 -10.89 23.98
N THR D 56 -4.27 -11.61 24.22
CA THR D 56 -5.11 -12.16 23.17
C THR D 56 -6.09 -11.11 22.63
N SER D 57 -6.61 -11.38 21.44
CA SER D 57 -7.77 -10.68 20.91
C SER D 57 -8.97 -11.60 20.73
N TRP D 58 -9.00 -12.72 21.46
CA TRP D 58 -10.07 -13.70 21.30
C TRP D 58 -11.41 -13.13 21.70
N TYR D 59 -11.44 -12.32 22.75
CA TYR D 59 -12.71 -11.81 23.27
C TYR D 59 -13.14 -10.50 22.66
N THR D 60 -12.31 -9.88 21.83
CA THR D 60 -12.71 -8.68 21.11
C THR D 60 -12.94 -8.92 19.63
N HIS D 61 -12.17 -9.81 19.03
CA HIS D 61 -12.23 -10.04 17.60
C HIS D 61 -12.39 -11.51 17.24
N GLY D 62 -12.35 -12.42 18.21
CA GLY D 62 -12.26 -13.84 17.89
C GLY D 62 -10.97 -14.17 17.17
N LEU D 63 -9.90 -13.49 17.51
CA LEU D 63 -8.64 -13.64 16.80
C LEU D 63 -7.53 -13.97 17.77
N VAL D 64 -6.49 -14.53 17.24
CA VAL D 64 -5.29 -14.83 18.01
C VAL D 64 -4.23 -13.83 17.59
N SER D 65 -3.66 -13.11 18.56
CA SER D 65 -2.86 -11.95 18.17
C SER D 65 -1.64 -11.67 19.04
N SER D 66 -1.02 -12.68 19.63
CA SER D 66 0.21 -12.44 20.36
C SER D 66 1.19 -13.57 20.10
N TYR D 67 2.45 -13.36 20.52
CA TYR D 67 3.45 -14.41 20.38
C TYR D 67 3.15 -15.57 21.30
N LEU D 68 2.45 -15.31 22.40
CA LEU D 68 1.98 -16.38 23.27
C LEU D 68 0.99 -17.29 22.56
N GLU D 69 0.23 -16.73 21.61
CA GLU D 69 -0.73 -17.53 20.85
C GLU D 69 -0.01 -18.38 19.81
N GLY D 70 1.10 -17.91 19.29
CA GLY D 70 1.74 -18.58 18.18
C GLY D 70 1.85 -17.71 16.96
N CYS D 71 1.52 -16.43 17.10
CA CYS D 71 1.68 -15.49 16.01
C CYS D 71 3.14 -15.07 15.86
N ASN D 72 3.45 -14.52 14.69
CA ASN D 72 4.73 -13.94 14.39
C ASN D 72 4.60 -12.41 14.38
N PHE D 73 5.68 -11.72 14.01
CA PHE D 73 5.66 -10.26 14.02
C PHE D 73 4.62 -9.73 13.04
N LEU D 74 4.44 -10.41 11.91
CA LEU D 74 3.54 -9.89 10.90
C LEU D 74 2.08 -9.95 11.34
N THR D 75 1.74 -10.83 12.28
CA THR D 75 0.35 -11.02 12.64
C THR D 75 0.04 -10.71 14.09
N VAL D 76 1.00 -10.32 14.90
CA VAL D 76 0.69 -9.85 16.24
C VAL D 76 0.11 -8.46 16.16
N ALA D 77 -0.79 -8.14 17.07
CA ALA D 77 -1.37 -6.81 17.14
C ALA D 77 -1.84 -6.54 18.55
N VAL D 78 -1.86 -5.25 18.90
CA VAL D 78 -2.74 -4.78 19.95
C VAL D 78 -4.04 -4.41 19.25
N SER D 79 -5.02 -5.30 19.29
CA SER D 79 -6.22 -5.12 18.52
C SER D 79 -7.15 -4.13 19.23
N THR D 80 -8.08 -3.59 18.46
CA THR D 80 -9.00 -2.58 18.94
C THR D 80 -9.96 -3.20 19.97
N PRO D 81 -10.58 -2.37 20.81
CA PRO D 81 -11.51 -2.92 21.79
C PRO D 81 -12.73 -3.59 21.15
N ALA D 82 -13.42 -4.37 21.95
CA ALA D 82 -14.63 -5.03 21.49
C ALA D 82 -15.70 -4.00 21.12
N GLU D 83 -16.57 -4.38 20.17
CA GLU D 83 -17.62 -3.49 19.73
C GLU D 83 -18.54 -3.08 20.87
N SER D 84 -18.72 -3.97 21.85
CA SER D 84 -19.55 -3.67 23.01
C SER D 84 -19.01 -2.51 23.84
N MET D 85 -17.70 -2.23 23.74
CA MET D 85 -17.12 -1.18 24.56
C MET D 85 -17.48 0.20 24.04
N GLY D 86 -17.93 0.30 22.80
CA GLY D 86 -18.30 1.58 22.22
C GLY D 86 -17.09 2.50 22.09
N HIS D 87 -17.21 3.70 22.61
CA HIS D 87 -16.12 4.66 22.64
C HIS D 87 -15.65 4.94 24.06
N SER D 88 -15.84 3.98 24.95
CA SER D 88 -15.34 4.12 26.30
C SER D 88 -13.82 4.24 26.29
N LEU D 89 -13.30 5.06 27.21
CA LEU D 89 -11.85 5.14 27.37
C LEU D 89 -11.25 3.83 27.83
N LEU D 90 -12.03 2.96 28.45
CA LEU D 90 -11.58 1.69 29.02
C LEU D 90 -10.41 1.91 29.96
N LEU D 91 -10.58 2.90 30.83
CA LEU D 91 -9.64 3.11 31.92
C LEU D 91 -9.57 1.88 32.80
N LEU D 92 -8.37 1.61 33.31
CA LEU D 92 -8.17 0.43 34.15
C LEU D 92 -9.08 0.45 35.37
N TRP D 93 -9.30 1.64 35.92
CA TRP D 93 -10.19 1.80 37.07
C TRP D 93 -11.62 2.11 36.68
N GLY D 94 -11.91 2.24 35.39
CA GLY D 94 -13.26 2.53 34.94
C GLY D 94 -14.19 1.36 35.13
N PRO D 95 -15.47 1.58 34.85
CA PRO D 95 -16.48 0.55 35.19
C PRO D 95 -16.39 -0.69 34.31
N GLU D 96 -15.77 -0.60 33.13
CA GLU D 96 -15.68 -1.75 32.25
C GLU D 96 -14.71 -2.80 32.78
N ALA D 97 -13.60 -2.36 33.38
CA ALA D 97 -12.63 -3.27 33.93
C ALA D 97 -12.67 -3.34 35.45
N SER D 98 -12.90 -2.21 36.10
CA SER D 98 -13.01 -2.09 37.56
C SER D 98 -11.73 -2.56 38.25
N GLY D 99 -10.58 -2.23 37.65
CA GLY D 99 -9.30 -2.56 38.23
C GLY D 99 -8.79 -3.94 37.92
N ASP D 100 -9.60 -4.78 37.28
CA ASP D 100 -9.23 -6.14 36.94
C ASP D 100 -8.37 -6.07 35.69
N PHE D 101 -7.08 -6.38 35.84
CA PHE D 101 -6.15 -6.26 34.72
C PHE D 101 -6.41 -7.31 33.65
N VAL D 102 -6.90 -8.48 34.06
CA VAL D 102 -7.21 -9.54 33.10
C VAL D 102 -8.38 -9.12 32.22
N ARG D 103 -9.44 -8.61 32.84
CA ARG D 103 -10.59 -8.12 32.11
C ARG D 103 -10.21 -6.95 31.20
N TRP D 104 -9.36 -6.06 31.71
CA TRP D 104 -8.95 -4.88 30.96
C TRP D 104 -8.22 -5.24 29.68
N CYS D 105 -7.29 -6.20 29.75
CA CYS D 105 -6.59 -6.65 28.56
C CYS D 105 -7.52 -7.41 27.62
N GLN D 106 -8.49 -8.11 28.19
CA GLN D 106 -9.39 -8.92 27.36
C GLN D 106 -10.40 -8.06 26.61
N ILE D 107 -10.77 -6.90 27.13
CA ILE D 107 -11.74 -6.04 26.48
C ILE D 107 -11.10 -5.03 25.53
N GLY D 108 -9.78 -5.08 25.38
CA GLY D 108 -9.11 -4.15 24.50
C GLY D 108 -8.64 -2.88 25.16
N GLY D 109 -8.55 -2.88 26.49
CA GLY D 109 -8.08 -1.70 27.20
C GLY D 109 -6.66 -1.31 26.85
N LEU D 110 -5.86 -2.26 26.34
CA LEU D 110 -4.52 -1.94 25.91
C LEU D 110 -4.52 -1.12 24.62
N TRP D 111 -5.53 -1.27 23.78
CA TRP D 111 -5.59 -0.46 22.57
C TRP D 111 -5.78 1.01 22.91
N THR D 112 -6.76 1.31 23.77
CA THR D 112 -6.98 2.68 24.19
C THR D 112 -5.79 3.21 24.97
N PHE D 113 -5.17 2.36 25.80
CA PHE D 113 -3.94 2.73 26.48
C PHE D 113 -2.85 3.11 25.47
N THR D 114 -2.62 2.26 24.47
CA THR D 114 -1.62 2.56 23.46
C THR D 114 -2.01 3.77 22.62
N ALA D 115 -3.29 3.85 22.22
CA ALA D 115 -3.72 4.95 21.36
C ALA D 115 -3.62 6.28 22.08
N LEU D 116 -4.13 6.37 23.31
CA LEU D 116 -4.16 7.64 24.01
C LEU D 116 -2.79 8.05 24.53
N HIS D 117 -1.96 7.07 24.91
CA HIS D 117 -0.57 7.37 25.32
C HIS D 117 0.26 7.74 24.09
N GLY D 118 -0.08 7.16 22.92
CA GLY D 118 0.56 7.53 21.68
C GLY D 118 0.35 8.97 21.30
N VAL D 119 -0.87 9.48 21.51
CA VAL D 119 -1.12 10.89 21.16
C VAL D 119 -0.27 11.80 22.03
N PHE D 120 -0.14 11.48 23.32
CA PHE D 120 0.53 12.38 24.22
C PHE D 120 2.03 12.34 24.04
N GLY D 121 2.57 11.19 23.66
CA GLY D 121 3.95 11.16 23.24
C GLY D 121 4.19 11.90 21.94
N LEU D 122 3.27 11.75 20.99
CA LEU D 122 3.38 12.48 19.74
C LEU D 122 3.29 13.98 19.96
N ILE D 123 2.40 14.39 20.86
CA ILE D 123 2.34 15.79 21.28
C ILE D 123 3.62 16.17 22.00
N GLY D 124 4.06 15.32 22.93
CA GLY D 124 5.29 15.57 23.65
C GLY D 124 6.50 15.62 22.74
N PHE D 125 6.51 14.80 21.69
CA PHE D 125 7.61 14.85 20.74
C PHE D 125 7.63 16.16 19.99
N MET D 126 6.48 16.64 19.56
CA MET D 126 6.50 17.84 18.73
C MET D 126 6.74 19.06 19.61
N LEU D 127 6.31 18.99 20.87
CA LEU D 127 6.71 19.99 21.85
C LEU D 127 8.21 19.98 22.07
N ARG D 128 8.81 18.79 22.04
CA ARG D 128 10.26 18.67 22.18
C ARG D 128 10.98 19.31 20.99
N GLN D 129 10.44 19.14 19.79
CA GLN D 129 10.95 19.82 18.60
C GLN D 129 10.91 21.33 18.78
N ILE D 130 9.81 21.84 19.34
CA ILE D 130 9.68 23.27 19.58
C ILE D 130 10.65 23.72 20.65
N GLU D 131 10.77 22.96 21.73
CA GLU D 131 11.62 23.34 22.85
C GLU D 131 13.08 23.40 22.45
N ILE D 132 13.55 22.43 21.68
CA ILE D 132 14.95 22.41 21.26
C ILE D 132 15.22 23.52 20.27
N ALA D 133 14.31 23.71 19.31
CA ALA D 133 14.48 24.77 18.32
C ALA D 133 14.51 26.14 18.99
N ARG D 134 13.71 26.31 20.05
CA ARG D 134 13.73 27.56 20.79
C ARG D 134 15.04 27.74 21.54
N LEU D 135 15.53 26.66 22.13
CA LEU D 135 16.77 26.72 22.91
C LEU D 135 17.97 26.97 22.01
N VAL D 136 18.08 26.20 20.93
CA VAL D 136 19.13 26.41 19.94
C VAL D 136 18.96 27.74 19.21
N GLY D 137 17.73 28.11 18.85
CA GLY D 137 17.49 29.40 18.27
C GLY D 137 17.23 29.36 16.77
N ILE D 138 16.61 28.29 16.29
CA ILE D 138 16.34 28.13 14.87
C ILE D 138 14.83 28.11 14.65
N ARG D 139 14.44 28.23 13.40
CA ARG D 139 13.03 28.21 13.05
C ARG D 139 12.47 26.82 13.31
N PRO D 140 11.26 26.71 13.80
CA PRO D 140 10.70 25.39 14.15
C PRO D 140 9.92 24.72 13.03
N TYR D 141 10.53 24.65 11.83
CA TYR D 141 9.81 24.07 10.70
C TYR D 141 9.71 22.57 10.81
N ASN D 142 10.62 21.95 11.56
CA ASN D 142 10.51 20.52 11.83
C ASN D 142 9.24 20.19 12.61
N ALA D 143 8.87 21.06 13.56
CA ALA D 143 7.62 20.87 14.30
C ALA D 143 6.41 21.10 13.41
N ILE D 144 6.50 22.06 12.49
CA ILE D 144 5.45 22.26 11.50
C ILE D 144 5.31 21.03 10.63
N ALA D 145 6.43 20.46 10.20
CA ALA D 145 6.39 19.28 9.34
C ALA D 145 5.89 18.05 10.08
N PHE D 146 6.15 17.97 11.39
CA PHE D 146 5.66 16.86 12.18
C PHE D 146 4.17 16.96 12.49
N SER D 147 3.55 18.11 12.23
CA SER D 147 2.11 18.23 12.42
C SER D 147 1.34 17.32 11.49
N ALA D 148 1.95 16.90 10.38
CA ALA D 148 1.28 16.03 9.43
C ALA D 148 1.24 14.58 9.89
N PRO D 149 2.33 13.97 10.42
CA PRO D 149 2.15 12.67 11.09
C PRO D 149 1.18 12.70 12.25
N ILE D 150 1.12 13.81 12.98
CA ILE D 150 0.17 13.94 14.07
C ILE D 150 -1.25 14.08 13.53
N ALA D 151 -1.43 14.80 12.43
CA ALA D 151 -2.75 14.90 11.81
C ALA D 151 -3.21 13.56 11.26
N VAL D 152 -2.29 12.78 10.68
CA VAL D 152 -2.65 11.47 10.17
C VAL D 152 -3.04 10.54 11.31
N TYR D 153 -2.26 10.57 12.39
CA TYR D 153 -2.54 9.71 13.52
C TYR D 153 -3.86 10.07 14.19
N CYS D 154 -4.11 11.36 14.38
CA CYS D 154 -5.34 11.77 15.04
C CYS D 154 -6.55 11.44 14.18
N ALA D 155 -6.44 11.61 12.87
CA ALA D 155 -7.56 11.32 11.98
C ALA D 155 -7.84 9.83 11.91
N THR D 156 -6.82 9.02 11.70
CA THR D 156 -6.97 7.58 11.52
C THR D 156 -7.27 6.82 12.80
N PHE D 157 -6.53 7.10 13.88
CA PHE D 157 -6.65 6.34 15.12
C PHE D 157 -7.66 6.90 16.09
N LEU D 158 -8.01 8.18 15.99
CA LEU D 158 -8.95 8.79 16.92
C LEU D 158 -10.21 9.28 16.25
N ILE D 159 -10.09 10.17 15.27
CA ILE D 159 -11.27 10.82 14.70
C ILE D 159 -12.12 9.80 13.95
N TYR D 160 -11.48 8.90 13.18
CA TYR D 160 -12.25 7.90 12.44
C TYR D 160 -13.02 6.95 13.35
N PRO D 161 -12.43 6.28 14.36
CA PRO D 161 -13.25 5.42 15.23
C PRO D 161 -14.29 6.18 16.02
N LEU D 162 -13.99 7.42 16.41
CA LEU D 162 -14.96 8.23 17.13
C LEU D 162 -16.15 8.57 16.27
N GLY D 163 -15.93 8.83 14.99
CA GLY D 163 -17.05 9.06 14.09
C GLY D 163 -17.83 7.80 13.79
N GLN D 164 -17.19 6.65 13.93
CA GLN D 164 -17.80 5.36 13.65
C GLN D 164 -18.53 4.86 14.90
N SER D 165 -18.96 3.62 14.89
CA SER D 165 -19.80 3.15 15.98
C SER D 165 -19.02 2.82 17.24
N SER D 166 -17.74 2.48 17.15
CA SER D 166 -16.96 2.09 18.31
C SER D 166 -15.47 2.19 17.99
N TRP D 167 -14.63 2.08 19.01
CA TRP D 167 -13.19 1.96 18.82
C TRP D 167 -12.81 0.71 18.03
N PHE D 168 -13.71 -0.28 17.96
CA PHE D 168 -13.46 -1.51 17.22
C PHE D 168 -13.04 -1.25 15.78
N PHE D 169 -13.61 -0.23 15.15
CA PHE D 169 -13.37 -0.01 13.73
C PHE D 169 -12.14 0.83 13.47
N GLY D 170 -11.42 1.21 14.49
CA GLY D 170 -10.13 1.82 14.32
C GLY D 170 -9.08 0.85 13.86
N PRO D 171 -7.89 1.35 13.59
CA PRO D 171 -6.80 0.47 13.19
C PRO D 171 -6.13 -0.18 14.39
N GLY D 172 -6.01 -1.51 14.33
CA GLY D 172 -5.23 -2.19 15.33
C GLY D 172 -3.76 -1.91 15.18
N PHE D 173 -3.03 -2.00 16.30
CA PHE D 173 -1.60 -1.74 16.32
C PHE D 173 -0.84 -3.02 15.99
N GLY D 174 -0.87 -3.36 14.70
CA GLY D 174 -0.20 -4.54 14.21
C GLY D 174 -0.03 -4.47 12.71
N VAL D 175 0.88 -5.29 12.20
CA VAL D 175 1.18 -5.28 10.76
C VAL D 175 -0.05 -5.74 9.97
N SER D 176 -0.61 -6.88 10.36
CA SER D 176 -1.73 -7.43 9.62
C SER D 176 -3.04 -6.75 9.96
N ALA D 177 -3.18 -6.25 11.20
CA ALA D 177 -4.36 -5.49 11.56
C ALA D 177 -4.46 -4.24 10.70
N ILE D 178 -3.32 -3.59 10.45
CA ILE D 178 -3.28 -2.44 9.57
C ILE D 178 -3.63 -2.84 8.14
N PHE D 179 -3.16 -4.01 7.71
CA PHE D 179 -3.50 -4.51 6.39
C PHE D 179 -4.99 -4.75 6.24
N ARG D 180 -5.63 -5.26 7.31
CA ARG D 180 -7.09 -5.37 7.32
C ARG D 180 -7.73 -4.00 7.22
N PHE D 181 -7.19 -3.03 7.96
CA PHE D 181 -7.70 -1.67 7.95
C PHE D 181 -7.64 -1.07 6.55
N LEU D 182 -6.56 -1.35 5.83
CA LEU D 182 -6.43 -0.91 4.44
C LEU D 182 -7.52 -1.52 3.57
N LEU D 183 -7.71 -2.83 3.67
CA LEU D 183 -8.69 -3.52 2.83
C LEU D 183 -10.12 -3.16 3.21
N PHE D 184 -10.36 -2.93 4.49
CA PHE D 184 -11.68 -2.49 4.93
C PHE D 184 -12.03 -1.15 4.29
N PHE D 185 -11.05 -0.26 4.16
CA PHE D 185 -11.33 1.05 3.61
C PHE D 185 -11.56 1.01 2.10
N GLN D 186 -11.04 0.00 1.41
CA GLN D 186 -11.41 -0.16 0.01
C GLN D 186 -12.86 -0.59 -0.12
N GLY D 187 -13.21 -1.71 0.51
CA GLY D 187 -14.53 -2.28 0.32
C GLY D 187 -15.63 -1.40 0.86
N PHE D 188 -15.41 -0.82 2.03
CA PHE D 188 -16.46 -0.08 2.71
C PHE D 188 -16.41 1.42 2.44
N HIS D 189 -15.29 1.95 2.00
CA HIS D 189 -15.18 3.38 1.81
C HIS D 189 -14.69 3.78 0.42
N ASN D 190 -14.23 2.84 -0.40
CA ASN D 190 -13.64 3.11 -1.72
C ASN D 190 -12.55 4.18 -1.62
N TYR D 191 -11.70 4.04 -0.60
CA TYR D 191 -10.77 5.08 -0.22
C TYR D 191 -9.72 5.37 -1.28
N THR D 192 -9.49 4.45 -2.21
CA THR D 192 -8.59 4.74 -3.32
C THR D 192 -9.17 5.84 -4.20
N LEU D 193 -10.48 5.86 -4.35
CA LEU D 193 -11.09 6.87 -5.20
C LEU D 193 -11.25 8.20 -4.50
N ASN D 194 -11.03 8.26 -3.20
CA ASN D 194 -11.13 9.51 -2.46
C ASN D 194 -10.08 10.51 -2.96
N PRO D 195 -10.48 11.71 -3.37
CA PRO D 195 -9.49 12.66 -3.90
C PRO D 195 -8.50 13.12 -2.85
N PHE D 196 -8.88 13.15 -1.58
CA PHE D 196 -7.92 13.55 -0.55
C PHE D 196 -6.87 12.48 -0.34
N HIS D 197 -7.28 11.21 -0.39
CA HIS D 197 -6.29 10.10 -0.39
C HIS D 197 -5.42 10.20 -1.64
N MET D 198 -6.01 10.61 -2.77
CA MET D 198 -5.26 10.77 -4.01
C MET D 198 -4.17 11.83 -3.86
N MET D 199 -4.50 12.97 -3.24
CA MET D 199 -3.49 13.98 -2.97
C MET D 199 -2.48 13.52 -1.94
N GLY D 200 -2.91 12.68 -1.01
CA GLY D 200 -2.00 12.04 -0.08
C GLY D 200 -0.98 11.16 -0.77
N VAL D 201 -1.44 10.33 -1.71
CA VAL D 201 -0.54 9.46 -2.45
C VAL D 201 0.43 10.28 -3.29
N THR D 202 -0.06 11.34 -3.90
CA THR D 202 0.81 12.22 -4.69
C THR D 202 1.85 12.88 -3.80
N GLY D 203 1.45 13.31 -2.61
CA GLY D 203 2.38 13.82 -1.63
C GLY D 203 3.44 12.85 -1.20
N VAL D 204 3.08 11.58 -1.01
CA VAL D 204 4.03 10.60 -0.50
C VAL D 204 4.94 10.07 -1.59
N LEU D 205 4.40 9.77 -2.78
CA LEU D 205 5.26 9.36 -3.87
C LEU D 205 6.11 10.52 -4.35
N GLY D 206 5.52 11.72 -4.40
CA GLY D 206 6.29 12.90 -4.74
C GLY D 206 7.34 13.22 -3.70
N GLY D 207 7.00 13.03 -2.42
CA GLY D 207 7.94 13.18 -1.34
C GLY D 207 9.09 12.19 -1.46
N ALA D 208 8.78 10.93 -1.75
CA ALA D 208 9.82 9.94 -1.97
C ALA D 208 10.64 10.26 -3.21
N LEU D 209 9.98 10.74 -4.27
CA LEU D 209 10.70 11.13 -5.48
C LEU D 209 11.67 12.26 -5.19
N LEU D 210 11.24 13.25 -4.41
CA LEU D 210 12.10 14.37 -4.07
C LEU D 210 13.31 13.90 -3.28
N CYS D 211 13.11 12.95 -2.38
CA CYS D 211 14.20 12.38 -1.60
C CYS D 211 15.24 11.73 -2.51
N ALA D 212 14.80 10.98 -3.51
CA ALA D 212 15.73 10.26 -4.36
C ALA D 212 16.44 11.18 -5.34
N ILE D 213 15.70 12.09 -5.97
CA ILE D 213 16.30 12.99 -6.95
C ILE D 213 17.30 13.90 -6.28
N HIS D 214 16.89 14.54 -5.18
CA HIS D 214 17.73 15.53 -4.52
C HIS D 214 19.00 14.92 -3.97
N GLY D 215 18.88 13.75 -3.33
CA GLY D 215 20.05 13.06 -2.83
C GLY D 215 20.99 12.61 -3.94
N ALA D 216 20.42 12.10 -5.03
CA ALA D 216 21.23 11.74 -6.19
C ALA D 216 21.84 12.97 -6.85
N THR D 217 21.08 14.06 -6.91
CA THR D 217 21.57 15.29 -7.52
C THR D 217 22.73 15.86 -6.72
N VAL D 218 22.62 15.84 -5.40
CA VAL D 218 23.71 16.35 -4.56
C VAL D 218 24.94 15.47 -4.72
N GLN D 219 24.74 14.15 -4.65
CA GLN D 219 25.84 13.20 -4.73
C GLN D 219 26.55 13.26 -6.08
N ASN D 220 25.80 13.48 -7.15
CA ASN D 220 26.39 13.42 -8.48
C ASN D 220 26.82 14.79 -8.99
N THR D 221 26.61 15.84 -8.21
CA THR D 221 27.14 17.17 -8.50
C THR D 221 28.06 17.63 -7.38
N LEU D 222 28.67 16.68 -6.68
CA LEU D 222 29.59 17.01 -5.60
C LEU D 222 30.81 17.72 -6.17
N PHE D 223 31.40 18.57 -5.35
CA PHE D 223 32.64 19.24 -5.70
C PHE D 223 33.82 18.30 -5.47
N ARG D 224 34.74 18.27 -6.44
CA ARG D 224 35.97 17.53 -6.25
C ARG D 224 36.88 18.36 -5.35
N ASP D 225 37.17 17.83 -4.18
CA ASP D 225 38.06 18.51 -3.24
C ASP D 225 39.32 17.69 -2.97
N ASN D 226 39.11 16.44 -2.54
CA ASN D 226 40.25 15.52 -2.23
C ASN D 226 40.55 14.63 -3.43
N GLN D 227 41.32 13.56 -3.20
CA GLN D 227 41.67 12.62 -4.25
C GLN D 227 41.28 11.19 -3.93
N SER D 228 40.67 10.93 -2.77
CA SER D 228 40.22 9.59 -2.50
C SER D 228 39.03 9.22 -3.39
N LYS D 229 39.01 7.97 -3.81
CA LYS D 229 37.94 7.50 -4.68
C LYS D 229 36.62 7.31 -3.95
N ASN D 230 36.61 7.39 -2.63
CA ASN D 230 35.37 7.54 -1.89
C ASN D 230 35.25 9.00 -1.48
N THR D 231 34.11 9.62 -1.78
CA THR D 231 33.97 11.06 -1.63
C THR D 231 33.32 11.45 -0.32
N PHE D 232 33.02 10.47 0.53
CA PHE D 232 32.38 10.72 1.85
C PHE D 232 33.37 11.40 2.79
N LYS D 233 34.42 12.01 2.22
CA LYS D 233 35.46 12.72 3.04
C LYS D 233 36.30 13.60 2.11
N GLY D 234 35.67 14.59 1.47
CA GLY D 234 36.38 15.51 0.57
C GLY D 234 36.49 16.91 1.15
N PHE D 235 36.57 17.01 2.47
CA PHE D 235 36.67 18.33 3.17
C PHE D 235 35.56 19.26 2.65
N SER D 236 34.32 18.78 2.68
CA SER D 236 33.15 19.58 2.21
C SER D 236 31.85 19.06 2.85
N THR D 237 31.90 17.88 3.47
CA THR D 237 30.71 17.28 4.13
C THR D 237 30.32 18.14 5.34
N ASP D 238 31.32 18.71 6.03
CA ASP D 238 31.07 19.56 7.22
C ASP D 238 30.36 20.85 6.79
N GLN D 239 30.72 21.35 5.60
CA GLN D 239 30.10 22.60 5.06
C GLN D 239 28.57 22.48 5.13
N GLY D 240 28.02 21.45 4.48
CA GLY D 240 26.56 21.23 4.47
C GLY D 240 26.03 20.99 3.07
N GLU D 241 25.36 21.98 2.49
CA GLU D 241 24.84 21.88 1.11
C GLU D 241 25.92 22.36 0.13
N GLU D 242 26.60 23.46 0.46
CA GLU D 242 27.65 24.03 -0.42
C GLU D 242 28.65 22.95 -0.81
N THR D 243 28.38 21.71 -0.39
CA THR D 243 29.17 20.56 -0.81
C THR D 243 29.00 20.19 -2.28
N TYR D 244 27.98 20.72 -2.95
CA TYR D 244 27.65 20.31 -4.30
C TYR D 244 27.38 21.53 -5.16
N SER D 245 27.53 21.35 -6.47
CA SER D 245 27.43 22.46 -7.42
C SER D 245 25.97 22.72 -7.77
N MET D 246 25.44 23.82 -7.24
CA MET D 246 24.11 24.28 -7.57
C MET D 246 23.96 24.64 -9.05
N VAL D 247 25.00 25.18 -9.66
CA VAL D 247 24.93 25.60 -11.06
C VAL D 247 24.87 24.39 -11.98
N THR D 248 25.73 23.40 -11.74
CA THR D 248 25.75 22.21 -12.60
C THR D 248 24.48 21.40 -12.42
N ALA D 249 23.96 21.35 -11.20
CA ALA D 249 22.72 20.64 -10.94
C ALA D 249 21.54 21.28 -11.66
N ASN D 250 21.45 22.60 -11.61
CA ASN D 250 20.39 23.33 -12.30
C ASN D 250 20.50 23.13 -13.81
N ARG D 251 21.73 23.12 -14.33
CA ARG D 251 21.92 22.92 -15.76
C ARG D 251 21.48 21.52 -16.19
N PHE D 252 21.76 20.51 -15.36
CA PHE D 252 21.38 19.15 -15.66
C PHE D 252 19.86 19.01 -15.74
N TRP D 253 19.16 19.56 -14.76
CA TRP D 253 17.73 19.32 -14.66
C TRP D 253 16.92 20.22 -15.57
N SER D 254 17.43 21.42 -15.88
CA SER D 254 16.78 22.28 -16.86
C SER D 254 16.90 21.71 -18.26
N GLN D 255 17.89 20.85 -18.49
CA GLN D 255 18.08 20.24 -19.78
C GLN D 255 17.51 18.83 -19.88
N ILE D 256 17.49 18.08 -18.79
CA ILE D 256 16.83 16.79 -18.79
C ILE D 256 15.33 16.95 -18.68
N PHE D 257 14.89 17.61 -17.61
CA PHE D 257 13.47 17.73 -17.30
C PHE D 257 12.80 18.96 -17.90
N GLY D 258 13.54 20.03 -18.17
CA GLY D 258 12.95 21.27 -18.66
C GLY D 258 12.97 22.35 -17.62
N ILE D 259 12.65 22.00 -16.38
CA ILE D 259 12.67 22.93 -15.26
C ILE D 259 13.56 22.36 -14.18
N ALA D 260 14.13 23.24 -13.37
CA ALA D 260 14.94 22.87 -12.23
C ALA D 260 14.65 23.80 -11.08
N PHE D 261 14.86 23.31 -9.86
CA PHE D 261 14.69 24.16 -8.67
C PHE D 261 15.94 24.99 -8.49
N SER D 262 15.91 26.24 -8.97
CA SER D 262 17.11 27.07 -9.06
C SER D 262 17.57 27.61 -7.71
N ASN D 263 16.70 27.65 -6.70
CA ASN D 263 17.05 28.21 -5.41
C ASN D 263 17.05 27.09 -4.38
N LYS D 264 18.12 27.00 -3.59
CA LYS D 264 18.24 25.93 -2.61
C LYS D 264 17.19 26.06 -1.51
N ARG D 265 16.83 27.29 -1.15
CA ARG D 265 15.79 27.51 -0.16
C ARG D 265 14.43 27.02 -0.65
N TRP D 266 14.12 27.25 -1.93
CA TRP D 266 12.81 26.85 -2.45
C TRP D 266 12.70 25.34 -2.55
N LEU D 267 13.78 24.68 -3.00
CA LEU D 267 13.78 23.23 -3.13
C LEU D 267 13.55 22.57 -1.78
N HIS D 268 14.23 23.07 -0.75
CA HIS D 268 14.06 22.48 0.57
C HIS D 268 12.74 22.89 1.18
N PHE D 269 12.21 24.04 0.79
CA PHE D 269 10.82 24.34 1.12
C PHE D 269 9.88 23.35 0.46
N PHE D 270 10.18 22.96 -0.78
CA PHE D 270 9.30 22.04 -1.50
C PHE D 270 9.41 20.63 -0.95
N MET D 271 10.60 20.25 -0.47
CA MET D 271 10.74 18.96 0.19
C MET D 271 10.02 18.93 1.52
N LEU D 272 9.92 20.06 2.21
CA LEU D 272 9.01 20.16 3.33
C LEU D 272 7.57 20.02 2.85
N PHE D 273 7.20 20.82 1.85
CA PHE D 273 5.79 21.13 1.62
C PHE D 273 5.06 19.94 1.00
N VAL D 274 5.69 19.23 0.07
CA VAL D 274 5.01 18.20 -0.72
C VAL D 274 4.52 17.04 0.13
N PRO D 275 5.33 16.35 0.95
CA PRO D 275 4.76 15.25 1.73
C PRO D 275 3.89 15.71 2.88
N VAL D 276 4.19 16.86 3.47
CA VAL D 276 3.44 17.35 4.62
C VAL D 276 2.01 17.70 4.22
N THR D 277 1.87 18.43 3.11
CA THR D 277 0.55 18.77 2.59
C THR D 277 -0.21 17.53 2.16
N GLY D 278 0.48 16.57 1.53
CA GLY D 278 -0.11 15.31 1.16
C GLY D 278 -0.70 14.56 2.33
N LEU D 279 0.05 14.47 3.42
CA LEU D 279 -0.46 13.81 4.62
C LEU D 279 -1.63 14.57 5.22
N TRP D 280 -1.57 15.90 5.20
CA TRP D 280 -2.67 16.71 5.70
C TRP D 280 -3.93 16.51 4.87
N MET D 281 -3.76 16.32 3.56
CA MET D 281 -4.88 15.99 2.69
C MET D 281 -5.49 14.65 3.04
N SER D 282 -4.65 13.63 3.22
CA SER D 282 -5.15 12.32 3.61
C SER D 282 -5.85 12.37 4.96
N ALA D 283 -5.43 13.27 5.84
CA ALA D 283 -6.09 13.42 7.14
C ALA D 283 -7.50 13.99 6.98
N ILE D 284 -7.68 14.87 6.01
CA ILE D 284 -9.02 15.41 5.75
C ILE D 284 -9.92 14.35 5.14
N GLY D 285 -9.40 13.53 4.22
CA GLY D 285 -10.16 12.43 3.67
C GLY D 285 -10.59 11.43 4.72
N MET D 286 -9.66 11.10 5.61
CA MET D 286 -9.95 10.20 6.73
C MET D 286 -10.96 10.80 7.68
N ALA D 287 -10.87 12.11 7.94
CA ALA D 287 -11.85 12.78 8.78
C ALA D 287 -13.23 12.73 8.16
N GLY D 288 -13.31 12.83 6.84
CA GLY D 288 -14.59 12.67 6.17
C GLY D 288 -15.16 11.27 6.32
N LEU D 289 -14.31 10.27 6.26
CA LEU D 289 -14.77 8.90 6.40
C LEU D 289 -15.21 8.56 7.81
N ALA D 290 -14.82 9.34 8.82
CA ALA D 290 -15.38 9.20 10.15
C ALA D 290 -16.90 9.36 10.12
N PHE D 291 -17.41 10.11 9.17
CA PHE D 291 -18.84 10.30 8.98
C PHE D 291 -19.37 9.52 7.79
N ASN D 292 -18.61 8.54 7.30
CA ASN D 292 -18.93 7.71 6.14
C ASN D 292 -19.07 8.53 4.87
N LEU D 293 -18.46 9.71 4.82
CA LEU D 293 -18.52 10.59 3.68
C LEU D 293 -17.49 10.13 2.65
N ARG D 294 -17.89 9.16 1.83
CA ARG D 294 -17.04 8.64 0.73
C ARG D 294 -17.34 9.40 -0.55
N ALA D 295 -16.37 9.42 -1.49
CA ALA D 295 -16.45 10.26 -2.67
C ALA D 295 -16.96 9.49 -3.88
N TYR D 296 -17.35 10.26 -4.90
CA TYR D 296 -17.40 9.80 -6.29
C TYR D 296 -18.37 8.66 -6.56
N ASP D 297 -19.66 8.96 -6.61
CA ASP D 297 -20.64 7.97 -7.04
C ASP D 297 -20.53 7.57 -8.52
N PHE D 298 -20.46 8.53 -9.43
CA PHE D 298 -20.49 8.30 -10.89
C PHE D 298 -21.68 7.40 -11.28
N VAL D 299 -22.86 7.95 -11.03
CA VAL D 299 -24.10 7.18 -11.14
C VAL D 299 -24.45 6.91 -12.59
N SER D 300 -23.90 7.70 -13.52
CA SER D 300 -24.11 7.48 -14.94
C SER D 300 -23.54 6.16 -15.41
N GLN D 301 -22.35 5.80 -14.90
CA GLN D 301 -21.76 4.53 -15.27
C GLN D 301 -22.45 3.37 -14.58
N GLU D 302 -22.91 3.59 -13.34
CA GLU D 302 -23.61 2.55 -12.59
C GLU D 302 -24.95 2.22 -13.23
N ILE D 303 -25.72 3.25 -13.58
CA ILE D 303 -27.02 3.05 -14.23
C ILE D 303 -26.84 2.42 -15.60
N ARG D 304 -25.84 2.87 -16.36
CA ARG D 304 -25.62 2.36 -17.71
C ARG D 304 -25.22 0.90 -17.68
N ALA D 305 -24.43 0.49 -16.69
CA ALA D 305 -24.09 -0.90 -16.53
C ALA D 305 -25.18 -1.69 -15.80
N ALA D 306 -26.21 -1.00 -15.29
CA ALA D 306 -27.42 -1.67 -14.84
C ALA D 306 -28.50 -1.68 -15.91
N GLU D 307 -28.28 -0.98 -17.03
CA GLU D 307 -29.22 -0.94 -18.14
C GLU D 307 -28.61 -1.54 -19.41
N ASP D 308 -27.28 -1.61 -19.48
CA ASP D 308 -26.62 -2.25 -20.62
C ASP D 308 -25.60 -3.24 -20.10
N PRO D 309 -25.86 -4.55 -20.24
CA PRO D 309 -24.87 -5.55 -19.84
C PRO D 309 -23.57 -5.48 -20.63
N GLU D 310 -23.59 -4.91 -21.83
CA GLU D 310 -22.35 -4.72 -22.58
C GLU D 310 -21.46 -3.66 -21.95
N PHE D 311 -22.02 -2.79 -21.12
CA PHE D 311 -21.28 -1.64 -20.61
C PHE D 311 -20.56 -2.04 -19.33
N GLU D 312 -19.26 -1.77 -19.29
CA GLU D 312 -18.45 -1.99 -18.09
C GLU D 312 -17.27 -1.04 -18.15
N THR D 313 -16.99 -0.38 -17.03
CA THR D 313 -15.76 0.38 -16.89
C THR D 313 -14.94 -0.20 -15.76
N PHE D 314 -13.74 0.35 -15.58
CA PHE D 314 -12.94 -0.03 -14.42
C PHE D 314 -13.58 0.47 -13.14
N TYR D 315 -14.36 1.53 -13.22
CA TYR D 315 -15.07 2.01 -12.04
C TYR D 315 -16.14 1.01 -11.60
N THR D 316 -16.93 0.50 -12.55
CA THR D 316 -17.98 -0.44 -12.16
C THR D 316 -17.40 -1.79 -11.78
N LYS D 317 -16.24 -2.14 -12.31
CA LYS D 317 -15.54 -3.34 -11.86
C LYS D 317 -15.10 -3.19 -10.40
N ASN D 318 -14.65 -2.00 -10.03
CA ASN D 318 -14.18 -1.77 -8.67
C ASN D 318 -15.31 -1.81 -7.68
N ILE D 319 -16.49 -1.33 -8.09
CA ILE D 319 -17.69 -1.40 -7.26
C ILE D 319 -18.03 -2.86 -6.96
N LEU D 320 -17.94 -3.73 -7.97
CA LEU D 320 -18.18 -5.14 -7.76
C LEU D 320 -17.11 -5.76 -6.86
N LEU D 321 -15.85 -5.35 -7.03
CA LEU D 321 -14.79 -5.80 -6.15
C LEU D 321 -15.03 -5.37 -4.71
N ASN D 322 -15.53 -4.15 -4.51
CA ASN D 322 -15.80 -3.66 -3.16
C ASN D 322 -16.98 -4.39 -2.53
N GLU D 323 -17.98 -4.74 -3.34
CA GLU D 323 -19.08 -5.57 -2.87
C GLU D 323 -18.59 -6.91 -2.38
N GLY D 324 -17.71 -7.55 -3.14
CA GLY D 324 -17.11 -8.81 -2.75
C GLY D 324 -16.32 -8.68 -1.48
N LEU D 325 -15.57 -7.58 -1.35
CA LEU D 325 -14.85 -7.29 -0.12
C LEU D 325 -15.81 -7.23 1.07
N ARG D 326 -16.88 -6.44 0.94
CA ARG D 326 -17.76 -6.18 2.08
C ARG D 326 -18.42 -7.46 2.58
N ALA D 327 -18.91 -8.28 1.67
CA ALA D 327 -19.64 -9.48 2.10
C ALA D 327 -18.69 -10.56 2.62
N TRP D 328 -17.57 -10.76 1.93
CA TRP D 328 -16.69 -11.85 2.31
C TRP D 328 -15.82 -11.53 3.52
N LEU D 329 -15.70 -10.25 3.89
CA LEU D 329 -14.88 -9.88 5.03
C LEU D 329 -15.70 -9.83 6.31
N SER D 330 -16.92 -9.33 6.24
CA SER D 330 -17.58 -8.75 7.40
C SER D 330 -18.11 -9.77 8.39
N GLU D 331 -18.36 -11.02 7.98
CA GLU D 331 -18.72 -12.05 8.93
C GLU D 331 -17.57 -12.30 9.90
N MET D 332 -16.36 -12.44 9.37
CA MET D 332 -15.19 -12.63 10.22
C MET D 332 -14.77 -11.33 10.87
N ASP D 333 -14.80 -10.23 10.13
CA ASP D 333 -14.27 -8.95 10.59
C ASP D 333 -15.13 -8.29 11.65
N GLN D 334 -16.43 -8.57 11.70
CA GLN D 334 -17.31 -8.00 12.72
C GLN D 334 -18.03 -9.14 13.45
N PRO D 335 -17.32 -9.87 14.31
CA PRO D 335 -17.95 -11.03 14.98
C PRO D 335 -19.09 -10.67 15.91
N ALA D 336 -19.07 -9.49 16.53
CA ALA D 336 -20.13 -9.11 17.44
C ALA D 336 -21.45 -8.89 16.70
N LYS D 337 -21.38 -8.44 15.44
CA LYS D 337 -22.60 -8.29 14.65
C LYS D 337 -23.21 -9.63 14.33
N LYS D 338 -22.39 -10.67 14.21
CA LYS D 338 -22.82 -12.04 13.93
C LYS D 338 -23.60 -12.09 12.62
N PHE D 339 -23.00 -11.51 11.58
CA PHE D 339 -23.56 -11.59 10.24
C PHE D 339 -23.64 -13.03 9.80
N VAL D 340 -24.75 -13.39 9.18
CA VAL D 340 -24.86 -14.68 8.52
C VAL D 340 -25.18 -14.41 7.05
N PHE D 341 -24.22 -14.65 6.23
CA PHE D 341 -24.46 -14.60 4.81
C PHE D 341 -24.44 -16.03 4.28
N PRO D 342 -25.57 -16.58 3.88
CA PRO D 342 -25.56 -17.88 3.20
C PRO D 342 -24.75 -17.78 1.91
N ASP D 343 -24.27 -18.95 1.45
CA ASP D 343 -23.37 -18.99 0.29
C ASP D 343 -24.03 -18.39 -0.94
N GLU D 344 -25.36 -18.48 -1.04
CA GLU D 344 -26.05 -17.99 -2.23
C GLU D 344 -26.11 -16.46 -2.26
N VAL D 345 -26.10 -15.81 -1.09
CA VAL D 345 -26.19 -14.36 -1.09
C VAL D 345 -24.85 -13.70 -1.35
N LEU D 346 -23.76 -14.45 -1.24
CA LEU D 346 -22.44 -13.89 -1.42
C LEU D 346 -22.20 -13.54 -2.88
N PRO D 347 -21.54 -12.42 -3.15
CA PRO D 347 -21.26 -12.06 -4.53
C PRO D 347 -20.08 -12.84 -5.10
N ARG D 348 -20.10 -13.00 -6.42
CA ARG D 348 -19.06 -13.70 -7.16
C ARG D 348 -19.27 -13.37 -8.64
N GLY D 349 -18.23 -13.62 -9.44
CA GLY D 349 -18.36 -13.53 -10.88
C GLY D 349 -18.54 -14.87 -11.57
N PHE D 350 -19.07 -15.85 -10.86
CA PHE D 350 -19.00 -17.26 -11.27
C PHE D 350 -20.05 -17.58 -12.33
N ARG E 18 33.36 -5.47 39.52
CA ARG E 18 32.64 -4.31 40.03
C ARG E 18 31.40 -4.03 39.18
N TYR E 19 31.62 -3.80 37.89
CA TYR E 19 30.51 -3.61 36.96
C TYR E 19 29.94 -4.95 36.51
N TRP E 20 30.82 -5.86 36.09
CA TRP E 20 30.42 -7.06 35.38
C TRP E 20 30.05 -8.22 36.30
N ILE E 21 29.96 -7.99 37.61
CA ILE E 21 29.57 -9.03 38.54
C ILE E 21 28.06 -9.06 38.66
N ILE E 22 27.45 -7.89 38.86
CA ILE E 22 26.01 -7.84 39.06
C ILE E 22 25.25 -7.91 37.73
N HIS E 23 25.95 -7.99 36.61
CA HIS E 23 25.32 -8.23 35.31
C HIS E 23 25.35 -9.69 34.90
N SER E 24 26.39 -10.43 35.27
CA SER E 24 26.38 -11.87 35.11
C SER E 24 25.34 -12.57 35.96
N ILE E 25 24.87 -11.92 37.04
CA ILE E 25 23.88 -12.55 37.91
C ILE E 25 22.47 -12.19 37.46
N THR E 26 22.22 -10.90 37.20
CA THR E 26 20.87 -10.38 37.05
C THR E 26 20.39 -10.31 35.59
N ILE E 27 21.26 -10.50 34.61
CA ILE E 27 20.78 -10.55 33.24
C ILE E 27 20.22 -11.94 32.91
N PRO E 28 20.91 -13.06 33.22
CA PRO E 28 20.21 -14.34 33.05
C PRO E 28 19.10 -14.55 34.06
N ALA E 29 19.12 -13.87 35.20
CA ALA E 29 18.02 -13.94 36.15
C ALA E 29 16.74 -13.36 35.60
N LEU E 30 16.82 -12.27 34.83
CA LEU E 30 15.65 -11.67 34.22
C LEU E 30 15.19 -12.42 32.97
N PHE E 31 16.12 -13.07 32.27
CA PHE E 31 15.78 -13.95 31.17
C PHE E 31 15.13 -15.24 31.65
N ILE E 32 15.58 -15.77 32.79
CA ILE E 32 14.96 -16.95 33.36
C ILE E 32 13.57 -16.61 33.88
N ALA E 33 13.42 -15.45 34.51
CA ALA E 33 12.12 -15.04 35.01
C ALA E 33 11.15 -14.79 33.87
N GLY E 34 11.64 -14.29 32.73
CA GLY E 34 10.82 -14.25 31.55
C GLY E 34 10.49 -15.64 31.04
N TRP E 35 11.48 -16.52 31.03
CA TRP E 35 11.28 -17.90 30.62
C TRP E 35 10.30 -18.63 31.55
N LEU E 36 10.44 -18.44 32.86
CA LEU E 36 9.55 -19.09 33.81
C LEU E 36 8.17 -18.46 33.82
N PHE E 37 8.04 -17.23 33.35
CA PHE E 37 6.75 -16.58 33.20
C PHE E 37 5.85 -17.36 32.23
N VAL E 38 6.45 -17.86 31.15
CA VAL E 38 5.67 -18.53 30.11
C VAL E 38 5.65 -20.04 30.35
N SER E 39 6.81 -20.61 30.67
CA SER E 39 6.94 -22.07 30.74
C SER E 39 6.11 -22.67 31.87
N THR E 40 5.91 -21.94 32.96
CA THR E 40 5.01 -22.40 34.01
C THR E 40 3.57 -21.96 33.80
N GLY E 41 3.26 -21.30 32.69
CA GLY E 41 1.91 -20.91 32.39
C GLY E 41 1.41 -19.70 33.14
N LEU E 42 2.28 -18.99 33.86
CA LEU E 42 1.88 -17.81 34.60
C LEU E 42 1.46 -16.67 33.67
N ALA E 43 2.02 -16.63 32.46
CA ALA E 43 1.67 -15.58 31.51
C ALA E 43 0.21 -15.68 31.09
N TYR E 44 -0.35 -16.90 31.06
CA TYR E 44 -1.75 -17.07 30.65
C TYR E 44 -2.70 -16.48 31.69
N ASP E 45 -2.45 -16.76 32.97
CA ASP E 45 -3.33 -16.28 34.02
C ASP E 45 -3.22 -14.77 34.20
N ALA E 46 -2.01 -14.21 34.06
CA ALA E 46 -1.80 -12.79 34.34
C ALA E 46 -2.47 -11.89 33.30
N PHE E 47 -2.68 -12.40 32.10
CA PHE E 47 -3.27 -11.62 31.03
C PHE E 47 -4.62 -12.14 30.56
N GLY E 48 -5.05 -13.31 31.00
CA GLY E 48 -6.28 -13.87 30.52
C GLY E 48 -6.19 -14.47 29.13
N THR E 49 -4.99 -14.70 28.64
CA THR E 49 -4.80 -15.33 27.34
C THR E 49 -5.21 -16.80 27.41
N PRO E 50 -6.09 -17.25 26.52
CA PRO E 50 -6.50 -18.66 26.56
C PRO E 50 -5.35 -19.59 26.26
N ARG E 51 -5.32 -20.71 26.96
CA ARG E 51 -4.40 -21.79 26.65
C ARG E 51 -4.87 -22.48 25.38
N PRO E 52 -3.99 -23.24 24.71
CA PRO E 52 -4.41 -23.91 23.46
C PRO E 52 -5.64 -24.80 23.57
N ASN E 53 -5.94 -25.37 24.73
CA ASN E 53 -7.15 -26.18 24.87
C ASN E 53 -8.33 -25.39 25.45
N GLU E 54 -8.28 -24.06 25.41
CA GLU E 54 -9.30 -23.26 26.07
C GLU E 54 -9.93 -22.22 25.14
N TYR E 55 -9.62 -22.28 23.85
CA TYR E 55 -10.24 -21.35 22.92
C TYR E 55 -11.67 -21.72 22.61
N TYR E 56 -11.95 -23.01 22.46
CA TYR E 56 -13.28 -23.51 22.15
C TYR E 56 -13.73 -24.34 23.34
N PRO E 57 -14.52 -23.75 24.26
CA PRO E 57 -15.10 -24.52 25.36
C PRO E 57 -15.96 -25.66 24.83
N SER E 58 -15.51 -26.88 25.05
CA SER E 58 -16.04 -28.02 24.33
C SER E 58 -17.34 -28.56 24.92
N PHE F 15 22.59 8.65 39.70
CA PHE F 15 21.40 7.82 39.85
C PHE F 15 20.33 8.43 38.97
N THR F 16 20.64 9.55 38.35
CA THR F 16 19.67 10.24 37.50
C THR F 16 19.55 9.55 36.14
N ILE F 17 18.96 10.25 35.18
CA ILE F 17 18.34 9.76 33.95
C ILE F 17 19.09 8.61 33.27
N ARG F 18 20.43 8.69 33.24
CA ARG F 18 21.23 7.70 32.53
C ARG F 18 21.01 6.28 33.06
N TRP F 19 20.90 6.12 34.38
CA TRP F 19 20.66 4.79 34.92
C TRP F 19 19.22 4.35 34.71
N LEU F 20 18.27 5.28 34.83
CA LEU F 20 16.85 4.94 34.71
C LEU F 20 16.41 4.78 33.26
N ALA F 21 17.13 5.37 32.31
CA ALA F 21 16.70 5.28 30.93
C ALA F 21 17.13 3.94 30.35
N ILE F 22 18.34 3.51 30.67
CA ILE F 22 18.84 2.23 30.21
C ILE F 22 18.13 1.05 30.88
N HIS F 23 17.78 1.17 32.15
CA HIS F 23 17.23 0.07 32.94
C HIS F 23 15.71 0.04 32.92
N ALA F 24 15.08 1.01 32.28
CA ALA F 24 13.65 0.90 31.98
C ALA F 24 13.45 0.31 30.60
N LEU F 25 14.50 0.31 29.77
CA LEU F 25 14.35 -0.16 28.41
C LEU F 25 15.14 -1.45 28.16
N ALA F 26 15.85 -1.98 29.16
CA ALA F 26 16.56 -3.24 28.96
C ALA F 26 16.10 -4.28 29.97
N ILE F 27 15.61 -3.85 31.13
CA ILE F 27 15.03 -4.76 32.11
C ILE F 27 13.77 -5.44 31.58
N PRO F 28 12.77 -4.74 31.00
CA PRO F 28 11.67 -5.48 30.39
C PRO F 28 12.08 -6.16 29.09
N SER F 29 13.01 -5.55 28.36
CA SER F 29 13.42 -6.07 27.06
C SER F 29 14.14 -7.40 27.13
N VAL F 30 14.79 -7.73 28.25
CA VAL F 30 15.35 -9.07 28.41
C VAL F 30 14.39 -9.99 29.14
N PHE F 31 13.49 -9.46 29.97
CA PHE F 31 12.38 -10.27 30.48
C PHE F 31 11.47 -10.73 29.34
N PHE F 32 11.13 -9.80 28.44
CA PHE F 32 10.27 -10.15 27.31
C PHE F 32 10.97 -11.13 26.38
N LEU F 33 12.26 -10.92 26.15
CA LEU F 33 13.02 -11.81 25.29
C LEU F 33 13.19 -13.17 25.94
N GLY F 34 13.16 -13.21 27.29
CA GLY F 34 13.13 -14.48 27.98
C GLY F 34 11.82 -15.22 27.78
N SER F 35 10.70 -14.49 27.79
CA SER F 35 9.42 -15.15 27.54
C SER F 35 9.25 -15.54 26.08
N ILE F 36 9.65 -14.67 25.14
CA ILE F 36 9.51 -14.98 23.72
C ILE F 36 10.39 -16.16 23.34
N ALA F 37 11.57 -16.28 23.95
CA ALA F 37 12.37 -17.49 23.77
C ALA F 37 11.66 -18.71 24.32
N ALA F 38 10.93 -18.56 25.42
CA ALA F 38 10.21 -19.69 25.99
C ALA F 38 8.97 -20.08 25.18
N MET F 39 8.34 -19.15 24.46
CA MET F 39 7.17 -19.51 23.66
C MET F 39 7.53 -20.38 22.47
N GLN F 40 8.78 -20.34 22.00
CA GLN F 40 9.16 -21.16 20.86
C GLN F 40 9.10 -22.65 21.18
N PHE F 41 9.35 -23.02 22.42
CA PHE F 41 9.19 -24.40 22.89
C PHE F 41 7.86 -24.59 23.61
N ILE F 42 6.76 -24.21 22.93
CA ILE F 42 5.40 -24.45 23.41
C ILE F 42 4.74 -25.45 22.49
N GLN F 43 4.16 -26.50 23.06
CA GLN F 43 3.54 -27.56 22.28
C GLN F 43 2.04 -27.28 22.15
N ARG F 44 1.56 -27.22 20.91
CA ARG F 44 0.14 -27.04 20.62
C ARG F 44 -0.21 -27.43 19.19
N MET G 1 -2.60 -1.51 -44.69
CA MET G 1 -1.53 -1.40 -43.71
C MET G 1 -0.43 -2.42 -43.92
N VAL G 2 -0.17 -2.76 -45.18
CA VAL G 2 1.08 -3.42 -45.54
C VAL G 2 2.14 -2.39 -45.90
N THR G 3 1.73 -1.19 -46.30
CA THR G 3 2.64 -0.08 -46.49
C THR G 3 3.07 0.52 -45.16
N LEU G 4 2.17 0.53 -44.19
CA LEU G 4 2.48 1.04 -42.86
C LEU G 4 3.49 0.17 -42.13
N LYS G 5 3.48 -1.15 -42.36
CA LYS G 5 4.51 -2.02 -41.79
C LYS G 5 5.88 -1.66 -42.33
N ILE G 6 5.97 -1.35 -43.63
CA ILE G 6 7.22 -0.91 -44.22
C ILE G 6 7.65 0.43 -43.62
N VAL G 7 6.68 1.35 -43.45
CA VAL G 7 6.97 2.66 -42.87
C VAL G 7 7.55 2.51 -41.47
N VAL G 8 6.97 1.61 -40.67
CA VAL G 8 7.47 1.41 -39.30
C VAL G 8 8.83 0.72 -39.32
N TYR G 9 8.99 -0.30 -40.16
CA TYR G 9 10.26 -1.03 -40.23
C TYR G 9 11.40 -0.12 -40.66
N LEU G 10 11.13 0.82 -41.55
CA LEU G 10 12.16 1.76 -41.97
C LEU G 10 12.44 2.79 -40.88
N THR G 11 11.38 3.28 -40.24
CA THR G 11 11.52 4.31 -39.21
C THR G 11 12.32 3.77 -38.02
N VAL G 12 12.07 2.52 -37.64
CA VAL G 12 12.84 1.90 -36.56
C VAL G 12 14.29 1.70 -36.98
N SER G 13 14.51 1.29 -38.22
CA SER G 13 15.86 1.07 -38.74
C SER G 13 16.65 2.37 -38.75
N PHE G 14 16.01 3.47 -39.13
CA PHE G 14 16.70 4.75 -39.24
C PHE G 14 17.08 5.29 -37.87
N PHE G 15 16.14 5.31 -36.94
CA PHE G 15 16.40 5.90 -35.63
C PHE G 15 17.37 5.06 -34.81
N VAL G 16 17.27 3.73 -34.92
CA VAL G 16 18.19 2.87 -34.19
C VAL G 16 19.61 3.00 -34.75
N GLY G 17 19.75 3.03 -36.08
CA GLY G 17 21.02 3.22 -36.72
C GLY G 17 21.66 4.54 -36.34
N LEU G 18 20.84 5.58 -36.22
CA LEU G 18 21.28 6.86 -35.70
C LEU G 18 21.92 6.70 -34.32
N PHE G 19 21.23 5.99 -33.42
CA PHE G 19 21.76 5.74 -32.10
C PHE G 19 23.01 4.88 -32.16
N ILE G 20 23.02 3.87 -33.01
CA ILE G 20 24.19 3.00 -33.14
C ILE G 20 25.37 3.77 -33.71
N PHE G 21 25.17 4.49 -34.81
CA PHE G 21 26.23 5.28 -35.41
C PHE G 21 26.59 6.52 -34.59
N GLY G 22 25.71 6.94 -33.70
CA GLY G 22 26.02 8.03 -32.80
C GLY G 22 27.08 7.66 -31.78
N PHE G 23 26.91 6.49 -31.16
CA PHE G 23 27.90 5.99 -30.23
C PHE G 23 29.06 5.31 -30.92
N LEU G 24 28.94 5.05 -32.22
CA LEU G 24 30.06 4.51 -32.99
C LEU G 24 31.11 5.56 -33.27
N SER G 25 30.72 6.85 -33.27
CA SER G 25 31.65 7.93 -33.56
C SER G 25 32.65 8.12 -32.43
N GLY G 26 32.16 8.20 -31.19
CA GLY G 26 33.04 8.23 -30.04
C GLY G 26 33.24 9.58 -29.39
N ASP G 27 32.54 9.82 -28.29
CA ASP G 27 32.77 10.99 -27.45
C ASP G 27 32.27 10.69 -26.04
N GLU H 9 17.43 -40.44 2.23
CA GLU H 9 17.93 -41.52 1.39
C GLU H 9 19.09 -41.05 0.52
N LEU H 10 20.30 -41.40 0.96
CA LEU H 10 21.57 -41.16 0.28
C LEU H 10 22.34 -42.48 0.30
N PRO H 11 23.52 -42.60 -0.34
CA PRO H 11 24.25 -43.87 -0.31
C PRO H 11 24.58 -44.32 1.11
N GLU H 12 24.56 -45.66 1.27
CA GLU H 12 24.53 -46.28 2.59
C GLU H 12 25.81 -46.01 3.39
N ALA H 13 26.97 -46.08 2.71
CA ALA H 13 28.25 -45.91 3.40
C ALA H 13 28.43 -44.49 3.89
N TYR H 14 27.84 -43.52 3.17
CA TYR H 14 28.03 -42.11 3.48
C TYR H 14 26.86 -41.51 4.27
N ARG H 15 26.12 -42.34 5.00
CA ARG H 15 25.14 -41.85 5.98
C ARG H 15 25.78 -41.06 7.11
N ALA H 16 27.03 -41.36 7.46
CA ALA H 16 27.65 -40.74 8.63
C ALA H 16 27.97 -39.28 8.38
N PHE H 17 28.34 -38.94 7.15
CA PHE H 17 28.71 -37.57 6.81
C PHE H 17 27.55 -36.59 6.97
N GLY H 18 26.33 -36.99 6.60
CA GLY H 18 25.12 -36.57 7.28
C GLY H 18 24.95 -35.09 7.54
N PRO H 19 25.05 -34.72 8.82
CA PRO H 19 24.91 -33.30 9.22
C PRO H 19 25.97 -32.38 8.64
N LEU H 20 27.16 -32.89 8.33
CA LEU H 20 28.17 -32.05 7.67
C LEU H 20 27.70 -31.63 6.28
N ILE H 21 27.00 -32.51 5.57
CA ILE H 21 26.33 -32.15 4.32
C ILE H 21 25.26 -31.08 4.55
N ASP H 22 24.50 -31.17 5.64
CA ASP H 22 23.47 -30.19 5.93
C ASP H 22 24.03 -28.80 6.25
N VAL H 23 25.34 -28.69 6.47
CA VAL H 23 25.96 -27.39 6.67
C VAL H 23 26.61 -26.90 5.37
N LEU H 24 26.92 -27.81 4.46
CA LEU H 24 27.70 -27.55 3.26
C LEU H 24 27.13 -26.47 2.32
N PRO H 25 25.81 -26.36 2.07
CA PRO H 25 25.34 -25.22 1.27
C PRO H 25 25.60 -23.86 1.88
N ILE H 26 25.42 -23.70 3.19
CA ILE H 26 25.52 -22.40 3.82
C ILE H 26 26.95 -22.10 4.27
N LEU H 27 27.91 -22.86 3.80
CA LEU H 27 29.30 -22.53 4.09
C LEU H 27 29.79 -21.33 3.27
N PRO H 28 29.39 -21.14 2.00
CA PRO H 28 29.67 -19.85 1.35
C PRO H 28 29.14 -18.61 2.05
N ILE H 29 27.96 -18.62 2.67
CA ILE H 29 27.49 -17.40 3.33
C ILE H 29 28.26 -17.12 4.62
N PHE H 30 29.14 -18.03 5.02
CA PHE H 30 30.04 -17.78 6.14
C PHE H 30 31.33 -17.09 5.67
N PHE H 31 31.77 -17.35 4.45
CA PHE H 31 32.92 -16.62 3.91
C PHE H 31 32.59 -15.16 3.64
N LEU H 32 31.33 -14.86 3.32
CA LEU H 32 30.92 -13.46 3.24
C LEU H 32 30.99 -12.79 4.61
N LEU H 33 30.62 -13.50 5.66
CA LEU H 33 30.71 -12.95 7.00
C LEU H 33 32.16 -12.77 7.45
N LEU H 34 33.04 -13.71 7.10
CA LEU H 34 34.43 -13.59 7.49
C LEU H 34 35.17 -12.50 6.73
N ALA H 35 34.68 -12.10 5.57
CA ALA H 35 35.18 -10.88 4.94
C ALA H 35 34.86 -9.65 5.77
N PHE H 36 33.74 -9.64 6.50
CA PHE H 36 33.44 -8.59 7.45
C PHE H 36 34.09 -8.81 8.81
N VAL H 37 34.35 -10.06 9.19
CA VAL H 37 35.06 -10.33 10.44
C VAL H 37 36.54 -9.99 10.29
N TRP H 38 37.14 -10.30 9.14
CA TRP H 38 38.49 -9.85 8.84
C TRP H 38 38.57 -8.33 8.77
N GLN H 39 37.56 -7.71 8.15
CA GLN H 39 37.52 -6.25 8.09
C GLN H 39 37.34 -5.64 9.47
N ALA H 40 36.66 -6.37 10.36
CA ALA H 40 36.52 -5.92 11.75
C ALA H 40 37.88 -5.90 12.45
N SER H 41 38.69 -6.92 12.23
CA SER H 41 39.89 -7.17 13.02
C SER H 41 41.12 -6.48 12.44
N VAL H 42 40.98 -5.75 11.34
CA VAL H 42 42.03 -4.87 10.86
C VAL H 42 41.66 -3.40 11.04
N GLY H 43 40.51 -3.14 11.66
CA GLY H 43 40.09 -1.79 11.94
C GLY H 43 39.40 -1.06 10.81
N PHE H 44 38.96 -1.77 9.77
CA PHE H 44 38.35 -1.20 8.57
C PHE H 44 39.26 -0.14 7.94
N ARG H 45 40.53 -0.51 7.83
CA ARG H 45 41.54 0.36 7.27
C ARG H 45 41.55 0.35 5.74
N UNK I 1 30.32 9.33 10.41
CA UNK I 1 29.50 8.33 11.06
C UNK I 1 29.52 7.03 10.28
N UNK I 2 29.63 5.91 10.98
CA UNK I 2 29.79 4.60 10.37
C UNK I 2 28.44 4.17 9.81
N UNK I 3 28.29 4.27 8.49
CA UNK I 3 27.00 3.99 7.84
C UNK I 3 27.04 2.83 6.85
N UNK I 4 28.21 2.45 6.35
CA UNK I 4 28.28 1.33 5.40
C UNK I 4 27.99 0.02 6.09
N UNK I 5 28.50 -0.15 7.31
CA UNK I 5 28.18 -1.34 8.09
C UNK I 5 26.74 -1.31 8.57
N UNK I 6 26.25 -0.12 8.96
CA UNK I 6 24.87 0.00 9.43
C UNK I 6 23.88 -0.32 8.31
N UNK I 7 24.18 0.15 7.10
CA UNK I 7 23.35 -0.23 5.95
C UNK I 7 23.47 -1.73 5.67
N UNK I 8 24.67 -2.29 5.82
CA UNK I 8 24.86 -3.71 5.55
C UNK I 8 24.24 -4.58 6.63
N UNK I 9 24.35 -4.15 7.89
CA UNK I 9 23.75 -4.91 8.98
C UNK I 9 22.23 -4.89 8.90
N UNK I 10 21.66 -3.74 8.56
CA UNK I 10 20.21 -3.64 8.39
C UNK I 10 19.75 -4.46 7.19
N UNK I 11 20.58 -4.50 6.14
CA UNK I 11 20.29 -5.35 4.98
C UNK I 11 20.38 -6.82 5.36
N UNK I 12 21.32 -7.16 6.24
CA UNK I 12 21.46 -8.54 6.69
C UNK I 12 20.39 -8.87 7.72
N UNK I 13 19.88 -7.86 8.42
CA UNK I 13 18.80 -8.07 9.39
C UNK I 13 17.50 -8.43 8.70
N UNK I 14 17.26 -7.86 7.51
CA UNK I 14 16.02 -8.12 6.80
C UNK I 14 16.08 -9.44 6.03
N UNK I 15 17.29 -9.97 5.82
CA UNK I 15 17.44 -11.26 5.16
C UNK I 15 17.06 -12.39 6.10
N UNK I 16 17.59 -12.37 7.33
CA UNK I 16 17.29 -13.40 8.31
C UNK I 16 15.81 -13.37 8.69
N UNK I 17 15.24 -12.17 8.81
CA UNK I 17 13.82 -12.03 9.05
C UNK I 17 13.00 -12.62 7.91
N UNK I 18 13.43 -12.36 6.67
CA UNK I 18 12.78 -13.00 5.52
C UNK I 18 13.04 -14.50 5.49
N UNK I 19 14.07 -14.98 6.19
CA UNK I 19 14.30 -16.41 6.32
C UNK I 19 13.58 -17.02 7.51
N UNK I 20 13.70 -16.41 8.70
CA UNK I 20 13.11 -16.99 9.90
C UNK I 20 11.60 -16.85 9.95
N UNK I 21 11.00 -16.08 9.04
CA UNK I 21 9.55 -15.94 8.99
C UNK I 21 8.97 -16.61 7.75
N UNK I 22 9.57 -17.72 7.32
CA UNK I 22 9.06 -18.48 6.19
C UNK I 22 7.74 -19.17 6.55
N UNK I 23 7.00 -19.56 5.50
CA UNK I 23 5.66 -20.17 5.62
C UNK I 23 4.70 -19.29 6.41
#